data_2MIG
# 
_entry.id   2MIG 
# 
_audit_conform.dict_name       mmcif_pdbx.dic 
_audit_conform.dict_version    5.392 
_audit_conform.dict_location   http://mmcif.pdb.org/dictionaries/ascii/mmcif_pdbx.dic 
# 
loop_
_database_2.database_id 
_database_2.database_code 
_database_2.pdbx_database_accession 
_database_2.pdbx_DOI 
PDB   2MIG         pdb_00002mig 10.2210/pdb2mig/pdb 
RCSB  RCSB103652   ?            ?                   
BMRB  19678        ?            10.13018/BMR19678   
WWPDB D_1000103652 ?            ?                   
# 
loop_
_pdbx_audit_revision_history.ordinal 
_pdbx_audit_revision_history.data_content_type 
_pdbx_audit_revision_history.major_revision 
_pdbx_audit_revision_history.minor_revision 
_pdbx_audit_revision_history.revision_date 
1 'Structure model' 1 0 2014-12-24 
2 'Structure model' 1 1 2023-06-14 
3 'Structure model' 1 2 2024-05-15 
# 
_pdbx_audit_revision_details.ordinal             1 
_pdbx_audit_revision_details.revision_ordinal    1 
_pdbx_audit_revision_details.data_content_type   'Structure model' 
_pdbx_audit_revision_details.provider            repository 
_pdbx_audit_revision_details.type                'Initial release' 
_pdbx_audit_revision_details.description         ? 
_pdbx_audit_revision_details.details             ? 
# 
loop_
_pdbx_audit_revision_group.ordinal 
_pdbx_audit_revision_group.revision_ordinal 
_pdbx_audit_revision_group.data_content_type 
_pdbx_audit_revision_group.group 
1 2 'Structure model' 'Data collection'     
2 2 'Structure model' 'Database references' 
3 2 'Structure model' Other                 
4 3 'Structure model' 'Data collection'     
5 3 'Structure model' 'Database references' 
# 
loop_
_pdbx_audit_revision_category.ordinal 
_pdbx_audit_revision_category.revision_ordinal 
_pdbx_audit_revision_category.data_content_type 
_pdbx_audit_revision_category.category 
1 2 'Structure model' database_2            
2 2 'Structure model' pdbx_database_status  
3 2 'Structure model' pdbx_nmr_spectrometer 
4 3 'Structure model' chem_comp_atom        
5 3 'Structure model' chem_comp_bond        
6 3 'Structure model' database_2            
# 
loop_
_pdbx_audit_revision_item.ordinal 
_pdbx_audit_revision_item.revision_ordinal 
_pdbx_audit_revision_item.data_content_type 
_pdbx_audit_revision_item.item 
1 2 'Structure model' '_database_2.pdbx_DOI'                       
2 2 'Structure model' '_database_2.pdbx_database_accession'        
3 2 'Structure model' '_pdbx_database_status.status_code_nmr_data' 
4 2 'Structure model' '_pdbx_nmr_spectrometer.model'               
5 3 'Structure model' '_database_2.pdbx_DOI'                       
# 
_pdbx_database_status.deposit_site                    BMRB 
_pdbx_database_status.entry_id                        2MIG 
_pdbx_database_status.process_site                    RCSB 
_pdbx_database_status.recvd_initial_deposition_date   2013-12-13 
_pdbx_database_status.SG_entry                        ? 
_pdbx_database_status.status_code                     REL 
_pdbx_database_status.status_code_mr                  REL 
_pdbx_database_status.status_code_sf                  ? 
_pdbx_database_status.status_code_cs                  REL 
_pdbx_database_status.methods_development_category    ? 
_pdbx_database_status.pdb_format_compatible           Y 
_pdbx_database_status.status_code_nmr_data            REL 
# 
loop_
_pdbx_database_related.content_type 
_pdbx_database_related.db_id 
_pdbx_database_related.db_name 
_pdbx_database_related.details 
unspecified 19678 BMRB . 
unspecified 2MID  PDB  . 
unspecified 2MIE  PDB  . 
unspecified 2MIF  PDB  . 
unspecified 2MIH  PDB  . 
# 
loop_
_audit_author.name 
_audit_author.pdbx_ordinal 
'Bobay, B.G.'     1 
'DiGennaro, P.M.' 2 
'Bird, D.M.'      3 
# 
_citation.id                        primary 
_citation.title                     'Inferring function of CLE peptides from high resolution tertiary structures' 
_citation.journal_abbrev            'To be Published' 
_citation.journal_volume            ? 
_citation.page_first                ? 
_citation.page_last                 ? 
_citation.year                      ? 
_citation.journal_id_ASTM           ? 
_citation.country                   ? 
_citation.journal_id_ISSN           ? 
_citation.journal_id_CSD            0353 
_citation.book_publisher            ? 
_citation.pdbx_database_id_PubMed   ? 
_citation.pdbx_database_id_DOI      ? 
# 
loop_
_citation_author.citation_id 
_citation_author.name 
_citation_author.ordinal 
_citation_author.identifier_ORCID 
primary 'DiGennaro, P.G.' 1 ? 
primary 'Bobay, B.M.'     2 ? 
primary 'Bird, D.M.'      3 ? 
# 
_entity.id                         1 
_entity.type                       polymer 
_entity.src_method                 syn 
_entity.pdbx_description           'CLAVATA-like encoded peptide of Meloidogyne hapla - MhCLE5' 
_entity.formula_weight             1328.497 
_entity.pdbx_number_of_molecules   1 
_entity.pdbx_ec                    ? 
_entity.pdbx_mutation              ? 
_entity.pdbx_fragment              ? 
_entity.details                    ? 
# 
_entity_poly.entity_id                      1 
_entity_poly.type                           'polypeptide(L)' 
_entity_poly.nstd_linkage                   no 
_entity_poly.nstd_monomer                   no 
_entity_poly.pdbx_seq_one_letter_code       RKVPTGSNPQKN 
_entity_poly.pdbx_seq_one_letter_code_can   RKVPTGSNPQKN 
_entity_poly.pdbx_strand_id                 A 
_entity_poly.pdbx_target_identifier         ? 
# 
loop_
_entity_poly_seq.entity_id 
_entity_poly_seq.num 
_entity_poly_seq.mon_id 
_entity_poly_seq.hetero 
1 1  ARG n 
1 2  LYS n 
1 3  VAL n 
1 4  PRO n 
1 5  THR n 
1 6  GLY n 
1 7  SER n 
1 8  ASN n 
1 9  PRO n 
1 10 GLN n 
1 11 LYS n 
1 12 ASN n 
# 
_pdbx_entity_src_syn.entity_id              1 
_pdbx_entity_src_syn.pdbx_src_id            1 
_pdbx_entity_src_syn.pdbx_alt_source_flag   sample 
_pdbx_entity_src_syn.pdbx_beg_seq_num       ? 
_pdbx_entity_src_syn.pdbx_end_seq_num       ? 
_pdbx_entity_src_syn.organism_scientific    'Meloidogyne hapla' 
_pdbx_entity_src_syn.organism_common_name   ? 
_pdbx_entity_src_syn.ncbi_taxonomy_id       6305 
_pdbx_entity_src_syn.details                ? 
# 
loop_
_chem_comp.id 
_chem_comp.type 
_chem_comp.mon_nstd_flag 
_chem_comp.name 
_chem_comp.pdbx_synonyms 
_chem_comp.formula 
_chem_comp.formula_weight 
ARG 'L-peptide linking' y ARGININE   ? 'C6 H15 N4 O2 1' 175.209 
ASN 'L-peptide linking' y ASPARAGINE ? 'C4 H8 N2 O3'    132.118 
GLN 'L-peptide linking' y GLUTAMINE  ? 'C5 H10 N2 O3'   146.144 
GLY 'peptide linking'   y GLYCINE    ? 'C2 H5 N O2'     75.067  
LYS 'L-peptide linking' y LYSINE     ? 'C6 H15 N2 O2 1' 147.195 
PRO 'L-peptide linking' y PROLINE    ? 'C5 H9 N O2'     115.130 
SER 'L-peptide linking' y SERINE     ? 'C3 H7 N O3'     105.093 
THR 'L-peptide linking' y THREONINE  ? 'C4 H9 N O3'     119.119 
VAL 'L-peptide linking' y VALINE     ? 'C5 H11 N O2'    117.146 
# 
loop_
_pdbx_poly_seq_scheme.asym_id 
_pdbx_poly_seq_scheme.entity_id 
_pdbx_poly_seq_scheme.seq_id 
_pdbx_poly_seq_scheme.mon_id 
_pdbx_poly_seq_scheme.ndb_seq_num 
_pdbx_poly_seq_scheme.pdb_seq_num 
_pdbx_poly_seq_scheme.auth_seq_num 
_pdbx_poly_seq_scheme.pdb_mon_id 
_pdbx_poly_seq_scheme.auth_mon_id 
_pdbx_poly_seq_scheme.pdb_strand_id 
_pdbx_poly_seq_scheme.pdb_ins_code 
_pdbx_poly_seq_scheme.hetero 
A 1 1  ARG 1  1  1  ARG ARG A . n 
A 1 2  LYS 2  2  2  LYS LYS A . n 
A 1 3  VAL 3  3  3  VAL VAL A . n 
A 1 4  PRO 4  4  4  PRO PRO A . n 
A 1 5  THR 5  5  5  THR THR A . n 
A 1 6  GLY 6  6  6  GLY GLY A . n 
A 1 7  SER 7  7  7  SER SER A . n 
A 1 8  ASN 8  8  8  ASN ASN A . n 
A 1 9  PRO 9  9  9  PRO PRO A . n 
A 1 10 GLN 10 10 10 GLN GLN A . n 
A 1 11 LYS 11 11 11 LYS LYS A . n 
A 1 12 ASN 12 12 12 ASN ASN A . n 
# 
_exptl.absorpt_coefficient_mu     ? 
_exptl.absorpt_correction_T_max   ? 
_exptl.absorpt_correction_T_min   ? 
_exptl.absorpt_correction_type    ? 
_exptl.absorpt_process_details    ? 
_exptl.crystals_number            ? 
_exptl.details                    ? 
_exptl.entry_id                   2MIG 
_exptl.method                     'SOLUTION NMR' 
_exptl.method_details             ? 
# 
_struct.entry_id                  2MIG 
_struct.title                     'Solution structure of the CLAVATA-like encoded peptide of Meloidogyne hapla - MhCLE5' 
_struct.pdbx_model_details        ? 
_struct.pdbx_CASP_flag            ? 
_struct.pdbx_model_type_details   ? 
# 
_struct_keywords.entry_id        2MIG 
_struct_keywords.pdbx_keywords   'UNKNOWN FUNCTION' 
_struct_keywords.text            'CLE, CLAVATA, UNKNOWN FUNCTION' 
# 
_struct_asym.id                            A 
_struct_asym.pdbx_blank_PDB_chainid_flag   N 
_struct_asym.pdbx_modified                 N 
_struct_asym.entity_id                     1 
_struct_asym.details                       ? 
# 
_struct_ref.id                         1 
_struct_ref.db_name                    PDB 
_struct_ref.db_code                    2MIG 
_struct_ref.pdbx_db_accession          2MIG 
_struct_ref.entity_id                  1 
_struct_ref.pdbx_align_begin           ? 
_struct_ref.pdbx_seq_one_letter_code   ? 
_struct_ref.pdbx_db_isoform            ? 
# 
_struct_ref_seq.align_id                      1 
_struct_ref_seq.ref_id                        1 
_struct_ref_seq.pdbx_PDB_id_code              2MIG 
_struct_ref_seq.pdbx_strand_id                A 
_struct_ref_seq.seq_align_beg                 1 
_struct_ref_seq.pdbx_seq_align_beg_ins_code   ? 
_struct_ref_seq.seq_align_end                 12 
_struct_ref_seq.pdbx_seq_align_end_ins_code   ? 
_struct_ref_seq.pdbx_db_accession             2MIG 
_struct_ref_seq.db_align_beg                  1 
_struct_ref_seq.pdbx_db_align_beg_ins_code    ? 
_struct_ref_seq.db_align_end                  12 
_struct_ref_seq.pdbx_db_align_end_ins_code    ? 
_struct_ref_seq.pdbx_auth_seq_align_beg       1 
_struct_ref_seq.pdbx_auth_seq_align_end       12 
# 
_pdbx_struct_assembly.id                   1 
_pdbx_struct_assembly.details              author_defined_assembly 
_pdbx_struct_assembly.method_details       ? 
_pdbx_struct_assembly.oligomeric_details   monomeric 
_pdbx_struct_assembly.oligomeric_count     1 
# 
_pdbx_struct_assembly_gen.assembly_id       1 
_pdbx_struct_assembly_gen.oper_expression   1 
_pdbx_struct_assembly_gen.asym_id_list      A 
# 
_pdbx_struct_oper_list.id                   1 
_pdbx_struct_oper_list.type                 'identity operation' 
_pdbx_struct_oper_list.name                 1_555 
_pdbx_struct_oper_list.symmetry_operation   x,y,z 
_pdbx_struct_oper_list.matrix[1][1]         1.0000000000 
_pdbx_struct_oper_list.matrix[1][2]         0.0000000000 
_pdbx_struct_oper_list.matrix[1][3]         0.0000000000 
_pdbx_struct_oper_list.vector[1]            0.0000000000 
_pdbx_struct_oper_list.matrix[2][1]         0.0000000000 
_pdbx_struct_oper_list.matrix[2][2]         1.0000000000 
_pdbx_struct_oper_list.matrix[2][3]         0.0000000000 
_pdbx_struct_oper_list.vector[2]            0.0000000000 
_pdbx_struct_oper_list.matrix[3][1]         0.0000000000 
_pdbx_struct_oper_list.matrix[3][2]         0.0000000000 
_pdbx_struct_oper_list.matrix[3][3]         1.0000000000 
_pdbx_struct_oper_list.vector[3]            0.0000000000 
# 
_struct_biol.id        1 
_struct_biol.details   ? 
# 
loop_
_pdbx_validate_torsion.id 
_pdbx_validate_torsion.PDB_model_num 
_pdbx_validate_torsion.auth_comp_id 
_pdbx_validate_torsion.auth_asym_id 
_pdbx_validate_torsion.auth_seq_id 
_pdbx_validate_torsion.PDB_ins_code 
_pdbx_validate_torsion.label_alt_id 
_pdbx_validate_torsion.phi 
_pdbx_validate_torsion.psi 
1  1  PRO A 4  ? ? -73.23  -155.38 
2  1  SER A 7  ? ? 54.05   15.17   
3  1  ASN A 8  ? ? 179.10  118.80  
4  1  LYS A 11 ? ? -177.15 35.92   
5  2  ASN A 8  ? ? 71.61   152.60  
6  2  PRO A 9  ? ? -98.21  39.30   
7  2  LYS A 11 ? ? 59.95   19.00   
8  3  LYS A 11 ? ? 174.26  -33.07  
9  4  SER A 7  ? ? -149.05 32.43   
10 4  ASN A 8  ? ? 54.74   75.67   
11 4  PRO A 9  ? ? -91.44  35.68   
12 4  LYS A 11 ? ? 74.10   -52.71  
13 5  LYS A 2  ? ? 66.70   93.41   
14 5  VAL A 3  ? ? 70.34   99.48   
15 5  THR A 5  ? ? -169.99 106.22  
16 5  LYS A 11 ? ? 155.61  -29.72  
17 6  LYS A 2  ? ? -111.42 65.41   
18 6  PRO A 4  ? ? -87.43  -150.35 
19 6  ASN A 8  ? ? 52.53   70.81   
20 6  PRO A 9  ? ? -74.85  46.20   
21 6  LYS A 11 ? ? -62.53  99.12   
22 7  VAL A 3  ? ? 67.90   81.12   
23 7  ASN A 8  ? ? 69.97   129.14  
24 7  LYS A 11 ? ? -158.59 33.56   
25 8  LYS A 2  ? ? -56.67  -74.70  
26 8  PRO A 9  ? ? -69.83  60.14   
27 8  LYS A 11 ? ? -44.97  107.55  
28 9  VAL A 3  ? ? 61.75   83.29   
29 9  ASN A 8  ? ? -160.69 61.73   
30 9  LYS A 11 ? ? 170.23  31.51   
31 10 VAL A 3  ? ? 38.21   73.28   
32 10 ASN A 8  ? ? 61.43   71.05   
33 10 LYS A 11 ? ? 110.26  -21.43  
# 
_pdbx_nmr_ensemble.average_constraint_violations_per_residue     ? 
_pdbx_nmr_ensemble.average_constraints_per_residue               ? 
_pdbx_nmr_ensemble.average_distance_constraint_violation         ? 
_pdbx_nmr_ensemble.average_torsion_angle_constraint_violation    ? 
_pdbx_nmr_ensemble.conformer_selection_criteria                  'structures with the lowest energy' 
_pdbx_nmr_ensemble.conformers_calculated_total_number            20 
_pdbx_nmr_ensemble.conformers_submitted_total_number             10 
_pdbx_nmr_ensemble.distance_constraint_violation_method          ? 
_pdbx_nmr_ensemble.entry_id                                      2MIG 
_pdbx_nmr_ensemble.maximum_distance_constraint_violation         ? 
_pdbx_nmr_ensemble.maximum_lower_distance_constraint_violation   ? 
_pdbx_nmr_ensemble.maximum_torsion_angle_constraint_violation    ? 
_pdbx_nmr_ensemble.maximum_upper_distance_constraint_violation   ? 
_pdbx_nmr_ensemble.torsion_angle_constraint_violation_method     ? 
# 
_pdbx_nmr_representative.conformer_id         1 
_pdbx_nmr_representative.entry_id             2MIG 
_pdbx_nmr_representative.selection_criteria   'lowest energy' 
# 
_pdbx_nmr_sample_details.contents         
;4 mg/mL peptide, 137 mM sodium chloride, 2.7 mM potassium chloride, 10 mM sodium phosphate, 1.8 mM potassium phosphate, 90% H2O/10% D2O
;
_pdbx_nmr_sample_details.solution_id      1 
_pdbx_nmr_sample_details.solvent_system   '90% H2O/10% D2O' 
# 
loop_
_pdbx_nmr_exptl_sample.component 
_pdbx_nmr_exptl_sample.concentration 
_pdbx_nmr_exptl_sample.concentration_range 
_pdbx_nmr_exptl_sample.concentration_units 
_pdbx_nmr_exptl_sample.isotopic_labeling 
_pdbx_nmr_exptl_sample.solution_id 
entity-1                4   ? mg/mL ? 1 
'sodium chloride-2'     137 ? mM    ? 1 
'potassium chloride-3'  2.7 ? mM    ? 1 
'sodium phosphate-4'    10  ? mM    ? 1 
'potassium phosphate-5' 1.8 ? mM    ? 1 
# 
_pdbx_nmr_exptl_sample_conditions.conditions_id       1 
_pdbx_nmr_exptl_sample_conditions.ionic_strength      140 
_pdbx_nmr_exptl_sample_conditions.pH                  7.0 
_pdbx_nmr_exptl_sample_conditions.pressure            ambient 
_pdbx_nmr_exptl_sample_conditions.pressure_units      ? 
_pdbx_nmr_exptl_sample_conditions.temperature         298 
_pdbx_nmr_exptl_sample_conditions.temperature_units   K 
# 
loop_
_pdbx_nmr_exptl.conditions_id 
_pdbx_nmr_exptl.experiment_id 
_pdbx_nmr_exptl.solution_id 
_pdbx_nmr_exptl.type 
1 1 1 '2D 1H-15N HSQC' 
1 2 1 '2D 1H-13C HSQC' 
1 3 1 '2D 1H-1H TOCSY' 
1 4 1 '2D 1H-1H NOESY' 
# 
_pdbx_nmr_refine.entry_id           2MIG 
_pdbx_nmr_refine.method             'simulated annealing' 
_pdbx_nmr_refine.details            ? 
_pdbx_nmr_refine.software_ordinal   1 
# 
loop_
_pdbx_nmr_software.authors 
_pdbx_nmr_software.classification 
_pdbx_nmr_software.name 
_pdbx_nmr_software.version 
_pdbx_nmr_software.ordinal 
;Linge, O'Donoghue and Nilges
;
refinement                  ARIA    ? 1 
;Linge, O'Donoghue and Nilges
;
'structure solution'        ARIA    ? 2 
'Delaglio, Grzesiek, Vuister, Zhu, Pfeifer and Bax' processing                  NMRPipe ? 3 
'Johnson, One Moon Scientific'                      'chemical shift assignment' NMRView ? 4 
'Johnson, One Moon Scientific'                      'data analysis'             NMRView ? 5 
'Johnson, One Moon Scientific'                      'peak picking'              NMRView ? 6 
# 
loop_
_chem_comp_atom.comp_id 
_chem_comp_atom.atom_id 
_chem_comp_atom.type_symbol 
_chem_comp_atom.pdbx_aromatic_flag 
_chem_comp_atom.pdbx_stereo_config 
_chem_comp_atom.pdbx_ordinal 
ARG N    N N N 1   
ARG CA   C N S 2   
ARG C    C N N 3   
ARG O    O N N 4   
ARG CB   C N N 5   
ARG CG   C N N 6   
ARG CD   C N N 7   
ARG NE   N N N 8   
ARG CZ   C N N 9   
ARG NH1  N N N 10  
ARG NH2  N N N 11  
ARG OXT  O N N 12  
ARG H    H N N 13  
ARG H2   H N N 14  
ARG HA   H N N 15  
ARG HB2  H N N 16  
ARG HB3  H N N 17  
ARG HG2  H N N 18  
ARG HG3  H N N 19  
ARG HD2  H N N 20  
ARG HD3  H N N 21  
ARG HE   H N N 22  
ARG HH11 H N N 23  
ARG HH12 H N N 24  
ARG HH21 H N N 25  
ARG HH22 H N N 26  
ARG HXT  H N N 27  
ASN N    N N N 28  
ASN CA   C N S 29  
ASN C    C N N 30  
ASN O    O N N 31  
ASN CB   C N N 32  
ASN CG   C N N 33  
ASN OD1  O N N 34  
ASN ND2  N N N 35  
ASN OXT  O N N 36  
ASN H    H N N 37  
ASN H2   H N N 38  
ASN HA   H N N 39  
ASN HB2  H N N 40  
ASN HB3  H N N 41  
ASN HD21 H N N 42  
ASN HD22 H N N 43  
ASN HXT  H N N 44  
GLN N    N N N 45  
GLN CA   C N S 46  
GLN C    C N N 47  
GLN O    O N N 48  
GLN CB   C N N 49  
GLN CG   C N N 50  
GLN CD   C N N 51  
GLN OE1  O N N 52  
GLN NE2  N N N 53  
GLN OXT  O N N 54  
GLN H    H N N 55  
GLN H2   H N N 56  
GLN HA   H N N 57  
GLN HB2  H N N 58  
GLN HB3  H N N 59  
GLN HG2  H N N 60  
GLN HG3  H N N 61  
GLN HE21 H N N 62  
GLN HE22 H N N 63  
GLN HXT  H N N 64  
GLY N    N N N 65  
GLY CA   C N N 66  
GLY C    C N N 67  
GLY O    O N N 68  
GLY OXT  O N N 69  
GLY H    H N N 70  
GLY H2   H N N 71  
GLY HA2  H N N 72  
GLY HA3  H N N 73  
GLY HXT  H N N 74  
LYS N    N N N 75  
LYS CA   C N S 76  
LYS C    C N N 77  
LYS O    O N N 78  
LYS CB   C N N 79  
LYS CG   C N N 80  
LYS CD   C N N 81  
LYS CE   C N N 82  
LYS NZ   N N N 83  
LYS OXT  O N N 84  
LYS H    H N N 85  
LYS H2   H N N 86  
LYS HA   H N N 87  
LYS HB2  H N N 88  
LYS HB3  H N N 89  
LYS HG2  H N N 90  
LYS HG3  H N N 91  
LYS HD2  H N N 92  
LYS HD3  H N N 93  
LYS HE2  H N N 94  
LYS HE3  H N N 95  
LYS HZ1  H N N 96  
LYS HZ2  H N N 97  
LYS HZ3  H N N 98  
LYS HXT  H N N 99  
PRO N    N N N 100 
PRO CA   C N S 101 
PRO C    C N N 102 
PRO O    O N N 103 
PRO CB   C N N 104 
PRO CG   C N N 105 
PRO CD   C N N 106 
PRO OXT  O N N 107 
PRO H    H N N 108 
PRO HA   H N N 109 
PRO HB2  H N N 110 
PRO HB3  H N N 111 
PRO HG2  H N N 112 
PRO HG3  H N N 113 
PRO HD2  H N N 114 
PRO HD3  H N N 115 
PRO HXT  H N N 116 
SER N    N N N 117 
SER CA   C N S 118 
SER C    C N N 119 
SER O    O N N 120 
SER CB   C N N 121 
SER OG   O N N 122 
SER OXT  O N N 123 
SER H    H N N 124 
SER H2   H N N 125 
SER HA   H N N 126 
SER HB2  H N N 127 
SER HB3  H N N 128 
SER HG   H N N 129 
SER HXT  H N N 130 
THR N    N N N 131 
THR CA   C N S 132 
THR C    C N N 133 
THR O    O N N 134 
THR CB   C N R 135 
THR OG1  O N N 136 
THR CG2  C N N 137 
THR OXT  O N N 138 
THR H    H N N 139 
THR H2   H N N 140 
THR HA   H N N 141 
THR HB   H N N 142 
THR HG1  H N N 143 
THR HG21 H N N 144 
THR HG22 H N N 145 
THR HG23 H N N 146 
THR HXT  H N N 147 
VAL N    N N N 148 
VAL CA   C N S 149 
VAL C    C N N 150 
VAL O    O N N 151 
VAL CB   C N N 152 
VAL CG1  C N N 153 
VAL CG2  C N N 154 
VAL OXT  O N N 155 
VAL H    H N N 156 
VAL H2   H N N 157 
VAL HA   H N N 158 
VAL HB   H N N 159 
VAL HG11 H N N 160 
VAL HG12 H N N 161 
VAL HG13 H N N 162 
VAL HG21 H N N 163 
VAL HG22 H N N 164 
VAL HG23 H N N 165 
VAL HXT  H N N 166 
# 
loop_
_chem_comp_bond.comp_id 
_chem_comp_bond.atom_id_1 
_chem_comp_bond.atom_id_2 
_chem_comp_bond.value_order 
_chem_comp_bond.pdbx_aromatic_flag 
_chem_comp_bond.pdbx_stereo_config 
_chem_comp_bond.pdbx_ordinal 
ARG N   CA   sing N N 1   
ARG N   H    sing N N 2   
ARG N   H2   sing N N 3   
ARG CA  C    sing N N 4   
ARG CA  CB   sing N N 5   
ARG CA  HA   sing N N 6   
ARG C   O    doub N N 7   
ARG C   OXT  sing N N 8   
ARG CB  CG   sing N N 9   
ARG CB  HB2  sing N N 10  
ARG CB  HB3  sing N N 11  
ARG CG  CD   sing N N 12  
ARG CG  HG2  sing N N 13  
ARG CG  HG3  sing N N 14  
ARG CD  NE   sing N N 15  
ARG CD  HD2  sing N N 16  
ARG CD  HD3  sing N N 17  
ARG NE  CZ   sing N N 18  
ARG NE  HE   sing N N 19  
ARG CZ  NH1  sing N N 20  
ARG CZ  NH2  doub N N 21  
ARG NH1 HH11 sing N N 22  
ARG NH1 HH12 sing N N 23  
ARG NH2 HH21 sing N N 24  
ARG NH2 HH22 sing N N 25  
ARG OXT HXT  sing N N 26  
ASN N   CA   sing N N 27  
ASN N   H    sing N N 28  
ASN N   H2   sing N N 29  
ASN CA  C    sing N N 30  
ASN CA  CB   sing N N 31  
ASN CA  HA   sing N N 32  
ASN C   O    doub N N 33  
ASN C   OXT  sing N N 34  
ASN CB  CG   sing N N 35  
ASN CB  HB2  sing N N 36  
ASN CB  HB3  sing N N 37  
ASN CG  OD1  doub N N 38  
ASN CG  ND2  sing N N 39  
ASN ND2 HD21 sing N N 40  
ASN ND2 HD22 sing N N 41  
ASN OXT HXT  sing N N 42  
GLN N   CA   sing N N 43  
GLN N   H    sing N N 44  
GLN N   H2   sing N N 45  
GLN CA  C    sing N N 46  
GLN CA  CB   sing N N 47  
GLN CA  HA   sing N N 48  
GLN C   O    doub N N 49  
GLN C   OXT  sing N N 50  
GLN CB  CG   sing N N 51  
GLN CB  HB2  sing N N 52  
GLN CB  HB3  sing N N 53  
GLN CG  CD   sing N N 54  
GLN CG  HG2  sing N N 55  
GLN CG  HG3  sing N N 56  
GLN CD  OE1  doub N N 57  
GLN CD  NE2  sing N N 58  
GLN NE2 HE21 sing N N 59  
GLN NE2 HE22 sing N N 60  
GLN OXT HXT  sing N N 61  
GLY N   CA   sing N N 62  
GLY N   H    sing N N 63  
GLY N   H2   sing N N 64  
GLY CA  C    sing N N 65  
GLY CA  HA2  sing N N 66  
GLY CA  HA3  sing N N 67  
GLY C   O    doub N N 68  
GLY C   OXT  sing N N 69  
GLY OXT HXT  sing N N 70  
LYS N   CA   sing N N 71  
LYS N   H    sing N N 72  
LYS N   H2   sing N N 73  
LYS CA  C    sing N N 74  
LYS CA  CB   sing N N 75  
LYS CA  HA   sing N N 76  
LYS C   O    doub N N 77  
LYS C   OXT  sing N N 78  
LYS CB  CG   sing N N 79  
LYS CB  HB2  sing N N 80  
LYS CB  HB3  sing N N 81  
LYS CG  CD   sing N N 82  
LYS CG  HG2  sing N N 83  
LYS CG  HG3  sing N N 84  
LYS CD  CE   sing N N 85  
LYS CD  HD2  sing N N 86  
LYS CD  HD3  sing N N 87  
LYS CE  NZ   sing N N 88  
LYS CE  HE2  sing N N 89  
LYS CE  HE3  sing N N 90  
LYS NZ  HZ1  sing N N 91  
LYS NZ  HZ2  sing N N 92  
LYS NZ  HZ3  sing N N 93  
LYS OXT HXT  sing N N 94  
PRO N   CA   sing N N 95  
PRO N   CD   sing N N 96  
PRO N   H    sing N N 97  
PRO CA  C    sing N N 98  
PRO CA  CB   sing N N 99  
PRO CA  HA   sing N N 100 
PRO C   O    doub N N 101 
PRO C   OXT  sing N N 102 
PRO CB  CG   sing N N 103 
PRO CB  HB2  sing N N 104 
PRO CB  HB3  sing N N 105 
PRO CG  CD   sing N N 106 
PRO CG  HG2  sing N N 107 
PRO CG  HG3  sing N N 108 
PRO CD  HD2  sing N N 109 
PRO CD  HD3  sing N N 110 
PRO OXT HXT  sing N N 111 
SER N   CA   sing N N 112 
SER N   H    sing N N 113 
SER N   H2   sing N N 114 
SER CA  C    sing N N 115 
SER CA  CB   sing N N 116 
SER CA  HA   sing N N 117 
SER C   O    doub N N 118 
SER C   OXT  sing N N 119 
SER CB  OG   sing N N 120 
SER CB  HB2  sing N N 121 
SER CB  HB3  sing N N 122 
SER OG  HG   sing N N 123 
SER OXT HXT  sing N N 124 
THR N   CA   sing N N 125 
THR N   H    sing N N 126 
THR N   H2   sing N N 127 
THR CA  C    sing N N 128 
THR CA  CB   sing N N 129 
THR CA  HA   sing N N 130 
THR C   O    doub N N 131 
THR C   OXT  sing N N 132 
THR CB  OG1  sing N N 133 
THR CB  CG2  sing N N 134 
THR CB  HB   sing N N 135 
THR OG1 HG1  sing N N 136 
THR CG2 HG21 sing N N 137 
THR CG2 HG22 sing N N 138 
THR CG2 HG23 sing N N 139 
THR OXT HXT  sing N N 140 
VAL N   CA   sing N N 141 
VAL N   H    sing N N 142 
VAL N   H2   sing N N 143 
VAL CA  C    sing N N 144 
VAL CA  CB   sing N N 145 
VAL CA  HA   sing N N 146 
VAL C   O    doub N N 147 
VAL C   OXT  sing N N 148 
VAL CB  CG1  sing N N 149 
VAL CB  CG2  sing N N 150 
VAL CB  HB   sing N N 151 
VAL CG1 HG11 sing N N 152 
VAL CG1 HG12 sing N N 153 
VAL CG1 HG13 sing N N 154 
VAL CG2 HG21 sing N N 155 
VAL CG2 HG22 sing N N 156 
VAL CG2 HG23 sing N N 157 
VAL OXT HXT  sing N N 158 
# 
_pdbx_nmr_spectrometer.field_strength    700 
_pdbx_nmr_spectrometer.manufacturer      Bruker 
_pdbx_nmr_spectrometer.model             AVANCE 
_pdbx_nmr_spectrometer.spectrometer_id   1 
_pdbx_nmr_spectrometer.type              'Bruker Avance' 
# 
_atom_sites.entry_id                    2MIG 
_atom_sites.fract_transf_matrix[1][1]   1.000000 
_atom_sites.fract_transf_matrix[1][2]   0.000000 
_atom_sites.fract_transf_matrix[1][3]   0.000000 
_atom_sites.fract_transf_matrix[2][1]   0.000000 
_atom_sites.fract_transf_matrix[2][2]   1.000000 
_atom_sites.fract_transf_matrix[2][3]   0.000000 
_atom_sites.fract_transf_matrix[3][1]   0.000000 
_atom_sites.fract_transf_matrix[3][2]   0.000000 
_atom_sites.fract_transf_matrix[3][3]   1.000000 
_atom_sites.fract_transf_vector[1]      0.00000 
_atom_sites.fract_transf_vector[2]      0.00000 
_atom_sites.fract_transf_vector[3]      0.00000 
# 
loop_
_atom_type.symbol 
C 
H 
N 
O 
# 
loop_
_atom_site.group_PDB 
_atom_site.id 
_atom_site.type_symbol 
_atom_site.label_atom_id 
_atom_site.label_alt_id 
_atom_site.label_comp_id 
_atom_site.label_asym_id 
_atom_site.label_entity_id 
_atom_site.label_seq_id 
_atom_site.pdbx_PDB_ins_code 
_atom_site.Cartn_x 
_atom_site.Cartn_y 
_atom_site.Cartn_z 
_atom_site.occupancy 
_atom_site.B_iso_or_equiv 
_atom_site.pdbx_formal_charge 
_atom_site.auth_seq_id 
_atom_site.auth_comp_id 
_atom_site.auth_asym_id 
_atom_site.auth_atom_id 
_atom_site.pdbx_PDB_model_num 
ATOM 1    N N    . ARG A 1 1  ? 6.479  5.652   3.793   1.00 3.89 ? 1  ARG A N    1  
ATOM 2    C CA   . ARG A 1 1  ? 5.206  4.918   3.940   1.00 3.38 ? 1  ARG A CA   1  
ATOM 3    C C    . ARG A 1 1  ? 4.157  5.496   3.004   1.00 2.30 ? 1  ARG A C    1  
ATOM 4    O O    . ARG A 1 1  ? 3.904  6.699   3.005   1.00 2.51 ? 1  ARG A O    1  
ATOM 5    C CB   . ARG A 1 1  ? 4.719  4.987   5.393   1.00 4.31 ? 1  ARG A CB   1  
ATOM 6    C CG   . ARG A 1 1  ? 3.365  4.327   5.631   1.00 5.04 ? 1  ARG A CG   1  
ATOM 7    C CD   . ARG A 1 1  ? 3.351  2.867   5.205   1.00 5.93 ? 1  ARG A CD   1  
ATOM 8    N NE   . ARG A 1 1  ? 4.373  2.081   5.890   1.00 6.73 ? 1  ARG A NE   1  
ATOM 9    C CZ   . ARG A 1 1  ? 4.329  0.757   6.028   1.00 7.76 ? 1  ARG A CZ   1  
ATOM 10   N NH1  . ARG A 1 1  ? 3.276  0.071   5.592   1.00 8.16 ? 1  ARG A NH1  1  
ATOM 11   N NH2  . ARG A 1 1  ? 5.328  0.118   6.623   1.00 8.60 ? 1  ARG A NH2  1  
ATOM 12   H H1   . ARG A 1 1  ? 6.336  6.659   4.007   1.00 4.26 ? 1  ARG A H1   1  
ATOM 13   H H2   . ARG A 1 1  ? 6.832  5.563   2.819   1.00 3.94 ? 1  ARG A H2   1  
ATOM 14   H H3   . ARG A 1 1  ? 7.193  5.269   4.443   1.00 4.27 ? 1  ARG A H3   1  
ATOM 15   H HA   . ARG A 1 1  ? 5.380  3.887   3.673   1.00 3.64 ? 1  ARG A HA   1  
ATOM 16   H HB2  . ARG A 1 1  ? 5.445  4.501   6.025   1.00 4.74 ? 1  ARG A HB2  1  
ATOM 17   H HB3  . ARG A 1 1  ? 4.643  6.024   5.682   1.00 4.54 ? 1  ARG A HB3  1  
ATOM 18   H HG2  . ARG A 1 1  ? 3.130  4.383   6.682   1.00 5.33 ? 1  ARG A HG2  1  
ATOM 19   H HG3  . ARG A 1 1  ? 2.613  4.862   5.067   1.00 5.05 ? 1  ARG A HG3  1  
ATOM 20   H HD2  . ARG A 1 1  ? 2.381  2.449   5.430   1.00 6.03 ? 1  ARG A HD2  1  
ATOM 21   H HD3  . ARG A 1 1  ? 3.526  2.816   4.141   1.00 6.20 ? 1  ARG A HD3  1  
ATOM 22   H HE   . ARG A 1 1  ? 5.147  2.568   6.257   1.00 6.65 ? 1  ARG A HE   1  
ATOM 23   H HH11 . ARG A 1 1  ? 2.509  0.546   5.159   1.00 7.74 ? 1  ARG A HH11 1  
ATOM 24   H HH12 . ARG A 1 1  ? 3.248  -0.927  5.694   1.00 9.02 ? 1  ARG A HH12 1  
ATOM 25   H HH21 . ARG A 1 1  ? 6.120  0.631   6.970   1.00 8.53 ? 1  ARG A HH21 1  
ATOM 26   H HH22 . ARG A 1 1  ? 5.298  -0.878  6.727   1.00 9.42 ? 1  ARG A HH22 1  
ATOM 27   N N    . LYS A 1 2  ? 3.564  4.637   2.191   1.00 1.85 ? 2  LYS A N    1  
ATOM 28   C CA   . LYS A 1 2  ? 2.527  5.046   1.258   1.00 1.47 ? 2  LYS A CA   1  
ATOM 29   C C    . LYS A 1 2  ? 1.533  3.912   1.064   1.00 1.21 ? 2  LYS A C    1  
ATOM 30   O O    . LYS A 1 2  ? 1.924  2.804   0.712   1.00 1.99 ? 2  LYS A O    1  
ATOM 31   C CB   . LYS A 1 2  ? 3.155  5.435   -0.086  1.00 2.41 ? 2  LYS A CB   1  
ATOM 32   C CG   . LYS A 1 2  ? 2.142  5.743   -1.179  1.00 3.34 ? 2  LYS A CG   1  
ATOM 33   C CD   . LYS A 1 2  ? 2.827  6.033   -2.508  1.00 4.07 ? 2  LYS A CD   1  
ATOM 34   C CE   . LYS A 1 2  ? 3.620  7.326   -2.472  1.00 4.97 ? 2  LYS A CE   1  
ATOM 35   N NZ   . LYS A 1 2  ? 2.737  8.520   -2.409  1.00 5.50 ? 2  LYS A NZ   1  
ATOM 36   H H    . LYS A 1 2  ? 3.838  3.691   2.212   1.00 2.45 ? 2  LYS A H    1  
ATOM 37   H HA   . LYS A 1 2  ? 2.015  5.900   1.675   1.00 1.77 ? 2  LYS A HA   1  
ATOM 38   H HB2  . LYS A 1 2  ? 3.769  6.310   0.061   1.00 2.69 ? 2  LYS A HB2  1  
ATOM 39   H HB3  . LYS A 1 2  ? 3.779  4.621   -0.424  1.00 2.89 ? 2  LYS A HB3  1  
ATOM 40   H HG2  . LYS A 1 2  ? 1.487  4.894   -1.300  1.00 3.74 ? 2  LYS A HG2  1  
ATOM 41   H HG3  . LYS A 1 2  ? 1.564  6.607   -0.886  1.00 3.54 ? 2  LYS A HG3  1  
ATOM 42   H HD2  . LYS A 1 2  ? 3.501  5.225   -2.739  1.00 4.12 ? 2  LYS A HD2  1  
ATOM 43   H HD3  . LYS A 1 2  ? 2.074  6.106   -3.280  1.00 4.36 ? 2  LYS A HD3  1  
ATOM 44   H HE2  . LYS A 1 2  ? 4.262  7.317   -1.604  1.00 5.25 ? 2  LYS A HE2  1  
ATOM 45   H HE3  . LYS A 1 2  ? 4.225  7.379   -3.363  1.00 5.34 ? 2  LYS A HE3  1  
ATOM 46   H HZ1  . LYS A 1 2  ? 2.152  8.574   -3.267  1.00 5.93 ? 2  LYS A HZ1  1  
ATOM 47   H HZ2  . LYS A 1 2  ? 3.306  9.386   -2.335  1.00 5.84 ? 2  LYS A HZ2  1  
ATOM 48   H HZ3  . LYS A 1 2  ? 2.110  8.462   -1.581  1.00 5.49 ? 2  LYS A HZ3  1  
ATOM 49   N N    . VAL A 1 3  ? 0.261  4.182   1.315   1.00 1.00 ? 3  VAL A N    1  
ATOM 50   C CA   . VAL A 1 3  ? -0.784 3.187   1.113   1.00 0.81 ? 3  VAL A CA   1  
ATOM 51   C C    . VAL A 1 3  ? -1.482 3.413   -0.232  1.00 0.68 ? 3  VAL A C    1  
ATOM 52   O O    . VAL A 1 3  ? -2.343 4.286   -0.361  1.00 0.89 ? 3  VAL A O    1  
ATOM 53   C CB   . VAL A 1 3  ? -1.819 3.200   2.264   1.00 1.19 ? 3  VAL A CB   1  
ATOM 54   C CG1  . VAL A 1 3  ? -1.218 2.591   3.519   1.00 1.82 ? 3  VAL A CG1  1  
ATOM 55   C CG2  . VAL A 1 3  ? -2.312 4.611   2.554   1.00 2.01 ? 3  VAL A CG2  1  
ATOM 56   H H    . VAL A 1 3  ? 0.013  5.077   1.633   1.00 1.64 ? 3  VAL A H    1  
ATOM 57   H HA   . VAL A 1 3  ? -0.311 2.212   1.105   1.00 0.76 ? 3  VAL A HA   1  
ATOM 58   H HB   . VAL A 1 3  ? -2.667 2.597   1.967   1.00 1.55 ? 3  VAL A HB   1  
ATOM 59   H HG11 . VAL A 1 3  ? -0.355 3.166   3.821   1.00 2.34 ? 3  VAL A HG11 1  
ATOM 60   H HG12 . VAL A 1 3  ? -0.921 1.573   3.320   1.00 2.13 ? 3  VAL A HG12 1  
ATOM 61   H HG13 . VAL A 1 3  ? -1.953 2.602   4.311   1.00 2.32 ? 3  VAL A HG13 1  
ATOM 62   H HG21 . VAL A 1 3  ? -3.059 4.579   3.331   1.00 2.50 ? 3  VAL A HG21 1  
ATOM 63   H HG22 . VAL A 1 3  ? -2.742 5.033   1.657   1.00 2.45 ? 3  VAL A HG22 1  
ATOM 64   H HG23 . VAL A 1 3  ? -1.483 5.222   2.878   1.00 2.50 ? 3  VAL A HG23 1  
ATOM 65   N N    . PRO A 1 4  ? -1.098 2.646   -1.266  1.00 0.61 ? 4  PRO A N    1  
ATOM 66   C CA   . PRO A 1 4  ? -1.651 2.788   -2.619  1.00 0.79 ? 4  PRO A CA   1  
ATOM 67   C C    . PRO A 1 4  ? -3.081 2.253   -2.726  1.00 0.95 ? 4  PRO A C    1  
ATOM 68   O O    . PRO A 1 4  ? -3.796 2.177   -1.725  1.00 1.76 ? 4  PRO A O    1  
ATOM 69   C CB   . PRO A 1 4  ? -0.695 1.957   -3.491  1.00 0.96 ? 4  PRO A CB   1  
ATOM 70   C CG   . PRO A 1 4  ? 0.460  1.619   -2.609  1.00 0.77 ? 4  PRO A CG   1  
ATOM 71   C CD   . PRO A 1 4  ? -0.086 1.590   -1.218  1.00 0.75 ? 4  PRO A CD   1  
ATOM 72   H HA   . PRO A 1 4  ? -1.631 3.818   -2.943  1.00 0.96 ? 4  PRO A HA   1  
ATOM 73   H HB2  . PRO A 1 4  ? -1.204 1.067   -3.832  1.00 1.24 ? 4  PRO A HB2  1  
ATOM 74   H HB3  . PRO A 1 4  ? -0.382 2.543   -4.341  1.00 1.15 ? 4  PRO A HB3  1  
ATOM 75   H HG2  . PRO A 1 4  ? 0.858  0.650   -2.875  1.00 0.85 ? 4  PRO A HG2  1  
ATOM 76   H HG3  . PRO A 1 4  ? 1.224  2.377   -2.697  1.00 0.94 ? 4  PRO A HG3  1  
ATOM 77   H HD2  . PRO A 1 4  ? -0.532 0.630   -1.003  1.00 0.90 ? 4  PRO A HD2  1  
ATOM 78   H HD3  . PRO A 1 4  ? 0.687  1.825   -0.502  1.00 0.98 ? 4  PRO A HD3  1  
ATOM 79   N N    . THR A 1 5  ? -3.493 1.864   -3.929  1.00 1.01 ? 5  THR A N    1  
ATOM 80   C CA   . THR A 1 5  ? -4.863 1.412   -4.157  1.00 1.21 ? 5  THR A CA   1  
ATOM 81   C C    . THR A 1 5  ? -5.180 0.154   -3.354  1.00 0.94 ? 5  THR A C    1  
ATOM 82   O O    . THR A 1 5  ? -6.331 -0.122  -3.022  1.00 1.74 ? 5  THR A O    1  
ATOM 83   C CB   . THR A 1 5  ? -5.145 1.175   -5.661  1.00 2.13 ? 5  THR A CB   1  
ATOM 84   O OG1  . THR A 1 5  ? -6.533 0.880   -5.867  1.00 2.94 ? 5  THR A OG1  1  
ATOM 85   C CG2  . THR A 1 5  ? -4.298 0.038   -6.217  1.00 2.63 ? 5  THR A CG2  1  
ATOM 86   H H    . THR A 1 5  ? -2.865 1.890   -4.684  1.00 1.52 ? 5  THR A H    1  
ATOM 87   H HA   . THR A 1 5  ? -5.509 2.188   -3.814  1.00 1.41 ? 5  THR A HA   1  
ATOM 88   H HB   . THR A 1 5  ? -4.900 2.079   -6.200  1.00 2.46 ? 5  THR A HB   1  
ATOM 89   H HG1  . THR A 1 5  ? -6.615 0.064   -6.380  1.00 3.36 ? 5  THR A HG1  1  
ATOM 90   H HG21 . THR A 1 5  ? -4.545 -0.880  -5.702  1.00 3.00 ? 5  THR A HG21 1  
ATOM 91   H HG22 . THR A 1 5  ? -3.252 0.261   -6.068  1.00 2.71 ? 5  THR A HG22 1  
ATOM 92   H HG23 . THR A 1 5  ? -4.495 -0.077  -7.272  1.00 3.14 ? 5  THR A HG23 1  
ATOM 93   N N    . GLY A 1 6  ? -4.144 -0.572  -3.002  1.00 0.93 ? 6  GLY A N    1  
ATOM 94   C CA   . GLY A 1 6  ? -4.307 -1.780  -2.216  1.00 1.30 ? 6  GLY A CA   1  
ATOM 95   C C    . GLY A 1 6  ? -4.500 -1.480  -0.741  1.00 0.91 ? 6  GLY A C    1  
ATOM 96   O O    . GLY A 1 6  ? -4.536 -2.396  0.081   1.00 1.67 ? 6  GLY A O    1  
ATOM 97   H H    . GLY A 1 6  ? -3.254 -0.277  -3.280  1.00 1.46 ? 6  GLY A H    1  
ATOM 98   H HA2  . GLY A 1 6  ? -5.168 -2.321  -2.580  1.00 1.85 ? 6  GLY A HA2  1  
ATOM 99   H HA3  . GLY A 1 6  ? -3.428 -2.395  -2.336  1.00 1.96 ? 6  GLY A HA3  1  
ATOM 100  N N    . SER A 1 7  ? -4.609 -0.185  -0.418  1.00 0.94 ? 7  SER A N    1  
ATOM 101  C CA   . SER A 1 7  ? -4.780 0.317   0.956   1.00 1.39 ? 7  SER A CA   1  
ATOM 102  C C    . SER A 1 7  ? -3.697 -0.195  1.909   1.00 1.37 ? 7  SER A C    1  
ATOM 103  O O    . SER A 1 7  ? -3.823 -0.078  3.129   1.00 2.27 ? 7  SER A O    1  
ATOM 104  C CB   . SER A 1 7  ? -6.192 0.011   1.497   1.00 2.10 ? 7  SER A CB   1  
ATOM 105  O OG   . SER A 1 7  ? -6.558 -1.350  1.318   1.00 2.59 ? 7  SER A OG   1  
ATOM 106  H H    . SER A 1 7  ? -4.574 0.474   -1.146  1.00 1.49 ? 7  SER A H    1  
ATOM 107  H HA   . SER A 1 7  ? -4.674 1.392   0.901   1.00 1.61 ? 7  SER A HA   1  
ATOM 108  H HB2  . SER A 1 7  ? -6.222 0.238   2.551   1.00 2.47 ? 7  SER A HB2  1  
ATOM 109  H HB3  . SER A 1 7  ? -6.908 0.633   0.979   1.00 2.60 ? 7  SER A HB3  1  
ATOM 110  H HG   . SER A 1 7  ? -5.781 -1.858  1.044   1.00 2.85 ? 7  SER A HG   1  
ATOM 111  N N    . ASN A 1 8  ? -2.625 -0.727  1.335   1.00 0.84 ? 8  ASN A N    1  
ATOM 112  C CA   . ASN A 1 8  ? -1.499 -1.254  2.096   1.00 0.87 ? 8  ASN A CA   1  
ATOM 113  C C    . ASN A 1 8  ? -0.458 -1.805  1.128   1.00 0.68 ? 8  ASN A C    1  
ATOM 114  O O    . ASN A 1 8  ? -0.752 -2.699  0.335   1.00 0.88 ? 8  ASN A O    1  
ATOM 115  C CB   . ASN A 1 8  ? -1.952 -2.360  3.057   1.00 1.18 ? 8  ASN A CB   1  
ATOM 116  C CG   . ASN A 1 8  ? -0.869 -2.784  4.037   1.00 2.01 ? 8  ASN A CG   1  
ATOM 117  O OD1  . ASN A 1 8  ? 0.325  -2.696  3.753   1.00 2.80 ? 8  ASN A OD1  1  
ATOM 118  N ND2  . ASN A 1 8  ? -1.283 -3.254  5.199   1.00 2.52 ? 8  ASN A ND2  1  
ATOM 119  H H    . ASN A 1 8  ? -2.591 -0.774  0.358   1.00 1.19 ? 8  ASN A H    1  
ATOM 120  H HA   . ASN A 1 8  ? -1.064 -0.443  2.659   1.00 1.08 ? 8  ASN A HA   1  
ATOM 121  H HB2  . ASN A 1 8  ? -2.799 -2.007  3.625   1.00 1.47 ? 8  ASN A HB2  1  
ATOM 122  H HB3  . ASN A 1 8  ? -2.248 -3.224  2.482   1.00 1.55 ? 8  ASN A HB3  1  
ATOM 123  H HD21 . ASN A 1 8  ? -2.249 -3.304  5.363   1.00 2.54 ? 8  ASN A HD21 1  
ATOM 124  H HD22 . ASN A 1 8  ? -0.607 -3.546  5.848   1.00 3.21 ? 8  ASN A HD22 1  
ATOM 125  N N    . PRO A 1 9  ? 0.753  -1.247  1.139   1.00 0.87 ? 9  PRO A N    1  
ATOM 126  C CA   . PRO A 1 9  ? 1.859  -1.727  0.305   1.00 0.93 ? 9  PRO A CA   1  
ATOM 127  C C    . PRO A 1 9  ? 2.497  -3.015  0.822   1.00 0.96 ? 9  PRO A C    1  
ATOM 128  O O    . PRO A 1 9  ? 3.694  -3.048  1.107   1.00 1.45 ? 9  PRO A O    1  
ATOM 129  C CB   . PRO A 1 9  ? 2.861  -0.578  0.389   1.00 1.59 ? 9  PRO A CB   1  
ATOM 130  C CG   . PRO A 1 9  ? 2.627  -0.002  1.737   1.00 2.06 ? 9  PRO A CG   1  
ATOM 131  C CD   . PRO A 1 9  ? 1.140  -0.063  1.927   1.00 1.44 ? 9  PRO A CD   1  
ATOM 132  H HA   . PRO A 1 9  ? 1.551  -1.868  -0.720  1.00 0.99 ? 9  PRO A HA   1  
ATOM 133  H HB2  . PRO A 1 9  ? 3.867  -0.960  0.285   1.00 1.77 ? 9  PRO A HB2  1  
ATOM 134  H HB3  . PRO A 1 9  ? 2.657  0.142   -0.390  1.00 1.77 ? 9  PRO A HB3  1  
ATOM 135  H HG2  . PRO A 1 9  ? 3.132  -0.594  2.487   1.00 2.49 ? 9  PRO A HG2  1  
ATOM 136  H HG3  . PRO A 1 9  ? 2.968  1.022   1.768   1.00 2.62 ? 9  PRO A HG3  1  
ATOM 137  H HD2  . PRO A 1 9  ? 0.889  -0.181  2.964   1.00 1.40 ? 9  PRO A HD2  1  
ATOM 138  H HD3  . PRO A 1 9  ? 0.680  0.823   1.530   1.00 1.71 ? 9  PRO A HD3  1  
ATOM 139  N N    . GLN A 1 10 ? 1.715  -4.080  0.949   1.00 1.00 ? 10 GLN A N    1  
ATOM 140  C CA   . GLN A 1 10 ? 2.299  -5.376  1.260   1.00 1.62 ? 10 GLN A CA   1  
ATOM 141  C C    . GLN A 1 10 ? 2.904  -5.960  -0.015  1.00 1.92 ? 10 GLN A C    1  
ATOM 142  O O    . GLN A 1 10 ? 3.797  -6.803  0.031   1.00 2.47 ? 10 GLN A O    1  
ATOM 143  C CB   . GLN A 1 10 ? 1.278  -6.353  1.869   1.00 2.07 ? 10 GLN A CB   1  
ATOM 144  C CG   . GLN A 1 10 ? 0.236  -6.877  0.888   1.00 2.87 ? 10 GLN A CG   1  
ATOM 145  C CD   . GLN A 1 10 ? -0.883 -5.893  0.632   1.00 3.51 ? 10 GLN A CD   1  
ATOM 146  O OE1  . GLN A 1 10 ? -1.259 -5.125  1.514   1.00 4.11 ? 10 GLN A OE1  1  
ATOM 147  N NE2  . GLN A 1 10 ? -1.420 -5.903  -0.579  1.00 3.83 ? 10 GLN A NE2  1  
ATOM 148  H H    . GLN A 1 10 ? 0.740  -3.988  0.848   1.00 0.91 ? 10 GLN A H    1  
ATOM 149  H HA   . GLN A 1 10 ? 3.094  -5.207  1.973   1.00 1.80 ? 10 GLN A HA   1  
ATOM 150  H HB2  . GLN A 1 10 ? 1.811  -7.201  2.273   1.00 2.58 ? 10 GLN A HB2  1  
ATOM 151  H HB3  . GLN A 1 10 ? 0.760  -5.853  2.673   1.00 1.95 ? 10 GLN A HB3  1  
ATOM 152  H HG2  . GLN A 1 10 ? 0.724  -7.091  -0.047  1.00 3.27 ? 10 GLN A HG2  1  
ATOM 153  H HG3  . GLN A 1 10 ? -0.187 -7.786  1.288   1.00 3.31 ? 10 GLN A HG3  1  
ATOM 154  H HE21 . GLN A 1 10 ? -1.069 -6.539  -1.240  1.00 3.60 ? 10 GLN A HE21 1  
ATOM 155  H HE22 . GLN A 1 10 ? -2.151 -5.274  -0.768  1.00 4.52 ? 10 GLN A HE22 1  
ATOM 156  N N    . LYS A 1 11 ? 2.401  -5.473  -1.150  1.00 1.77 ? 11 LYS A N    1  
ATOM 157  C CA   . LYS A 1 11 ? 2.889  -5.859  -2.470  1.00 2.28 ? 11 LYS A CA   1  
ATOM 158  C C    . LYS A 1 11 ? 2.140  -5.061  -3.533  1.00 2.91 ? 11 LYS A C    1  
ATOM 159  O O    . LYS A 1 11 ? 1.842  -5.554  -4.620  1.00 3.43 ? 11 LYS A O    1  
ATOM 160  C CB   . LYS A 1 11 ? 2.730  -7.370  -2.713  1.00 2.82 ? 11 LYS A CB   1  
ATOM 161  C CG   . LYS A 1 11 ? 1.287  -7.860  -2.747  1.00 3.38 ? 11 LYS A CG   1  
ATOM 162  C CD   . LYS A 1 11 ? 1.220  -9.371  -2.900  1.00 4.36 ? 11 LYS A CD   1  
ATOM 163  C CE   . LYS A 1 11 ? -0.212 -9.862  -3.030  1.00 5.17 ? 11 LYS A CE   1  
ATOM 164  N NZ   . LYS A 1 11 ? -0.867 -9.347  -4.261  1.00 6.02 ? 11 LYS A NZ   1  
ATOM 165  H H    . LYS A 1 11 ? 1.673  -4.814  -1.094  1.00 1.46 ? 11 LYS A H    1  
ATOM 166  H HA   . LYS A 1 11 ? 3.938  -5.601  -2.521  1.00 2.55 ? 11 LYS A HA   1  
ATOM 167  H HB2  . LYS A 1 11 ? 3.190  -7.619  -3.658  1.00 3.16 ? 11 LYS A HB2  1  
ATOM 168  H HB3  . LYS A 1 11 ? 3.247  -7.901  -1.927  1.00 3.14 ? 11 LYS A HB3  1  
ATOM 169  H HG2  . LYS A 1 11 ? 0.798  -7.579  -1.829  1.00 3.25 ? 11 LYS A HG2  1  
ATOM 170  H HG3  . LYS A 1 11 ? 0.782  -7.400  -3.583  1.00 3.76 ? 11 LYS A HG3  1  
ATOM 171  H HD2  . LYS A 1 11 ? 1.769  -9.656  -3.784  1.00 4.73 ? 11 LYS A HD2  1  
ATOM 172  H HD3  . LYS A 1 11 ? 1.671  -9.828  -2.031  1.00 4.51 ? 11 LYS A HD3  1  
ATOM 173  H HE2  . LYS A 1 11 ? -0.207 -10.942 -3.061  1.00 5.45 ? 11 LYS A HE2  1  
ATOM 174  H HE3  . LYS A 1 11 ? -0.771 -9.529  -2.168  1.00 5.19 ? 11 LYS A HE3  1  
ATOM 175  H HZ1  . LYS A 1 11 ? -0.939 -8.312  -4.224  1.00 6.28 ? 11 LYS A HZ1  1  
ATOM 176  H HZ2  . LYS A 1 11 ? -1.824 -9.745  -4.350  1.00 6.48 ? 11 LYS A HZ2  1  
ATOM 177  H HZ3  . LYS A 1 11 ? -0.315 -9.615  -5.103  1.00 6.21 ? 11 LYS A HZ3  1  
ATOM 178  N N    . ASN A 1 12 ? 1.842  -3.815  -3.200  1.00 3.38 ? 12 ASN A N    1  
ATOM 179  C CA   . ASN A 1 12 ? 1.040  -2.960  -4.057  1.00 4.48 ? 12 ASN A CA   1  
ATOM 180  C C    . ASN A 1 12 ? 1.554  -1.533  -3.980  1.00 5.03 ? 12 ASN A C    1  
ATOM 181  O O    . ASN A 1 12 ? 1.957  -1.117  -2.873  1.00 5.37 ? 12 ASN A O    1  
ATOM 182  C CB   . ASN A 1 12 ? -0.434 -3.016  -3.640  1.00 5.23 ? 12 ASN A CB   1  
ATOM 183  C CG   . ASN A 1 12 ? -1.330 -2.199  -4.549  1.00 6.47 ? 12 ASN A CG   1  
ATOM 184  O OD1  . ASN A 1 12 ? -1.619 -1.033  -4.278  1.00 7.00 ? 12 ASN A OD1  1  
ATOM 185  N ND2  . ASN A 1 12 ? -1.781 -2.809  -5.635  1.00 7.19 ? 12 ASN A ND2  1  
ATOM 186  O OXT  . ASN A 1 12 ? 1.566  -0.840  -5.019  1.00 5.49 ? 12 ASN A OXT  1  
ATOM 187  H H    . ASN A 1 12 ? 2.195  -3.446  -2.365  1.00 3.25 ? 12 ASN A H    1  
ATOM 188  H HA   . ASN A 1 12 ? 1.136  -3.315  -5.073  1.00 4.74 ? 12 ASN A HA   1  
ATOM 189  H HB2  . ASN A 1 12 ? -0.770 -4.042  -3.664  1.00 5.17 ? 12 ASN A HB2  1  
ATOM 190  H HB3  . ASN A 1 12 ? -0.531 -2.636  -2.634  1.00 5.25 ? 12 ASN A HB3  1  
ATOM 191  H HD21 . ASN A 1 12 ? -1.512 -3.741  -5.789  1.00 6.98 ? 12 ASN A HD21 1  
ATOM 192  H HD22 . ASN A 1 12 ? -2.361 -2.305  -6.243  1.00 8.04 ? 12 ASN A HD22 1  
ATOM 193  N N    . ARG A 1 1  ? -1.399 8.567   4.329   1.00 3.89 ? 1  ARG A N    2  
ATOM 194  C CA   . ARG A 1 1  ? -0.572 7.352   4.496   1.00 3.38 ? 1  ARG A CA   2  
ATOM 195  C C    . ARG A 1 1  ? 0.088  6.986   3.176   1.00 2.30 ? 1  ARG A C    2  
ATOM 196  O O    . ARG A 1 1  ? -0.457 7.260   2.107   1.00 2.51 ? 1  ARG A O    2  
ATOM 197  C CB   . ARG A 1 1  ? -1.423 6.182   4.992   1.00 4.31 ? 1  ARG A CB   2  
ATOM 198  C CG   . ARG A 1 1  ? -2.033 6.406   6.364   1.00 5.04 ? 1  ARG A CG   2  
ATOM 199  C CD   . ARG A 1 1  ? -2.874 5.219   6.794   1.00 5.93 ? 1  ARG A CD   2  
ATOM 200  N NE   . ARG A 1 1  ? -3.402 5.375   8.147   1.00 6.73 ? 1  ARG A NE   2  
ATOM 201  C CZ   . ARG A 1 1  ? -4.021 4.406   8.820   1.00 7.76 ? 1  ARG A CZ   2  
ATOM 202  N NH1  . ARG A 1 1  ? -4.210 3.218   8.257   1.00 8.16 ? 1  ARG A NH1  2  
ATOM 203  N NH2  . ARG A 1 1  ? -4.452 4.628   10.054  1.00 8.60 ? 1  ARG A NH2  2  
ATOM 204  H H1   . ARG A 1 1  ? -2.142 8.399   3.619   1.00 4.26 ? 1  ARG A H1   2  
ATOM 205  H H2   . ARG A 1 1  ? -0.806 9.359   4.007   1.00 3.94 ? 1  ARG A H2   2  
ATOM 206  H H3   . ARG A 1 1  ? -1.846 8.829   5.228   1.00 4.27 ? 1  ARG A H3   2  
ATOM 207  H HA   . ARG A 1 1  ? 0.199  7.563   5.223   1.00 3.64 ? 1  ARG A HA   2  
ATOM 208  H HB2  . ARG A 1 1  ? -2.225 6.013   4.290   1.00 4.74 ? 1  ARG A HB2  2  
ATOM 209  H HB3  . ARG A 1 1  ? -0.806 5.297   5.038   1.00 4.54 ? 1  ARG A HB3  2  
ATOM 210  H HG2  . ARG A 1 1  ? -1.240 6.551   7.084   1.00 5.33 ? 1  ARG A HG2  2  
ATOM 211  H HG3  . ARG A 1 1  ? -2.659 7.286   6.331   1.00 5.05 ? 1  ARG A HG3  2  
ATOM 212  H HD2  . ARG A 1 1  ? -3.700 5.115   6.106   1.00 6.03 ? 1  ARG A HD2  2  
ATOM 213  H HD3  . ARG A 1 1  ? -2.263 4.331   6.755   1.00 6.20 ? 1  ARG A HD3  2  
ATOM 214  H HE   . ARG A 1 1  ? -3.279 6.251   8.583   1.00 6.65 ? 1  ARG A HE   2  
ATOM 215  H HH11 . ARG A 1 1  ? -3.889 3.043   7.322   1.00 7.74 ? 1  ARG A HH11 2  
ATOM 216  H HH12 . ARG A 1 1  ? -4.674 2.486   8.764   1.00 9.02 ? 1  ARG A HH12 2  
ATOM 217  H HH21 . ARG A 1 1  ? -4.312 5.523   10.483  1.00 8.53 ? 1  ARG A HH21 2  
ATOM 218  H HH22 . ARG A 1 1  ? -4.922 3.901   10.565  1.00 9.42 ? 1  ARG A HH22 2  
ATOM 219  N N    . LYS A 1 2  ? 1.260  6.369   3.255   1.00 1.85 ? 2  LYS A N    2  
ATOM 220  C CA   . LYS A 1 2  ? 2.017  6.007   2.065   1.00 1.47 ? 2  LYS A CA   2  
ATOM 221  C C    . LYS A 1 2  ? 1.475  4.721   1.453   1.00 1.21 ? 2  LYS A C    2  
ATOM 222  O O    . LYS A 1 2  ? 2.108  3.664   1.519   1.00 1.99 ? 2  LYS A O    2  
ATOM 223  C CB   . LYS A 1 2  ? 3.500  5.853   2.397   1.00 2.41 ? 2  LYS A CB   2  
ATOM 224  C CG   . LYS A 1 2  ? 4.136  7.128   2.931   1.00 3.34 ? 2  LYS A CG   2  
ATOM 225  C CD   . LYS A 1 2  ? 5.650  7.004   3.058   1.00 4.07 ? 2  LYS A CD   2  
ATOM 226  C CE   . LYS A 1 2  ? 6.366  7.247   1.736   1.00 4.97 ? 2  LYS A CE   2  
ATOM 227  N NZ   . LYS A 1 2  ? 6.145  6.158   0.746   1.00 5.50 ? 2  LYS A NZ   2  
ATOM 228  H H    . LYS A 1 2  ? 1.626  6.144   4.139   1.00 2.45 ? 2  LYS A H    2  
ATOM 229  H HA   . LYS A 1 2  ? 1.900  6.804   1.348   1.00 1.77 ? 2  LYS A HA   2  
ATOM 230  H HB2  . LYS A 1 2  ? 3.611  5.081   3.145   1.00 2.69 ? 2  LYS A HB2  2  
ATOM 231  H HB3  . LYS A 1 2  ? 4.031  5.556   1.507   1.00 2.89 ? 2  LYS A HB3  2  
ATOM 232  H HG2  . LYS A 1 2  ? 3.909  7.940   2.256   1.00 3.74 ? 2  LYS A HG2  2  
ATOM 233  H HG3  . LYS A 1 2  ? 3.720  7.342   3.904   1.00 3.54 ? 2  LYS A HG3  2  
ATOM 234  H HD2  . LYS A 1 2  ? 6.002  7.729   3.773   1.00 4.12 ? 2  LYS A HD2  2  
ATOM 235  H HD3  . LYS A 1 2  ? 5.887  6.010   3.408   1.00 4.36 ? 2  LYS A HD3  2  
ATOM 236  H HE2  . LYS A 1 2  ? 6.008  8.173   1.315   1.00 5.25 ? 2  LYS A HE2  2  
ATOM 237  H HE3  . LYS A 1 2  ? 7.422  7.332   1.937   1.00 5.34 ? 2  LYS A HE3  2  
ATOM 238  H HZ1  . LYS A 1 2  ? 6.757  6.300   -0.084  1.00 5.93 ? 2  LYS A HZ1  2  
ATOM 239  H HZ2  . LYS A 1 2  ? 5.156  6.155   0.428   1.00 5.84 ? 2  LYS A HZ2  2  
ATOM 240  H HZ3  . LYS A 1 2  ? 6.365  5.235   1.170   1.00 5.49 ? 2  LYS A HZ3  2  
ATOM 241  N N    . VAL A 1 3  ? 0.292  4.822   0.868   1.00 1.00 ? 3  VAL A N    2  
ATOM 242  C CA   . VAL A 1 3  ? -0.358 3.687   0.237   1.00 0.81 ? 3  VAL A CA   2  
ATOM 243  C C    . VAL A 1 3  ? -0.806 4.052   -1.179  1.00 0.68 ? 3  VAL A C    2  
ATOM 244  O O    . VAL A 1 3  ? -1.574 4.994   -1.383  1.00 0.89 ? 3  VAL A O    2  
ATOM 245  C CB   . VAL A 1 3  ? -1.572 3.189   1.064   1.00 1.19 ? 3  VAL A CB   2  
ATOM 246  C CG1  . VAL A 1 3  ? -1.115 2.613   2.395   1.00 1.82 ? 3  VAL A CG1  2  
ATOM 247  C CG2  . VAL A 1 3  ? -2.578 4.308   1.305   1.00 2.01 ? 3  VAL A CG2  2  
ATOM 248  H H    . VAL A 1 3  ? -0.158 5.696   0.854   1.00 1.64 ? 3  VAL A H    2  
ATOM 249  H HA   . VAL A 1 3  ? 0.364  2.885   0.179   1.00 0.76 ? 3  VAL A HA   2  
ATOM 250  H HB   . VAL A 1 3  ? -2.065 2.405   0.510   1.00 1.55 ? 3  VAL A HB   2  
ATOM 251  H HG11 . VAL A 1 3  ? -0.401 1.824   2.220   1.00 2.34 ? 3  VAL A HG11 2  
ATOM 252  H HG12 . VAL A 1 3  ? -1.967 2.216   2.927   1.00 2.13 ? 3  VAL A HG12 2  
ATOM 253  H HG13 . VAL A 1 3  ? -0.653 3.392   2.985   1.00 2.32 ? 3  VAL A HG13 2  
ATOM 254  H HG21 . VAL A 1 3  ? -2.100 5.111   1.846   1.00 2.50 ? 3  VAL A HG21 2  
ATOM 255  H HG22 . VAL A 1 3  ? -3.406 3.929   1.884   1.00 2.45 ? 3  VAL A HG22 2  
ATOM 256  H HG23 . VAL A 1 3  ? -2.939 4.678   0.358   1.00 2.50 ? 3  VAL A HG23 2  
ATOM 257  N N    . PRO A 1 4  ? -0.290 3.329   -2.185  1.00 0.61 ? 4  PRO A N    2  
ATOM 258  C CA   . PRO A 1 4  ? -0.632 3.571   -3.589  1.00 0.79 ? 4  PRO A CA   2  
ATOM 259  C C    . PRO A 1 4  ? -2.078 3.193   -3.900  1.00 0.95 ? 4  PRO A C    2  
ATOM 260  O O    . PRO A 1 4  ? -2.812 3.961   -4.521  1.00 1.76 ? 4  PRO A O    2  
ATOM 261  C CB   . PRO A 1 4  ? 0.337  2.671   -4.361  1.00 0.96 ? 4  PRO A CB   2  
ATOM 262  C CG   . PRO A 1 4  ? 0.736  1.609   -3.397  1.00 0.77 ? 4  PRO A CG   2  
ATOM 263  C CD   . PRO A 1 4  ? 0.687  2.237   -2.033  1.00 0.75 ? 4  PRO A CD   2  
ATOM 264  H HA   . PRO A 1 4  ? -0.466 4.602   -3.862  1.00 0.96 ? 4  PRO A HA   2  
ATOM 265  H HB2  . PRO A 1 4  ? -0.166 2.253   -5.220  1.00 1.24 ? 4  PRO A HB2  2  
ATOM 266  H HB3  . PRO A 1 4  ? 1.187  3.249   -4.685  1.00 1.15 ? 4  PRO A HB3  2  
ATOM 267  H HG2  . PRO A 1 4  ? 0.041  0.785   -3.454  1.00 0.85 ? 4  PRO A HG2  2  
ATOM 268  H HG3  . PRO A 1 4  ? 1.737  1.271   -3.618  1.00 0.94 ? 4  PRO A HG3  2  
ATOM 269  H HD2  . PRO A 1 4  ? 0.348  1.520   -1.301  1.00 0.90 ? 4  PRO A HD2  2  
ATOM 270  H HD3  . PRO A 1 4  ? 1.657  2.626   -1.761  1.00 0.98 ? 4  PRO A HD3  2  
ATOM 271  N N    . THR A 1 5  ? -2.476 2.011   -3.452  1.00 1.01 ? 5  THR A N    2  
ATOM 272  C CA   . THR A 1 5  ? -3.822 1.512   -3.670  1.00 1.21 ? 5  THR A CA   2  
ATOM 273  C C    . THR A 1 5  ? -4.033 0.236   -2.860  1.00 0.94 ? 5  THR A C    2  
ATOM 274  O O    . THR A 1 5  ? -3.064 -0.439  -2.497  1.00 1.74 ? 5  THR A O    2  
ATOM 275  C CB   . THR A 1 5  ? -4.086 1.239   -5.171  1.00 2.13 ? 5  THR A CB   2  
ATOM 276  O OG1  . THR A 1 5  ? -5.456 0.878   -5.380  1.00 2.94 ? 5  THR A OG1  2  
ATOM 277  C CG2  . THR A 1 5  ? -3.177 0.137   -5.699  1.00 2.63 ? 5  THR A CG2  2  
ATOM 278  H H    . THR A 1 5  ? -1.844 1.453   -2.954  1.00 1.52 ? 5  THR A H    2  
ATOM 279  H HA   . THR A 1 5  ? -4.518 2.264   -3.330  1.00 1.41 ? 5  THR A HA   2  
ATOM 280  H HB   . THR A 1 5  ? -3.878 2.146   -5.724  1.00 2.46 ? 5  THR A HB   2  
ATOM 281  H HG1  . THR A 1 5  ? -5.520 0.280   -6.135  1.00 3.36 ? 5  THR A HG1  2  
ATOM 282  H HG21 . THR A 1 5  ? -2.145 0.431   -5.574  1.00 3.00 ? 5  THR A HG21 2  
ATOM 283  H HG22 . THR A 1 5  ? -3.381 -0.029  -6.746  1.00 2.71 ? 5  THR A HG22 2  
ATOM 284  H HG23 . THR A 1 5  ? -3.362 -0.774  -5.148  1.00 3.14 ? 5  THR A HG23 2  
ATOM 285  N N    . GLY A 1 6  ? -5.286 -0.076  -2.560  1.00 0.93 ? 6  GLY A N    2  
ATOM 286  C CA   . GLY A 1 6  ? -5.592 -1.261  -1.786  1.00 1.30 ? 6  GLY A CA   2  
ATOM 287  C C    . GLY A 1 6  ? -5.314 -1.071  -0.308  1.00 0.91 ? 6  GLY A C    2  
ATOM 288  O O    . GLY A 1 6  ? -4.960 0.025   0.133   1.00 1.67 ? 6  GLY A O    2  
ATOM 289  H H    . GLY A 1 6  ? -6.014 0.506   -2.868  1.00 1.46 ? 6  GLY A H    2  
ATOM 290  H HA2  . GLY A 1 6  ? -6.636 -1.505  -1.919  1.00 1.85 ? 6  GLY A HA2  2  
ATOM 291  H HA3  . GLY A 1 6  ? -4.992 -2.080  -2.151  1.00 1.96 ? 6  GLY A HA3  2  
ATOM 292  N N    . SER A 1 7  ? -5.473 -2.140  0.456   1.00 0.94 ? 7  SER A N    2  
ATOM 293  C CA   . SER A 1 7  ? -5.214 -2.105  1.884   1.00 1.39 ? 7  SER A CA   2  
ATOM 294  C C    . SER A 1 7  ? -3.717 -2.234  2.149   1.00 1.37 ? 7  SER A C    2  
ATOM 295  O O    . SER A 1 7  ? -3.241 -3.290  2.575   1.00 2.27 ? 7  SER A O    2  
ATOM 296  C CB   . SER A 1 7  ? -5.979 -3.236  2.576   1.00 2.10 ? 7  SER A CB   2  
ATOM 297  O OG   . SER A 1 7  ? -7.348 -3.233  2.195   1.00 2.59 ? 7  SER A OG   2  
ATOM 298  H H    . SER A 1 7  ? -5.770 -2.980  0.047   1.00 1.49 ? 7  SER A H    2  
ATOM 299  H HA   . SER A 1 7  ? -5.561 -1.157  2.266   1.00 1.61 ? 7  SER A HA   2  
ATOM 300  H HB2  . SER A 1 7  ? -5.545 -4.185  2.300   1.00 2.47 ? 7  SER A HB2  2  
ATOM 301  H HB3  . SER A 1 7  ? -5.916 -3.110  3.648   1.00 2.60 ? 7  SER A HB3  2  
ATOM 302  H HG   . SER A 1 7  ? -7.820 -2.560  2.702   1.00 2.85 ? 7  SER A HG   2  
ATOM 303  N N    . ASN A 1 8  ? -2.984 -1.151  1.872   1.00 0.84 ? 8  ASN A N    2  
ATOM 304  C CA   . ASN A 1 8  ? -1.525 -1.099  2.035   1.00 0.87 ? 8  ASN A CA   2  
ATOM 305  C C    . ASN A 1 8  ? -0.825 -1.939  0.967   1.00 0.68 ? 8  ASN A C    2  
ATOM 306  O O    . ASN A 1 8  ? -1.394 -2.901  0.450   1.00 0.88 ? 8  ASN A O    2  
ATOM 307  C CB   . ASN A 1 8  ? -1.085 -1.577  3.431   1.00 1.18 ? 8  ASN A CB   2  
ATOM 308  C CG   . ASN A 1 8  ? -1.593 -0.692  4.552   1.00 2.01 ? 8  ASN A CG   2  
ATOM 309  O OD1  . ASN A 1 8  ? -0.963 0.303   4.909   1.00 2.80 ? 8  ASN A OD1  2  
ATOM 310  N ND2  . ASN A 1 8  ? -2.723 -1.060  5.128   1.00 2.52 ? 8  ASN A ND2  2  
ATOM 311  H H    . ASN A 1 8  ? -3.445 -0.355  1.527   1.00 1.19 ? 8  ASN A H    2  
ATOM 312  H HA   . ASN A 1 8  ? -1.225 -0.071  1.911   1.00 1.08 ? 8  ASN A HA   2  
ATOM 313  H HB2  . ASN A 1 8  ? -1.460 -2.575  3.597   1.00 1.47 ? 8  ASN A HB2  2  
ATOM 314  H HB3  . ASN A 1 8  ? -0.005 -1.593  3.473   1.00 1.55 ? 8  ASN A HB3  2  
ATOM 315  H HD21 . ASN A 1 8  ? -3.166 -1.873  4.803   1.00 2.54 ? 8  ASN A HD21 2  
ATOM 316  H HD22 . ASN A 1 8  ? -3.071 -0.508  5.860   1.00 3.21 ? 8  ASN A HD22 2  
ATOM 317  N N    . PRO A 1 9  ? 0.418  -1.582  0.612   1.00 0.87 ? 9  PRO A N    2  
ATOM 318  C CA   . PRO A 1 9  ? 1.227  -2.338  -0.317  1.00 0.93 ? 9  PRO A CA   2  
ATOM 319  C C    . PRO A 1 9  ? 2.192  -3.232  0.427   1.00 0.96 ? 9  PRO A C    2  
ATOM 320  O O    . PRO A 1 9  ? 3.351  -3.390  0.043   1.00 1.45 ? 9  PRO A O    2  
ATOM 321  C CB   . PRO A 1 9  ? 1.966  -1.231  -1.054  1.00 1.59 ? 9  PRO A CB   2  
ATOM 322  C CG   . PRO A 1 9  ? 2.202  -0.186  -0.004  1.00 2.06 ? 9  PRO A CG   2  
ATOM 323  C CD   . PRO A 1 9  ? 1.159  -0.400  1.076   1.00 1.44 ? 9  PRO A CD   2  
ATOM 324  H HA   . PRO A 1 9  ? 0.633  -2.927  -0.998  1.00 0.99 ? 9  PRO A HA   2  
ATOM 325  H HB2  . PRO A 1 9  ? 2.894  -1.615  -1.451  1.00 1.77 ? 9  PRO A HB2  2  
ATOM 326  H HB3  . PRO A 1 9  ? 1.351  -0.852  -1.855  1.00 1.77 ? 9  PRO A HB3  2  
ATOM 327  H HG2  . PRO A 1 9  ? 3.193  -0.304  0.410   1.00 2.49 ? 9  PRO A HG2  2  
ATOM 328  H HG3  . PRO A 1 9  ? 2.095  0.796   -0.437  1.00 2.62 ? 9  PRO A HG3  2  
ATOM 329  H HD2  . PRO A 1 9  ? 1.633  -0.595  2.023   1.00 1.40 ? 9  PRO A HD2  2  
ATOM 330  H HD3  . PRO A 1 9  ? 0.515  0.453   1.149   1.00 1.71 ? 9  PRO A HD3  2  
ATOM 331  N N    . GLN A 1 10 ? 1.702  -3.804  1.509   1.00 1.00 ? 10 GLN A N    2  
ATOM 332  C CA   . GLN A 1 10 ? 2.511  -4.651  2.348   1.00 1.62 ? 10 GLN A CA   2  
ATOM 333  C C    . GLN A 1 10 ? 2.579  -6.055  1.752   1.00 1.92 ? 10 GLN A C    2  
ATOM 334  O O    . GLN A 1 10 ? 3.424  -6.868  2.127   1.00 2.47 ? 10 GLN A O    2  
ATOM 335  C CB   . GLN A 1 10 ? 1.932  -4.685  3.769   1.00 2.07 ? 10 GLN A CB   2  
ATOM 336  C CG   . GLN A 1 10 ? 2.697  -5.565  4.744   1.00 2.87 ? 10 GLN A CG   2  
ATOM 337  C CD   . GLN A 1 10 ? 4.146  -5.158  4.888   1.00 3.51 ? 10 GLN A CD   2  
ATOM 338  O OE1  . GLN A 1 10 ? 4.493  -4.339  5.740   1.00 4.11 ? 10 GLN A OE1  2  
ATOM 339  N NE2  . GLN A 1 10 ? 4.998  -5.717  4.051   1.00 3.83 ? 10 GLN A NE2  2  
ATOM 340  H H    . GLN A 1 10 ? 0.762  -3.653  1.745   1.00 0.91 ? 10 GLN A H    2  
ATOM 341  H HA   . GLN A 1 10 ? 3.501  -4.225  2.378   1.00 1.80 ? 10 GLN A HA   2  
ATOM 342  H HB2  . GLN A 1 10 ? 1.923  -3.679  4.161   1.00 2.58 ? 10 GLN A HB2  2  
ATOM 343  H HB3  . GLN A 1 10 ? 0.915  -5.045  3.718   1.00 1.95 ? 10 GLN A HB3  2  
ATOM 344  H HG2  . GLN A 1 10 ? 2.223  -5.503  5.712   1.00 3.27 ? 10 GLN A HG2  2  
ATOM 345  H HG3  . GLN A 1 10 ? 2.658  -6.584  4.390   1.00 3.31 ? 10 GLN A HG3  2  
ATOM 346  H HE21 . GLN A 1 10 ? 4.645  -6.358  3.385   1.00 3.60 ? 10 GLN A HE21 2  
ATOM 347  H HE22 . GLN A 1 10 ? 5.944  -5.486  4.129   1.00 4.52 ? 10 GLN A HE22 2  
ATOM 348  N N    . LYS A 1 11 ? 1.692  -6.309  0.786   1.00 1.77 ? 11 LYS A N    2  
ATOM 349  C CA   . LYS A 1 11 ? 1.549  -7.632  0.166   1.00 2.28 ? 11 LYS A CA   2  
ATOM 350  C C    . LYS A 1 11 ? 1.178  -8.689  1.201   1.00 2.91 ? 11 LYS A C    2  
ATOM 351  O O    . LYS A 1 11 ? 1.336  -9.889  0.961   1.00 3.43 ? 11 LYS A O    2  
ATOM 352  C CB   . LYS A 1 11 ? 2.829  -8.068  -0.569  1.00 2.82 ? 11 LYS A CB   2  
ATOM 353  C CG   . LYS A 1 11 ? 3.109  -7.307  -1.858  1.00 3.38 ? 11 LYS A CG   2  
ATOM 354  C CD   . LYS A 1 11 ? 3.675  -5.921  -1.600  1.00 4.36 ? 11 LYS A CD   2  
ATOM 355  C CE   . LYS A 1 11 ? 5.088  -5.980  -1.042  1.00 5.17 ? 11 LYS A CE   2  
ATOM 356  N NZ   . LYS A 1 11 ? 5.671  -4.624  -0.873  1.00 6.02 ? 11 LYS A NZ   2  
ATOM 357  H H    . LYS A 1 11 ? 1.114  -5.573  0.466   1.00 1.46 ? 11 LYS A H    2  
ATOM 358  H HA   . LYS A 1 11 ? 0.746  -7.567  -0.552  1.00 2.55 ? 11 LYS A HA   2  
ATOM 359  H HB2  . LYS A 1 11 ? 3.670  -7.928  0.093   1.00 3.16 ? 11 LYS A HB2  2  
ATOM 360  H HB3  . LYS A 1 11 ? 2.747  -9.118  -0.809  1.00 3.14 ? 11 LYS A HB3  2  
ATOM 361  H HG2  . LYS A 1 11 ? 3.823  -7.866  -2.444  1.00 3.25 ? 11 LYS A HG2  2  
ATOM 362  H HG3  . LYS A 1 11 ? 2.188  -7.211  -2.412  1.00 3.76 ? 11 LYS A HG3  2  
ATOM 363  H HD2  . LYS A 1 11 ? 3.689  -5.368  -2.526  1.00 4.73 ? 11 LYS A HD2  2  
ATOM 364  H HD3  . LYS A 1 11 ? 3.041  -5.415  -0.885  1.00 4.51 ? 11 LYS A HD3  2  
ATOM 365  H HE2  . LYS A 1 11 ? 5.062  -6.473  -0.082  1.00 5.45 ? 11 LYS A HE2  2  
ATOM 366  H HE3  . LYS A 1 11 ? 5.706  -6.547  -1.721  1.00 5.19 ? 11 LYS A HE3  2  
ATOM 367  H HZ1  . LYS A 1 11 ? 5.819  -4.179  -1.801  1.00 6.28 ? 11 LYS A HZ1  2  
ATOM 368  H HZ2  . LYS A 1 11 ? 6.582  -4.685  -0.380  1.00 6.48 ? 11 LYS A HZ2  2  
ATOM 369  H HZ3  . LYS A 1 11 ? 5.025  -4.026  -0.314  1.00 6.21 ? 11 LYS A HZ3  2  
ATOM 370  N N    . ASN A 1 12 ? 0.672  -8.244  2.341   1.00 3.38 ? 12 ASN A N    2  
ATOM 371  C CA   . ASN A 1 12 ? 0.364  -9.141  3.442   1.00 4.48 ? 12 ASN A CA   2  
ATOM 372  C C    . ASN A 1 12 ? -0.785 -8.580  4.267   1.00 5.03 ? 12 ASN A C    2  
ATOM 373  O O    . ASN A 1 12 ? -1.948 -8.934  3.983   1.00 5.37 ? 12 ASN A O    2  
ATOM 374  C CB   . ASN A 1 12 ? 1.604  -9.344  4.320   1.00 5.23 ? 12 ASN A CB   2  
ATOM 375  C CG   . ASN A 1 12 ? 1.390  -10.390 5.396   1.00 6.47 ? 12 ASN A CG   2  
ATOM 376  O OD1  . ASN A 1 12 ? 0.957  -10.080 6.507   1.00 7.00 ? 12 ASN A OD1  2  
ATOM 377  N ND2  . ASN A 1 12 ? 1.692  -11.638 5.079   1.00 7.19 ? 12 ASN A ND2  2  
ATOM 378  O OXT  . ASN A 1 12 ? -0.530 -7.765  5.179   1.00 5.49 ? 12 ASN A OXT  2  
ATOM 379  H H    . ASN A 1 12 ? 0.493  -7.285  2.443   1.00 3.25 ? 12 ASN A H    2  
ATOM 380  H HA   . ASN A 1 12 ? 0.063  -10.091 3.025   1.00 4.74 ? 12 ASN A HA   2  
ATOM 381  H HB2  . ASN A 1 12 ? 2.429  -9.656  3.698   1.00 5.17 ? 12 ASN A HB2  2  
ATOM 382  H HB3  . ASN A 1 12 ? 1.857  -8.407  4.797   1.00 5.25 ? 12 ASN A HB3  2  
ATOM 383  H HD21 . ASN A 1 12 ? 2.035  -11.818 4.174   1.00 6.98 ? 12 ASN A HD21 2  
ATOM 384  H HD22 . ASN A 1 12 ? 1.570  -12.333 5.759   1.00 8.04 ? 12 ASN A HD22 2  
ATOM 385  N N    . ARG A 1 1  ? 4.529  7.885   -2.270  1.00 3.89 ? 1  ARG A N    3  
ATOM 386  C CA   . ARG A 1 1  ? 3.238  7.183   -2.093  1.00 3.38 ? 1  ARG A CA   3  
ATOM 387  C C    . ARG A 1 1  ? 3.363  6.121   -1.009  1.00 2.30 ? 1  ARG A C    3  
ATOM 388  O O    . ARG A 1 1  ? 3.940  5.060   -1.236  1.00 2.51 ? 1  ARG A O    3  
ATOM 389  C CB   . ARG A 1 1  ? 2.803  6.518   -3.403  1.00 4.31 ? 1  ARG A CB   3  
ATOM 390  C CG   . ARG A 1 1  ? 2.635  7.485   -4.561  1.00 5.04 ? 1  ARG A CG   3  
ATOM 391  C CD   . ARG A 1 1  ? 2.252  6.753   -5.835  1.00 5.93 ? 1  ARG A CD   3  
ATOM 392  N NE   . ARG A 1 1  ? 2.102  7.661   -6.968  1.00 6.73 ? 1  ARG A NE   3  
ATOM 393  C CZ   . ARG A 1 1  ? 1.730  7.273   -8.186  1.00 7.76 ? 1  ARG A CZ   3  
ATOM 394  N NH1  . ARG A 1 1  ? 1.468  5.997   -8.430  1.00 8.16 ? 1  ARG A NH1  3  
ATOM 395  N NH2  . ARG A 1 1  ? 1.624  8.162   -9.162  1.00 8.60 ? 1  ARG A NH2  3  
ATOM 396  H H1   . ARG A 1 1  ? 4.443  8.621   -2.997  1.00 4.26 ? 1  ARG A H1   3  
ATOM 397  H H2   . ARG A 1 1  ? 5.264  7.211   -2.562  1.00 3.94 ? 1  ARG A H2   3  
ATOM 398  H H3   . ARG A 1 1  ? 4.819  8.328   -1.374  1.00 4.27 ? 1  ARG A H3   3  
ATOM 399  H HA   . ARG A 1 1  ? 2.494  7.906   -1.796  1.00 3.64 ? 1  ARG A HA   3  
ATOM 400  H HB2  . ARG A 1 1  ? 3.542  5.784   -3.682  1.00 4.74 ? 1  ARG A HB2  3  
ATOM 401  H HB3  . ARG A 1 1  ? 1.857  6.019   -3.239  1.00 4.54 ? 1  ARG A HB3  3  
ATOM 402  H HG2  . ARG A 1 1  ? 1.859  8.195   -4.317  1.00 5.33 ? 1  ARG A HG2  3  
ATOM 403  H HG3  . ARG A 1 1  ? 3.566  8.007   -4.721  1.00 5.05 ? 1  ARG A HG3  3  
ATOM 404  H HD2  . ARG A 1 1  ? 3.021  6.032   -6.065  1.00 6.03 ? 1  ARG A HD2  3  
ATOM 405  H HD3  . ARG A 1 1  ? 1.316  6.239   -5.670  1.00 6.20 ? 1  ARG A HD3  3  
ATOM 406  H HE   . ARG A 1 1  ? 2.296  8.613   -6.811  1.00 6.65 ? 1  ARG A HE   3  
ATOM 407  H HH11 . ARG A 1 1  ? 1.550  5.314   -7.699  1.00 7.74 ? 1  ARG A HH11 3  
ATOM 408  H HH12 . ARG A 1 1  ? 1.192  5.704   -9.350  1.00 9.02 ? 1  ARG A HH12 3  
ATOM 409  H HH21 . ARG A 1 1  ? 1.828  9.128   -8.988  1.00 8.53 ? 1  ARG A HH21 3  
ATOM 410  H HH22 . ARG A 1 1  ? 1.340  7.875   -10.079 1.00 9.42 ? 1  ARG A HH22 3  
ATOM 411  N N    . LYS A 1 2  ? 2.822  6.404   0.167   1.00 1.85 ? 2  LYS A N    3  
ATOM 412  C CA   . LYS A 1 2  ? 2.892  5.463   1.277   1.00 1.47 ? 2  LYS A CA   3  
ATOM 413  C C    . LYS A 1 2  ? 1.733  4.474   1.220   1.00 1.21 ? 2  LYS A C    3  
ATOM 414  O O    . LYS A 1 2  ? 1.795  3.395   1.813   1.00 1.99 ? 2  LYS A O    3  
ATOM 415  C CB   . LYS A 1 2  ? 2.912  6.206   2.616   1.00 2.41 ? 2  LYS A CB   3  
ATOM 416  C CG   . LYS A 1 2  ? 1.713  7.113   2.842   1.00 3.34 ? 2  LYS A CG   3  
ATOM 417  C CD   . LYS A 1 2  ? 1.804  7.840   4.175   1.00 4.07 ? 2  LYS A CD   3  
ATOM 418  C CE   . LYS A 1 2  ? 2.975  8.799   4.222   1.00 4.97 ? 2  LYS A CE   3  
ATOM 419  N NZ   . LYS A 1 2  ? 2.832  9.906   3.242   1.00 5.50 ? 2  LYS A NZ   3  
ATOM 420  H H    . LYS A 1 2  ? 2.370  7.269   0.293   1.00 2.45 ? 2  LYS A H    3  
ATOM 421  H HA   . LYS A 1 2  ? 3.812  4.911   1.172   1.00 1.77 ? 2  LYS A HA   3  
ATOM 422  H HB2  . LYS A 1 2  ? 2.939  5.479   3.414   1.00 2.69 ? 2  LYS A HB2  3  
ATOM 423  H HB3  . LYS A 1 2  ? 3.806  6.808   2.662   1.00 2.89 ? 2  LYS A HB3  3  
ATOM 424  H HG2  . LYS A 1 2  ? 1.672  7.842   2.046   1.00 3.74 ? 2  LYS A HG2  3  
ATOM 425  H HG3  . LYS A 1 2  ? 0.815  6.514   2.828   1.00 3.54 ? 2  LYS A HG3  3  
ATOM 426  H HD2  . LYS A 1 2  ? 0.894  8.395   4.332   1.00 4.12 ? 2  LYS A HD2  3  
ATOM 427  H HD3  . LYS A 1 2  ? 1.922  7.115   4.963   1.00 4.36 ? 2  LYS A HD3  3  
ATOM 428  H HE2  . LYS A 1 2  ? 3.032  9.212   5.213   1.00 5.25 ? 2  LYS A HE2  3  
ATOM 429  H HE3  . LYS A 1 2  ? 3.881  8.254   4.009   1.00 5.34 ? 2  LYS A HE3  3  
ATOM 430  H HZ1  . LYS A 1 2  ? 3.645  10.553  3.312   1.00 5.93 ? 2  LYS A HZ1  3  
ATOM 431  H HZ2  . LYS A 1 2  ? 1.961  10.442  3.430   1.00 5.84 ? 2  LYS A HZ2  3  
ATOM 432  H HZ3  . LYS A 1 2  ? 2.790  9.527   2.276   1.00 5.49 ? 2  LYS A HZ3  3  
ATOM 433  N N    . VAL A 1 3  ? 0.687  4.844   0.499   1.00 1.00 ? 3  VAL A N    3  
ATOM 434  C CA   . VAL A 1 3  ? -0.460 3.971   0.292   1.00 0.81 ? 3  VAL A CA   3  
ATOM 435  C C    . VAL A 1 3  ? -0.910 3.991   -1.181  1.00 0.68 ? 3  VAL A C    3  
ATOM 436  O O    . VAL A 1 3  ? -1.999 4.473   -1.496  1.00 0.89 ? 3  VAL A O    3  
ATOM 437  C CB   . VAL A 1 3  ? -1.654 4.356   1.204   1.00 1.19 ? 3  VAL A CB   3  
ATOM 438  C CG1  . VAL A 1 3  ? -1.391 3.932   2.639   1.00 1.82 ? 3  VAL A CG1  3  
ATOM 439  C CG2  . VAL A 1 3  ? -1.933 5.852   1.147   1.00 2.01 ? 3  VAL A CG2  3  
ATOM 440  H H    . VAL A 1 3  ? 0.685  5.730   0.089   1.00 1.64 ? 3  VAL A H    3  
ATOM 441  H HA   . VAL A 1 3  ? -0.153 2.966   0.552   1.00 0.76 ? 3  VAL A HA   3  
ATOM 442  H HB   . VAL A 1 3  ? -2.532 3.833   0.853   1.00 1.55 ? 3  VAL A HB   3  
ATOM 443  H HG11 . VAL A 1 3  ? -1.264 2.861   2.682   1.00 2.34 ? 3  VAL A HG11 3  
ATOM 444  H HG12 . VAL A 1 3  ? -2.227 4.220   3.258   1.00 2.13 ? 3  VAL A HG12 3  
ATOM 445  H HG13 . VAL A 1 3  ? -0.496 4.414   2.997   1.00 2.32 ? 3  VAL A HG13 3  
ATOM 446  H HG21 . VAL A 1 3  ? -2.145 6.139   0.128   1.00 2.50 ? 3  VAL A HG21 3  
ATOM 447  H HG22 . VAL A 1 3  ? -1.068 6.393   1.501   1.00 2.45 ? 3  VAL A HG22 3  
ATOM 448  H HG23 . VAL A 1 3  ? -2.782 6.084   1.772   1.00 2.50 ? 3  VAL A HG23 3  
ATOM 449  N N    . PRO A 1 4  ? -0.066 3.493   -2.114  1.00 0.61 ? 4  PRO A N    3  
ATOM 450  C CA   . PRO A 1 4  ? -0.421 3.407   -3.539  1.00 0.79 ? 4  PRO A CA   3  
ATOM 451  C C    . PRO A 1 4  ? -1.728 2.647   -3.778  1.00 0.95 ? 4  PRO A C    3  
ATOM 452  O O    . PRO A 1 4  ? -2.699 3.205   -4.291  1.00 1.76 ? 4  PRO A O    3  
ATOM 453  C CB   . PRO A 1 4  ? 0.763  2.657   -4.173  1.00 0.96 ? 4  PRO A CB   3  
ATOM 454  C CG   . PRO A 1 4  ? 1.526  2.076   -3.030  1.00 0.77 ? 4  PRO A CG   3  
ATOM 455  C CD   . PRO A 1 4  ? 1.300  3.004   -1.873  1.00 0.75 ? 4  PRO A CD   3  
ATOM 456  H HA   . PRO A 1 4  ? -0.500 4.391   -3.980  1.00 0.96 ? 4  PRO A HA   3  
ATOM 457  H HB2  . PRO A 1 4  ? 0.391  1.883   -4.827  1.00 1.24 ? 4  PRO A HB2  3  
ATOM 458  H HB3  . PRO A 1 4  ? 1.368  3.349   -4.739  1.00 1.15 ? 4  PRO A HB3  3  
ATOM 459  H HG2  . PRO A 1 4  ? 1.150  1.091   -2.800  1.00 0.85 ? 4  PRO A HG2  3  
ATOM 460  H HG3  . PRO A 1 4  ? 2.577  2.030   -3.274  1.00 0.94 ? 4  PRO A HG3  3  
ATOM 461  H HD2  . PRO A 1 4  ? 1.364  2.468   -0.938  1.00 0.90 ? 4  PRO A HD2  3  
ATOM 462  H HD3  . PRO A 1 4  ? 2.010  3.816   -1.893  1.00 0.98 ? 4  PRO A HD3  3  
ATOM 463  N N    . THR A 1 5  ? -1.750 1.376   -3.398  1.00 1.01 ? 5  THR A N    3  
ATOM 464  C CA   . THR A 1 5  ? -2.943 0.554   -3.537  1.00 1.21 ? 5  THR A CA   3  
ATOM 465  C C    . THR A 1 5  ? -3.889 0.750   -2.349  1.00 0.94 ? 5  THR A C    3  
ATOM 466  O O    . THR A 1 5  ? -3.683 1.646   -1.530  1.00 1.74 ? 5  THR A O    3  
ATOM 467  C CB   . THR A 1 5  ? -2.558 -0.929  -3.676  1.00 2.13 ? 5  THR A CB   3  
ATOM 468  O OG1  . THR A 1 5  ? -1.398 -1.206  -2.879  1.00 2.94 ? 5  THR A OG1  3  
ATOM 469  C CG2  . THR A 1 5  ? -2.278 -1.282  -5.127  1.00 2.63 ? 5  THR A CG2  3  
ATOM 470  H H    . THR A 1 5  ? -0.942 0.977   -3.015  1.00 1.52 ? 5  THR A H    3  
ATOM 471  H HA   . THR A 1 5  ? -3.450 0.858   -4.441  1.00 1.41 ? 5  THR A HA   3  
ATOM 472  H HB   . THR A 1 5  ? -3.379 -1.537  -3.325  1.00 2.46 ? 5  THR A HB   3  
ATOM 473  H HG1  . THR A 1 5  ? -1.161 -2.145  -2.969  1.00 3.36 ? 5  THR A HG1  3  
ATOM 474  H HG21 . THR A 1 5  ? -2.012 -2.326  -5.198  1.00 3.00 ? 5  THR A HG21 3  
ATOM 475  H HG22 . THR A 1 5  ? -1.462 -0.677  -5.493  1.00 2.71 ? 5  THR A HG22 3  
ATOM 476  H HG23 . THR A 1 5  ? -3.160 -1.094  -5.720  1.00 3.14 ? 5  THR A HG23 3  
ATOM 477  N N    . GLY A 1 6  ? -4.933 -0.061  -2.264  1.00 0.93 ? 6  GLY A N    3  
ATOM 478  C CA   . GLY A 1 6  ? -5.877 0.073   -1.173  1.00 1.30 ? 6  GLY A CA   3  
ATOM 479  C C    . GLY A 1 6  ? -5.447 -0.676  0.074   1.00 0.91 ? 6  GLY A C    3  
ATOM 480  O O    . GLY A 1 6  ? -4.985 -0.074  1.043   1.00 1.67 ? 6  GLY A O    3  
ATOM 481  H H    . GLY A 1 6  ? -5.074 -0.748  -2.948  1.00 1.46 ? 6  GLY A H    3  
ATOM 482  H HA2  . GLY A 1 6  ? -5.978 1.122   -0.931  1.00 1.85 ? 6  GLY A HA2  3  
ATOM 483  H HA3  . GLY A 1 6  ? -6.835 -0.305  -1.494  1.00 1.96 ? 6  GLY A HA3  3  
ATOM 484  N N    . SER A 1 7  ? -5.592 -1.992  0.041   1.00 0.94 ? 7  SER A N    3  
ATOM 485  C CA   . SER A 1 7  ? -5.315 -2.825  1.202   1.00 1.39 ? 7  SER A CA   3  
ATOM 486  C C    . SER A 1 7  ? -3.827 -3.152  1.310   1.00 1.37 ? 7  SER A C    3  
ATOM 487  O O    . SER A 1 7  ? -3.268 -3.812  0.431   1.00 2.27 ? 7  SER A O    3  
ATOM 488  C CB   . SER A 1 7  ? -6.133 -4.113  1.106   1.00 2.10 ? 7  SER A CB   3  
ATOM 489  O OG   . SER A 1 7  ? -7.511 -3.820  0.928   1.00 2.59 ? 7  SER A OG   3  
ATOM 490  H H    . SER A 1 7  ? -5.888 -2.420  -0.790  1.00 1.49 ? 7  SER A H    3  
ATOM 491  H HA   . SER A 1 7  ? -5.619 -2.280  2.083   1.00 1.61 ? 7  SER A HA   3  
ATOM 492  H HB2  . SER A 1 7  ? -5.791 -4.693  0.264   1.00 2.47 ? 7  SER A HB2  3  
ATOM 493  H HB3  . SER A 1 7  ? -6.012 -4.685  2.013   1.00 2.60 ? 7  SER A HB3  3  
ATOM 494  H HG   . SER A 1 7  ? -7.839 -3.360  1.711   1.00 2.85 ? 7  SER A HG   3  
ATOM 495  N N    . ASN A 1 8  ? -3.204 -2.681  2.395   1.00 0.84 ? 8  ASN A N    3  
ATOM 496  C CA   . ASN A 1 8  ? -1.786 -2.942  2.670   1.00 0.87 ? 8  ASN A CA   3  
ATOM 497  C C    . ASN A 1 8  ? -0.912 -2.607  1.465   1.00 0.68 ? 8  ASN A C    3  
ATOM 498  O O    . ASN A 1 8  ? -0.342 -3.501  0.830   1.00 0.88 ? 8  ASN A O    3  
ATOM 499  C CB   . ASN A 1 8  ? -1.578 -4.408  3.071   1.00 1.18 ? 8  ASN A CB   3  
ATOM 500  C CG   . ASN A 1 8  ? -2.235 -4.750  4.394   1.00 2.01 ? 8  ASN A CG   3  
ATOM 501  O OD1  . ASN A 1 8  ? -2.316 -3.915  5.294   1.00 2.80 ? 8  ASN A OD1  3  
ATOM 502  N ND2  . ASN A 1 8  ? -2.716 -5.977  4.519   1.00 2.52 ? 8  ASN A ND2  3  
ATOM 503  H H    . ASN A 1 8  ? -3.714 -2.138  3.031   1.00 1.19 ? 8  ASN A H    3  
ATOM 504  H HA   . ASN A 1 8  ? -1.491 -2.313  3.496   1.00 1.08 ? 8  ASN A HA   3  
ATOM 505  H HB2  . ASN A 1 8  ? -1.999 -5.045  2.307   1.00 1.47 ? 8  ASN A HB2  3  
ATOM 506  H HB3  . ASN A 1 8  ? -0.520 -4.604  3.153   1.00 1.55 ? 8  ASN A HB3  3  
ATOM 507  H HD21 . ASN A 1 8  ? -2.622 -6.590  3.759   1.00 2.54 ? 8  ASN A HD21 3  
ATOM 508  H HD22 . ASN A 1 8  ? -3.152 -6.221  5.361   1.00 3.21 ? 8  ASN A HD22 3  
ATOM 509  N N    . PRO A 1 9  ? -0.789 -1.316  1.123   1.00 0.87 ? 9  PRO A N    3  
ATOM 510  C CA   . PRO A 1 9  ? -0.056 -0.883  -0.053  1.00 0.93 ? 9  PRO A CA   3  
ATOM 511  C C    . PRO A 1 9  ? 1.441  -0.815  0.204   1.00 0.96 ? 9  PRO A C    3  
ATOM 512  O O    . PRO A 1 9  ? 2.029  0.265   0.296   1.00 1.45 ? 9  PRO A O    3  
ATOM 513  C CB   . PRO A 1 9  ? -0.636 0.512   -0.334  1.00 1.59 ? 9  PRO A CB   3  
ATOM 514  C CG   . PRO A 1 9  ? -1.730 0.702   0.665   1.00 2.06 ? 9  PRO A CG   3  
ATOM 515  C CD   . PRO A 1 9  ? -1.354 -0.158  1.822   1.00 1.44 ? 9  PRO A CD   3  
ATOM 516  H HA   . PRO A 1 9  ? -0.241 -1.532  -0.896  1.00 0.99 ? 9  PRO A HA   3  
ATOM 517  H HB2  . PRO A 1 9  ? 0.139  1.251   -0.214  1.00 1.77 ? 9  PRO A HB2  3  
ATOM 518  H HB3  . PRO A 1 9  ? -1.016 0.547   -1.344  1.00 1.77 ? 9  PRO A HB3  3  
ATOM 519  H HG2  . PRO A 1 9  ? -1.784 1.738   0.967   1.00 2.49 ? 9  PRO A HG2  3  
ATOM 520  H HG3  . PRO A 1 9  ? -2.674 0.380   0.248   1.00 2.62 ? 9  PRO A HG3  3  
ATOM 521  H HD2  . PRO A 1 9  ? -0.611 0.345   2.426   1.00 1.40 ? 9  PRO A HD2  3  
ATOM 522  H HD3  . PRO A 1 9  ? -2.220 -0.433  2.405   1.00 1.71 ? 9  PRO A HD3  3  
ATOM 523  N N    . GLN A 1 10 ? 2.046  -1.986  0.344   1.00 1.00 ? 10 GLN A N    3  
ATOM 524  C CA   . GLN A 1 10 ? 3.491  -2.096  0.476   1.00 1.62 ? 10 GLN A CA   3  
ATOM 525  C C    . GLN A 1 10 ? 4.171  -1.681  -0.828  1.00 1.92 ? 10 GLN A C    3  
ATOM 526  O O    . GLN A 1 10 ? 5.341  -1.301  -0.839  1.00 2.47 ? 10 GLN A O    3  
ATOM 527  C CB   . GLN A 1 10 ? 3.880  -3.524  0.902   1.00 2.07 ? 10 GLN A CB   3  
ATOM 528  C CG   . GLN A 1 10 ? 3.136  -4.640  0.169   1.00 2.87 ? 10 GLN A CG   3  
ATOM 529  C CD   . GLN A 1 10 ? 3.687  -4.924  -1.211  1.00 3.51 ? 10 GLN A CD   3  
ATOM 530  O OE1  . GLN A 1 10 ? 4.879  -4.764  -1.457  1.00 4.11 ? 10 GLN A OE1  3  
ATOM 531  N NE2  . GLN A 1 10 ? 2.820  -5.339  -2.124  1.00 3.83 ? 10 GLN A NE2  3  
ATOM 532  H H    . GLN A 1 10 ? 1.496  -2.799  0.381   1.00 0.91 ? 10 GLN A H    3  
ATOM 533  H HA   . GLN A 1 10 ? 3.796  -1.409  1.250   1.00 1.80 ? 10 GLN A HA   3  
ATOM 534  H HB2  . GLN A 1 10 ? 4.935  -3.659  0.729   1.00 2.58 ? 10 GLN A HB2  3  
ATOM 535  H HB3  . GLN A 1 10 ? 3.686  -3.630  1.960   1.00 1.95 ? 10 GLN A HB3  3  
ATOM 536  H HG2  . GLN A 1 10 ? 3.205  -5.544  0.756   1.00 3.27 ? 10 GLN A HG2  3  
ATOM 537  H HG3  . GLN A 1 10 ? 2.098  -4.357  0.076   1.00 3.31 ? 10 GLN A HG3  3  
ATOM 538  H HE21 . GLN A 1 10 ? 1.878  -5.441  -1.861  1.00 3.60 ? 10 GLN A HE21 3  
ATOM 539  H HE22 . GLN A 1 10 ? 3.156  -5.545  -3.025  1.00 4.52 ? 10 GLN A HE22 3  
ATOM 540  N N    . LYS A 1 11 ? 3.397  -1.750  -1.910  1.00 1.77 ? 11 LYS A N    3  
ATOM 541  C CA   . LYS A 1 11 ? 3.795  -1.257  -3.232  1.00 2.28 ? 11 LYS A CA   3  
ATOM 542  C C    . LYS A 1 11 ? 2.715  -1.638  -4.233  1.00 2.91 ? 11 LYS A C    3  
ATOM 543  O O    . LYS A 1 11 ? 2.442  -0.912  -5.187  1.00 3.43 ? 11 LYS A O    3  
ATOM 544  C CB   . LYS A 1 11 ? 5.165  -1.795  -3.688  1.00 2.82 ? 11 LYS A CB   3  
ATOM 545  C CG   . LYS A 1 11 ? 5.193  -3.273  -4.048  1.00 3.38 ? 11 LYS A CG   3  
ATOM 546  C CD   . LYS A 1 11 ? 6.595  -3.713  -4.445  1.00 4.36 ? 11 LYS A CD   3  
ATOM 547  C CE   . LYS A 1 11 ? 6.637  -5.175  -4.864  1.00 5.17 ? 11 LYS A CE   3  
ATOM 548  N NZ   . LYS A 1 11 ? 5.806  -5.435  -6.069  1.00 6.02 ? 11 LYS A NZ   3  
ATOM 549  H H    . LYS A 1 11 ? 2.499  -2.134  -1.812  1.00 1.46 ? 11 LYS A H    3  
ATOM 550  H HA   . LYS A 1 11 ? 3.841  -0.177  -3.174  1.00 2.55 ? 11 LYS A HA   3  
ATOM 551  H HB2  . LYS A 1 11 ? 5.479  -1.238  -4.559  1.00 3.16 ? 11 LYS A HB2  3  
ATOM 552  H HB3  . LYS A 1 11 ? 5.881  -1.627  -2.897  1.00 3.14 ? 11 LYS A HB3  3  
ATOM 553  H HG2  . LYS A 1 11 ? 4.875  -3.850  -3.193  1.00 3.25 ? 11 LYS A HG2  3  
ATOM 554  H HG3  . LYS A 1 11 ? 4.520  -3.448  -4.875  1.00 3.76 ? 11 LYS A HG3  3  
ATOM 555  H HD2  . LYS A 1 11 ? 6.929  -3.105  -5.273  1.00 4.73 ? 11 LYS A HD2  3  
ATOM 556  H HD3  . LYS A 1 11 ? 7.255  -3.570  -3.604  1.00 4.51 ? 11 LYS A HD3  3  
ATOM 557  H HE2  . LYS A 1 11 ? 7.661  -5.443  -5.081  1.00 5.45 ? 11 LYS A HE2  3  
ATOM 558  H HE3  . LYS A 1 11 ? 6.271  -5.781  -4.048  1.00 5.19 ? 11 LYS A HE3  3  
ATOM 559  H HZ1  . LYS A 1 11 ? 4.801  -5.289  -5.850  1.00 6.28 ? 11 LYS A HZ1  3  
ATOM 560  H HZ2  . LYS A 1 11 ? 5.941  -6.412  -6.395  1.00 6.48 ? 11 LYS A HZ2  3  
ATOM 561  H HZ3  . LYS A 1 11 ? 6.077  -4.788  -6.839  1.00 6.21 ? 11 LYS A HZ3  3  
ATOM 562  N N    . ASN A 1 12 ? 2.098  -2.786  -3.984  1.00 3.38 ? 12 ASN A N    3  
ATOM 563  C CA   . ASN A 1 12 ? 0.978  -3.260  -4.780  1.00 4.48 ? 12 ASN A CA   3  
ATOM 564  C C    . ASN A 1 12 ? 0.144  -4.216  -3.938  1.00 5.03 ? 12 ASN A C    3  
ATOM 565  O O    . ASN A 1 12 ? 0.295  -5.443  -4.096  1.00 5.37 ? 12 ASN A O    3  
ATOM 566  C CB   . ASN A 1 12 ? 1.473  -3.964  -6.047  1.00 5.23 ? 12 ASN A CB   3  
ATOM 567  C CG   . ASN A 1 12 ? 0.344  -4.403  -6.968  1.00 6.47 ? 12 ASN A CG   3  
ATOM 568  O OD1  . ASN A 1 12 ? 0.447  -5.425  -7.642  1.00 7.00 ? 12 ASN A OD1  3  
ATOM 569  N ND2  . ASN A 1 12 ? -0.725 -3.626  -7.023  1.00 7.19 ? 12 ASN A ND2  3  
ATOM 570  O OXT  . ASN A 1 12 ? -0.614 -3.730  -3.075  1.00 5.49 ? 12 ASN A OXT  3  
ATOM 571  H H    . ASN A 1 12 ? 2.415  -3.344  -3.244  1.00 3.25 ? 12 ASN A H    3  
ATOM 572  H HA   . ASN A 1 12 ? 0.374  -2.408  -5.053  1.00 4.74 ? 12 ASN A HA   3  
ATOM 573  H HB2  . ASN A 1 12 ? 2.114  -3.291  -6.594  1.00 5.17 ? 12 ASN A HB2  3  
ATOM 574  H HB3  . ASN A 1 12 ? 2.039  -4.838  -5.765  1.00 5.25 ? 12 ASN A HB3  3  
ATOM 575  H HD21 . ASN A 1 12 ? -0.738 -2.813  -6.479  1.00 6.98 ? 12 ASN A HD21 3  
ATOM 576  H HD22 . ASN A 1 12 ? -1.463 -3.896  -7.610  1.00 8.04 ? 12 ASN A HD22 3  
ATOM 577  N N    . ARG A 1 1  ? 4.084  6.037   5.714   1.00 3.89 ? 1  ARG A N    4  
ATOM 578  C CA   . ARG A 1 1  ? 4.105  4.939   4.721   1.00 3.38 ? 1  ARG A CA   4  
ATOM 579  C C    . ARG A 1 1  ? 3.424  5.394   3.435   1.00 2.30 ? 1  ARG A C    4  
ATOM 580  O O    . ARG A 1 1  ? 2.645  6.350   3.445   1.00 2.51 ? 1  ARG A O    4  
ATOM 581  C CB   . ARG A 1 1  ? 3.410  3.682   5.283   1.00 4.31 ? 1  ARG A CB   4  
ATOM 582  C CG   . ARG A 1 1  ? 1.896  3.620   5.073   1.00 5.04 ? 1  ARG A CG   4  
ATOM 583  C CD   . ARG A 1 1  ? 1.153  4.728   5.805   1.00 5.93 ? 1  ARG A CD   4  
ATOM 584  N NE   . ARG A 1 1  ? 1.335  4.664   7.254   1.00 6.73 ? 1  ARG A NE   4  
ATOM 585  C CZ   . ARG A 1 1  ? 0.484  5.185   8.137   1.00 7.76 ? 1  ARG A CZ   4  
ATOM 586  N NH1  . ARG A 1 1  ? -0.624 5.783   7.720   1.00 8.16 ? 1  ARG A NH1  4  
ATOM 587  N NH2  . ARG A 1 1  ? 0.736  5.089   9.435   1.00 8.60 ? 1  ARG A NH2  4  
ATOM 588  H H1   . ARG A 1 1  ? 3.106  6.294   5.947   1.00 4.26 ? 1  ARG A H1   4  
ATOM 589  H H2   . ARG A 1 1  ? 4.562  6.875   5.329   1.00 3.94 ? 1  ARG A H2   4  
ATOM 590  H H3   . ARG A 1 1  ? 4.572  5.746   6.586   1.00 4.27 ? 1  ARG A H3   4  
ATOM 591  H HA   . ARG A 1 1  ? 5.138  4.704   4.503   1.00 3.64 ? 1  ARG A HA   4  
ATOM 592  H HB2  . ARG A 1 1  ? 3.844  2.812   4.817   1.00 4.74 ? 1  ARG A HB2  4  
ATOM 593  H HB3  . ARG A 1 1  ? 3.601  3.633   6.347   1.00 4.54 ? 1  ARG A HB3  4  
ATOM 594  H HG2  . ARG A 1 1  ? 1.691  3.706   4.018   1.00 5.33 ? 1  ARG A HG2  4  
ATOM 595  H HG3  . ARG A 1 1  ? 1.537  2.665   5.430   1.00 5.05 ? 1  ARG A HG3  4  
ATOM 596  H HD2  . ARG A 1 1  ? 1.517  5.680   5.451   1.00 6.03 ? 1  ARG A HD2  4  
ATOM 597  H HD3  . ARG A 1 1  ? 0.102  4.645   5.581   1.00 6.20 ? 1  ARG A HD3  4  
ATOM 598  H HE   . ARG A 1 1  ? 2.142  4.203   7.591   1.00 6.65 ? 1  ARG A HE   4  
ATOM 599  H HH11 . ARG A 1 1  ? -0.830 5.842   6.740   1.00 7.74 ? 1  ARG A HH11 4  
ATOM 600  H HH12 . ARG A 1 1  ? -1.267 6.177   8.383   1.00 9.02 ? 1  ARG A HH12 4  
ATOM 601  H HH21 . ARG A 1 1  ? 1.565  4.623   9.753   1.00 8.53 ? 1  ARG A HH21 4  
ATOM 602  H HH22 . ARG A 1 1  ? 0.099  5.479   10.107  1.00 9.42 ? 1  ARG A HH22 4  
ATOM 603  N N    . LYS A 1 2  ? 3.719  4.720   2.338   1.00 1.85 ? 2  LYS A N    4  
ATOM 604  C CA   . LYS A 1 2  ? 3.124  5.060   1.057   1.00 1.47 ? 2  LYS A CA   4  
ATOM 605  C C    . LYS A 1 2  ? 1.982  4.100   0.743   1.00 1.21 ? 2  LYS A C    4  
ATOM 606  O O    . LYS A 1 2  ? 2.161  2.882   0.768   1.00 1.99 ? 2  LYS A O    4  
ATOM 607  C CB   . LYS A 1 2  ? 4.181  5.017   -0.050  1.00 2.41 ? 2  LYS A CB   4  
ATOM 608  C CG   . LYS A 1 2  ? 3.646  5.414   -1.415  1.00 3.34 ? 2  LYS A CG   4  
ATOM 609  C CD   . LYS A 1 2  ? 4.729  5.368   -2.479  1.00 4.07 ? 2  LYS A CD   4  
ATOM 610  C CE   . LYS A 1 2  ? 4.170  5.660   -3.857  1.00 4.97 ? 2  LYS A CE   4  
ATOM 611  N NZ   . LYS A 1 2  ? 3.622  7.038   -3.961  1.00 5.50 ? 2  LYS A NZ   4  
ATOM 612  H H    . LYS A 1 2  ? 4.345  3.964   2.389   1.00 2.45 ? 2  LYS A H    4  
ATOM 613  H HA   . LYS A 1 2  ? 2.729  6.062   1.129   1.00 1.77 ? 2  LYS A HA   4  
ATOM 614  H HB2  . LYS A 1 2  ? 4.985  5.690   0.210   1.00 2.69 ? 2  LYS A HB2  4  
ATOM 615  H HB3  . LYS A 1 2  ? 4.574  4.012   -0.118  1.00 2.89 ? 2  LYS A HB3  4  
ATOM 616  H HG2  . LYS A 1 2  ? 2.858  4.738   -1.692  1.00 3.74 ? 2  LYS A HG2  4  
ATOM 617  H HG3  . LYS A 1 2  ? 3.256  6.418   -1.357  1.00 3.54 ? 2  LYS A HG3  4  
ATOM 618  H HD2  . LYS A 1 2  ? 5.480  6.105   -2.245  1.00 4.12 ? 2  LYS A HD2  4  
ATOM 619  H HD3  . LYS A 1 2  ? 5.175  4.387   -2.488  1.00 4.36 ? 2  LYS A HD3  4  
ATOM 620  H HE2  . LYS A 1 2  ? 4.964  5.541   -4.575  1.00 5.25 ? 2  LYS A HE2  4  
ATOM 621  H HE3  . LYS A 1 2  ? 3.384  4.951   -4.072  1.00 5.34 ? 2  LYS A HE3  4  
ATOM 622  H HZ1  . LYS A 1 2  ? 2.846  7.170   -3.281  1.00 5.93 ? 2  LYS A HZ1  4  
ATOM 623  H HZ2  . LYS A 1 2  ? 3.259  7.208   -4.918  1.00 5.84 ? 2  LYS A HZ2  4  
ATOM 624  H HZ3  . LYS A 1 2  ? 4.365  7.736   -3.761  1.00 5.49 ? 2  LYS A HZ3  4  
ATOM 625  N N    . VAL A 1 3  ? 0.814  4.649   0.451   1.00 1.00 ? 3  VAL A N    4  
ATOM 626  C CA   . VAL A 1 3  ? -0.366 3.838   0.199   1.00 0.81 ? 3  VAL A CA   4  
ATOM 627  C C    . VAL A 1 3  ? -1.011 4.183   -1.157  1.00 0.68 ? 3  VAL A C    4  
ATOM 628  O O    . VAL A 1 3  ? -1.960 4.964   -1.238  1.00 0.89 ? 3  VAL A O    4  
ATOM 629  C CB   . VAL A 1 3  ? -1.389 3.979   1.361   1.00 1.19 ? 3  VAL A CB   4  
ATOM 630  C CG1  . VAL A 1 3  ? -1.726 5.439   1.633   1.00 1.82 ? 3  VAL A CG1  4  
ATOM 631  C CG2  . VAL A 1 3  ? -2.651 3.168   1.085   1.00 2.01 ? 3  VAL A CG2  4  
ATOM 632  H H    . VAL A 1 3  ? 0.745  5.626   0.395   1.00 1.64 ? 3  VAL A H    4  
ATOM 633  H HA   . VAL A 1 3  ? -0.047 2.807   0.170   1.00 0.76 ? 3  VAL A HA   4  
ATOM 634  H HB   . VAL A 1 3  ? -0.930 3.579   2.253   1.00 1.55 ? 3  VAL A HB   4  
ATOM 635  H HG11 . VAL A 1 3  ? -0.829 5.969   1.915   1.00 2.34 ? 3  VAL A HG11 4  
ATOM 636  H HG12 . VAL A 1 3  ? -2.445 5.500   2.437   1.00 2.13 ? 3  VAL A HG12 4  
ATOM 637  H HG13 . VAL A 1 3  ? -2.143 5.886   0.744   1.00 2.32 ? 3  VAL A HG13 4  
ATOM 638  H HG21 . VAL A 1 3  ? -3.338 3.281   1.909   1.00 2.50 ? 3  VAL A HG21 4  
ATOM 639  H HG22 . VAL A 1 3  ? -2.390 2.126   0.974   1.00 2.45 ? 3  VAL A HG22 4  
ATOM 640  H HG23 . VAL A 1 3  ? -3.114 3.523   0.177   1.00 2.50 ? 3  VAL A HG23 4  
ATOM 641  N N    . PRO A 1 4  ? -0.472 3.625   -2.258  1.00 0.61 ? 4  PRO A N    4  
ATOM 642  C CA   . PRO A 1 4  ? -1.071 3.784   -3.583  1.00 0.79 ? 4  PRO A CA   4  
ATOM 643  C C    . PRO A 1 4  ? -2.348 2.957   -3.730  1.00 0.95 ? 4  PRO A C    4  
ATOM 644  O O    . PRO A 1 4  ? -3.387 3.464   -4.155  1.00 1.76 ? 4  PRO A O    4  
ATOM 645  C CB   . PRO A 1 4  ? 0.017  3.275   -4.534  1.00 0.96 ? 4  PRO A CB   4  
ATOM 646  C CG   . PRO A 1 4  ? 0.842  2.337   -3.720  1.00 0.77 ? 4  PRO A CG   4  
ATOM 647  C CD   . PRO A 1 4  ? 0.771  2.831   -2.300  1.00 0.75 ? 4  PRO A CD   4  
ATOM 648  H HA   . PRO A 1 4  ? -1.288 4.819   -3.797  1.00 0.96 ? 4  PRO A HA   4  
ATOM 649  H HB2  . PRO A 1 4  ? -0.444 2.770   -5.372  1.00 1.24 ? 4  PRO A HB2  4  
ATOM 650  H HB3  . PRO A 1 4  ? 0.603  4.109   -4.890  1.00 1.15 ? 4  PRO A HB3  4  
ATOM 651  H HG2  . PRO A 1 4  ? 0.438  1.338   -3.784  1.00 0.85 ? 4  PRO A HG2  4  
ATOM 652  H HG3  . PRO A 1 4  ? 1.863  2.351   -4.068  1.00 0.94 ? 4  PRO A HG3  4  
ATOM 653  H HD2  . PRO A 1 4  ? 0.720  1.998   -1.618  1.00 0.90 ? 4  PRO A HD2  4  
ATOM 654  H HD3  . PRO A 1 4  ? 1.625  3.446   -2.075  1.00 0.98 ? 4  PRO A HD3  4  
ATOM 655  N N    . THR A 1 5  ? -2.261 1.690   -3.362  1.00 1.01 ? 5  THR A N    4  
ATOM 656  C CA   . THR A 1 5  ? -3.387 0.784   -3.452  1.00 1.21 ? 5  THR A CA   4  
ATOM 657  C C    . THR A 1 5  ? -4.024 0.591   -2.080  1.00 0.94 ? 5  THR A C    4  
ATOM 658  O O    . THR A 1 5  ? -3.320 0.413   -1.084  1.00 1.74 ? 5  THR A O    4  
ATOM 659  C CB   . THR A 1 5  ? -2.930 -0.587  -3.983  1.00 2.13 ? 5  THR A CB   4  
ATOM 660  O OG1  . THR A 1 5  ? -1.936 -0.406  -4.998  1.00 2.94 ? 5  THR A OG1  4  
ATOM 661  C CG2  . THR A 1 5  ? -4.102 -1.362  -4.558  1.00 2.63 ? 5  THR A CG2  4  
ATOM 662  H H    . THR A 1 5  ? -1.411 1.351   -3.022  1.00 1.52 ? 5  THR A H    4  
ATOM 663  H HA   . THR A 1 5  ? -4.113 1.199   -4.134  1.00 1.41 ? 5  THR A HA   4  
ATOM 664  H HB   . THR A 1 5  ? -2.506 -1.152  -3.166  1.00 2.46 ? 5  THR A HB   4  
ATOM 665  H HG1  . THR A 1 5  ? -2.168 0.358   -5.544  1.00 3.36 ? 5  THR A HG1  4  
ATOM 666  H HG21 . THR A 1 5  ? -3.758 -2.321  -4.917  1.00 3.00 ? 5  THR A HG21 4  
ATOM 667  H HG22 . THR A 1 5  ? -4.533 -0.806  -5.376  1.00 2.71 ? 5  THR A HG22 4  
ATOM 668  H HG23 . THR A 1 5  ? -4.848 -1.510  -3.790  1.00 3.14 ? 5  THR A HG23 4  
ATOM 669  N N    . GLY A 1 6  ? -5.348 0.624   -2.027  1.00 0.93 ? 6  GLY A N    4  
ATOM 670  C CA   . GLY A 1 6  ? -6.046 0.387   -0.779  1.00 1.30 ? 6  GLY A CA   4  
ATOM 671  C C    . GLY A 1 6  ? -6.098 -1.088  -0.431  1.00 0.91 ? 6  GLY A C    4  
ATOM 672  O O    . GLY A 1 6  ? -7.171 -1.680  -0.356  1.00 1.67 ? 6  GLY A O    4  
ATOM 673  H H    . GLY A 1 6  ? -5.860 0.809   -2.845  1.00 1.46 ? 6  GLY A H    4  
ATOM 674  H HA2  . GLY A 1 6  ? -5.540 0.919   0.015   1.00 1.85 ? 6  GLY A HA2  4  
ATOM 675  H HA3  . GLY A 1 6  ? -7.056 0.760   -0.865  1.00 1.96 ? 6  GLY A HA3  4  
ATOM 676  N N    . SER A 1 7  ? -4.928 -1.688  -0.250  1.00 0.94 ? 7  SER A N    4  
ATOM 677  C CA   . SER A 1 7  ? -4.825 -3.101  0.085   1.00 1.39 ? 7  SER A CA   4  
ATOM 678  C C    . SER A 1 7  ? -3.590 -3.352  0.943   1.00 1.37 ? 7  SER A C    4  
ATOM 679  O O    . SER A 1 7  ? -2.974 -4.414  0.865   1.00 2.27 ? 7  SER A O    4  
ATOM 680  C CB   . SER A 1 7  ? -4.755 -3.943  -1.195  1.00 2.10 ? 7  SER A CB   4  
ATOM 681  O OG   . SER A 1 7  ? -5.859 -3.677  -2.043  1.00 2.59 ? 7  SER A OG   4  
ATOM 682  H H    . SER A 1 7  ? -4.104 -1.161  -0.349  1.00 1.49 ? 7  SER A H    4  
ATOM 683  H HA   . SER A 1 7  ? -5.707 -3.377  0.643   1.00 1.61 ? 7  SER A HA   4  
ATOM 684  H HB2  . SER A 1 7  ? -3.844 -3.709  -1.726  1.00 2.47 ? 7  SER A HB2  4  
ATOM 685  H HB3  . SER A 1 7  ? -4.759 -4.991  -0.934  1.00 2.60 ? 7  SER A HB3  4  
ATOM 686  H HG   . SER A 1 7  ? -6.403 -2.985  -1.647  1.00 2.85 ? 7  SER A HG   4  
ATOM 687  N N    . ASN A 1 8  ? -3.247 -2.354  1.760   1.00 0.84 ? 8  ASN A N    4  
ATOM 688  C CA   . ASN A 1 8  ? -2.044 -2.389  2.599   1.00 0.87 ? 8  ASN A CA   4  
ATOM 689  C C    . ASN A 1 8  ? -0.799 -2.655  1.754   1.00 0.68 ? 8  ASN A C    4  
ATOM 690  O O    . ASN A 1 8  ? -0.259 -3.761  1.752   1.00 0.88 ? 8  ASN A O    4  
ATOM 691  C CB   . ASN A 1 8  ? -2.173 -3.449  3.702   1.00 1.18 ? 8  ASN A CB   4  
ATOM 692  C CG   . ASN A 1 8  ? -1.053 -3.376  4.731   1.00 2.01 ? 8  ASN A CG   4  
ATOM 693  O OD1  . ASN A 1 8  ? 0.068  -2.963  4.431   1.00 2.80 ? 8  ASN A OD1  4  
ATOM 694  N ND2  . ASN A 1 8  ? -1.345 -3.783  5.956   1.00 2.52 ? 8  ASN A ND2  4  
ATOM 695  H H    . ASN A 1 8  ? -3.832 -1.570  1.814   1.00 1.19 ? 8  ASN A H    4  
ATOM 696  H HA   . ASN A 1 8  ? -1.941 -1.417  3.060   1.00 1.08 ? 8  ASN A HA   4  
ATOM 697  H HB2  . ASN A 1 8  ? -3.114 -3.310  4.215   1.00 1.47 ? 8  ASN A HB2  4  
ATOM 698  H HB3  . ASN A 1 8  ? -2.157 -4.429  3.251   1.00 1.55 ? 8  ASN A HB3  4  
ATOM 699  H HD21 . ASN A 1 8  ? -2.255 -4.106  6.134   1.00 2.54 ? 8  ASN A HD21 4  
ATOM 700  H HD22 . ASN A 1 8  ? -0.642 -3.731  6.639   1.00 3.21 ? 8  ASN A HD22 4  
ATOM 701  N N    . PRO A 1 9  ? -0.323 -1.643  1.019   1.00 0.87 ? 9  PRO A N    4  
ATOM 702  C CA   . PRO A 1 9  ? 0.846  -1.770  0.163   1.00 0.93 ? 9  PRO A CA   4  
ATOM 703  C C    . PRO A 1 9  ? 2.131  -1.395  0.892   1.00 0.96 ? 9  PRO A C    4  
ATOM 704  O O    . PRO A 1 9  ? 3.049  -0.824  0.310   1.00 1.45 ? 9  PRO A O    4  
ATOM 705  C CB   . PRO A 1 9  ? 0.527  -0.771  -0.942  1.00 1.59 ? 9  PRO A CB   4  
ATOM 706  C CG   . PRO A 1 9  ? -0.176 0.336   -0.231  1.00 2.06 ? 9  PRO A CG   4  
ATOM 707  C CD   . PRO A 1 9  ? -0.886 -0.282  0.951   1.00 1.44 ? 9  PRO A CD   4  
ATOM 708  H HA   . PRO A 1 9  ? 0.940  -2.762  -0.248  1.00 0.99 ? 9  PRO A HA   4  
ATOM 709  H HB2  . PRO A 1 9  ? 1.440  -0.430  -1.408  1.00 1.77 ? 9  PRO A HB2  4  
ATOM 710  H HB3  . PRO A 1 9  ? -0.113 -1.234  -1.678  1.00 1.77 ? 9  PRO A HB3  4  
ATOM 711  H HG2  . PRO A 1 9  ? 0.548  1.059   0.111   1.00 2.49 ? 9  PRO A HG2  4  
ATOM 712  H HG3  . PRO A 1 9  ? -0.891 0.803   -0.894  1.00 2.62 ? 9  PRO A HG3  4  
ATOM 713  H HD2  . PRO A 1 9  ? -0.665 0.275   1.850   1.00 1.40 ? 9  PRO A HD2  4  
ATOM 714  H HD3  . PRO A 1 9  ? -1.952 -0.312  0.777   1.00 1.71 ? 9  PRO A HD3  4  
ATOM 715  N N    . GLN A 1 10 ? 2.184  -1.727  2.174   1.00 1.00 ? 10 GLN A N    4  
ATOM 716  C CA   . GLN A 1 10 ? 3.353  -1.443  2.990   1.00 1.62 ? 10 GLN A CA   4  
ATOM 717  C C    . GLN A 1 10 ? 4.314  -2.634  2.954   1.00 1.92 ? 10 GLN A C    4  
ATOM 718  O O    . GLN A 1 10 ? 5.193  -2.771  3.811   1.00 2.47 ? 10 GLN A O    4  
ATOM 719  C CB   . GLN A 1 10 ? 2.924  -1.142  4.430   1.00 2.07 ? 10 GLN A CB   4  
ATOM 720  C CG   . GLN A 1 10 ? 4.041  -0.612  5.314   1.00 2.87 ? 10 GLN A CG   4  
ATOM 721  C CD   . GLN A 1 10 ? 4.079  -1.300  6.661   1.00 3.51 ? 10 GLN A CD   4  
ATOM 722  O OE1  . GLN A 1 10 ? 3.455  -0.852  7.621   1.00 4.11 ? 10 GLN A OE1  4  
ATOM 723  N NE2  . GLN A 1 10 ? 4.809  -2.402  6.737   1.00 3.83 ? 10 GLN A NE2  4  
ATOM 724  H H    . GLN A 1 10 ? 1.414  -2.179  2.584   1.00 0.91 ? 10 GLN A H    4  
ATOM 725  H HA   . GLN A 1 10 ? 3.849  -0.578  2.577   1.00 1.80 ? 10 GLN A HA   4  
ATOM 726  H HB2  . GLN A 1 10 ? 2.134  -0.405  4.410   1.00 2.58 ? 10 GLN A HB2  4  
ATOM 727  H HB3  . GLN A 1 10 ? 2.543  -2.049  4.877   1.00 1.95 ? 10 GLN A HB3  4  
ATOM 728  H HG2  . GLN A 1 10 ? 4.986  -0.774  4.817   1.00 3.27 ? 10 GLN A HG2  4  
ATOM 729  H HG3  . GLN A 1 10 ? 3.893  0.446   5.470   1.00 3.31 ? 10 GLN A HG3  4  
ATOM 730  H HE21 . GLN A 1 10 ? 5.281  -2.704  5.928   1.00 3.60 ? 10 GLN A HE21 4  
ATOM 731  H HE22 . GLN A 1 10 ? 4.843  -2.875  7.598   1.00 4.52 ? 10 GLN A HE22 4  
ATOM 732  N N    . LYS A 1 11 ? 4.121  -3.499  1.954   1.00 1.77 ? 11 LYS A N    4  
ATOM 733  C CA   . LYS A 1 11 ? 4.946  -4.696  1.763   1.00 2.28 ? 11 LYS A CA   4  
ATOM 734  C C    . LYS A 1 11 ? 4.602  -5.770  2.799   1.00 2.91 ? 11 LYS A C    4  
ATOM 735  O O    . LYS A 1 11 ? 4.317  -6.913  2.446   1.00 3.43 ? 11 LYS A O    4  
ATOM 736  C CB   . LYS A 1 11 ? 6.446  -4.337  1.788   1.00 2.82 ? 11 LYS A CB   4  
ATOM 737  C CG   . LYS A 1 11 ? 7.395  -5.526  1.680   1.00 3.38 ? 11 LYS A CG   4  
ATOM 738  C CD   . LYS A 1 11 ? 7.708  -6.140  3.041   1.00 4.36 ? 11 LYS A CD   4  
ATOM 739  C CE   . LYS A 1 11 ? 8.501  -5.188  3.927   1.00 5.17 ? 11 LYS A CE   4  
ATOM 740  N NZ   . LYS A 1 11 ? 8.955  -5.843  5.184   1.00 6.02 ? 11 LYS A NZ   4  
ATOM 741  H H    . LYS A 1 11 ? 3.388  -3.328  1.320   1.00 1.46 ? 11 LYS A H    4  
ATOM 742  H HA   . LYS A 1 11 ? 4.708  -5.090  0.785   1.00 2.55 ? 11 LYS A HA   4  
ATOM 743  H HB2  . LYS A 1 11 ? 6.653  -3.671  0.965   1.00 3.16 ? 11 LYS A HB2  4  
ATOM 744  H HB3  . LYS A 1 11 ? 6.659  -3.819  2.712   1.00 3.14 ? 11 LYS A HB3  4  
ATOM 745  H HG2  . LYS A 1 11 ? 6.939  -6.279  1.058   1.00 3.25 ? 11 LYS A HG2  4  
ATOM 746  H HG3  . LYS A 1 11 ? 8.317  -5.195  1.227   1.00 3.76 ? 11 LYS A HG3  4  
ATOM 747  H HD2  . LYS A 1 11 ? 6.778  -6.377  3.536   1.00 4.73 ? 11 LYS A HD2  4  
ATOM 748  H HD3  . LYS A 1 11 ? 8.279  -7.044  2.895   1.00 4.51 ? 11 LYS A HD3  4  
ATOM 749  H HE2  . LYS A 1 11 ? 9.363  -4.842  3.380   1.00 5.45 ? 11 LYS A HE2  4  
ATOM 750  H HE3  . LYS A 1 11 ? 7.873  -4.344  4.178   1.00 5.19 ? 11 LYS A HE3  4  
ATOM 751  H HZ1  . LYS A 1 11 ? 8.138  -6.179  5.731   1.00 6.28 ? 11 LYS A HZ1  4  
ATOM 752  H HZ2  . LYS A 1 11 ? 9.490  -5.168  5.765   1.00 6.48 ? 11 LYS A HZ2  4  
ATOM 753  H HZ3  . LYS A 1 11 ? 9.567  -6.653  4.964   1.00 6.21 ? 11 LYS A HZ3  4  
ATOM 754  N N    . ASN A 1 12 ? 4.623  -5.398  4.069   1.00 3.38 ? 12 ASN A N    4  
ATOM 755  C CA   . ASN A 1 12 ? 4.318  -6.330  5.143   1.00 4.48 ? 12 ASN A CA   4  
ATOM 756  C C    . ASN A 1 12 ? 2.867  -6.165  5.583   1.00 5.03 ? 12 ASN A C    4  
ATOM 757  O O    . ASN A 1 12 ? 2.615  -5.403  6.541   1.00 5.37 ? 12 ASN A O    4  
ATOM 758  C CB   . ASN A 1 12 ? 5.258  -6.100  6.329   1.00 5.23 ? 12 ASN A CB   4  
ATOM 759  C CG   . ASN A 1 12 ? 5.074  -7.121  7.437   1.00 6.47 ? 12 ASN A CG   4  
ATOM 760  O OD1  . ASN A 1 12 ? 4.746  -8.284  7.188   1.00 7.00 ? 12 ASN A OD1  4  
ATOM 761  N ND2  . ASN A 1 12 ? 5.275  -6.692  8.671   1.00 7.19 ? 12 ASN A ND2  4  
ATOM 762  O OXT  . ASN A 1 12 ? 1.982  -6.778  4.950   1.00 5.49 ? 12 ASN A OXT  4  
ATOM 763  H H    . ASN A 1 12 ? 4.837  -4.466  4.290   1.00 3.25 ? 12 ASN A H    4  
ATOM 764  H HA   . ASN A 1 12 ? 4.459  -7.334  4.768   1.00 4.74 ? 12 ASN A HA   4  
ATOM 765  H HB2  . ASN A 1 12 ? 6.280  -6.154  5.985   1.00 5.17 ? 12 ASN A HB2  4  
ATOM 766  H HB3  . ASN A 1 12 ? 5.074  -5.118  6.738   1.00 5.25 ? 12 ASN A HB3  4  
ATOM 767  H HD21 . ASN A 1 12 ? 5.526  -5.751  8.797   1.00 6.98 ? 12 ASN A HD21 4  
ATOM 768  H HD22 . ASN A 1 12 ? 5.171  -7.329  9.408   1.00 8.04 ? 12 ASN A HD22 4  
ATOM 769  N N    . ARG A 1 1  ? 4.942  7.139   -1.315  1.00 3.89 ? 1  ARG A N    5  
ATOM 770  C CA   . ARG A 1 1  ? 3.515  6.949   -1.652  1.00 3.38 ? 1  ARG A CA   5  
ATOM 771  C C    . ARG A 1 1  ? 2.667  6.806   -0.396  1.00 2.30 ? 1  ARG A C    5  
ATOM 772  O O    . ARG A 1 1  ? 1.831  7.666   -0.111  1.00 2.51 ? 1  ARG A O    5  
ATOM 773  C CB   . ARG A 1 1  ? 3.323  5.713   -2.540  1.00 4.31 ? 1  ARG A CB   5  
ATOM 774  C CG   . ARG A 1 1  ? 1.857  5.384   -2.801  1.00 5.04 ? 1  ARG A CG   5  
ATOM 775  C CD   . ARG A 1 1  ? 1.138  6.534   -3.490  1.00 5.93 ? 1  ARG A CD   5  
ATOM 776  N NE   . ARG A 1 1  ? -0.315 6.391   -3.444  1.00 6.73 ? 1  ARG A NE   5  
ATOM 777  C CZ   . ARG A 1 1  ? -1.160 7.238   -4.033  1.00 7.76 ? 1  ARG A CZ   5  
ATOM 778  N NH1  . ARG A 1 1  ? -0.694 8.259   -4.744  1.00 8.16 ? 1  ARG A NH1  5  
ATOM 779  N NH2  . ARG A 1 1  ? -2.467 7.064   -3.915  1.00 8.60 ? 1  ARG A NH2  5  
ATOM 780  H H1   . ARG A 1 1  ? 5.064  8.023   -0.780  1.00 4.26 ? 1  ARG A H1   5  
ATOM 781  H H2   . ARG A 1 1  ? 5.513  7.189   -2.181  1.00 3.94 ? 1  ARG A H2   5  
ATOM 782  H H3   . ARG A 1 1  ? 5.283  6.349   -0.734  1.00 4.27 ? 1  ARG A H3   5  
ATOM 783  H HA   . ARG A 1 1  ? 3.183  7.818   -2.189  1.00 3.64 ? 1  ARG A HA   5  
ATOM 784  H HB2  . ARG A 1 1  ? 3.807  5.885   -3.490  1.00 4.74 ? 1  ARG A HB2  5  
ATOM 785  H HB3  . ARG A 1 1  ? 3.779  4.862   -2.059  1.00 4.54 ? 1  ARG A HB3  5  
ATOM 786  H HG2  . ARG A 1 1  ? 1.800  4.510   -3.432  1.00 5.33 ? 1  ARG A HG2  5  
ATOM 787  H HG3  . ARG A 1 1  ? 1.370  5.180   -1.858  1.00 5.05 ? 1  ARG A HG3  5  
ATOM 788  H HD2  . ARG A 1 1  ? 1.411  7.455   -2.998  1.00 6.03 ? 1  ARG A HD2  5  
ATOM 789  H HD3  . ARG A 1 1  ? 1.455  6.573   -4.521  1.00 6.20 ? 1  ARG A HD3  5  
ATOM 790  H HE   . ARG A 1 1  ? -0.682 5.634   -2.932  1.00 6.65 ? 1  ARG A HE   5  
ATOM 791  H HH11 . ARG A 1 1  ? 0.294  8.398   -4.839  1.00 7.74 ? 1  ARG A HH11 5  
ATOM 792  H HH12 . ARG A 1 1  ? -1.330 8.897   -5.195  1.00 9.02 ? 1  ARG A HH12 5  
ATOM 793  H HH21 . ARG A 1 1  ? -2.831 6.294   -3.382  1.00 8.53 ? 1  ARG A HH21 5  
ATOM 794  H HH22 . ARG A 1 1  ? -3.102 7.708   -4.354  1.00 9.42 ? 1  ARG A HH22 5  
ATOM 795  N N    . LYS A 1 2  ? 2.898  5.728   0.346   1.00 1.85 ? 2  LYS A N    5  
ATOM 796  C CA   . LYS A 1 2  ? 2.051  5.349   1.475   1.00 1.47 ? 2  LYS A CA   5  
ATOM 797  C C    . LYS A 1 2  ? 0.664  4.950   0.973   1.00 1.21 ? 2  LYS A C    5  
ATOM 798  O O    . LYS A 1 2  ? -0.209 5.799   0.777   1.00 1.99 ? 2  LYS A O    5  
ATOM 799  C CB   . LYS A 1 2  ? 1.956  6.473   2.518   1.00 2.41 ? 2  LYS A CB   5  
ATOM 800  C CG   . LYS A 1 2  ? 1.108  6.119   3.732   1.00 3.34 ? 2  LYS A CG   5  
ATOM 801  C CD   . LYS A 1 2  ? 1.658  4.907   4.464   1.00 4.07 ? 2  LYS A CD   5  
ATOM 802  C CE   . LYS A 1 2  ? 0.756  4.483   5.603   1.00 4.97 ? 2  LYS A CE   5  
ATOM 803  N NZ   . LYS A 1 2  ? 1.314  3.328   6.355   1.00 5.50 ? 2  LYS A NZ   5  
ATOM 804  H H    . LYS A 1 2  ? 3.666  5.161   0.125   1.00 2.45 ? 2  LYS A H    5  
ATOM 805  H HA   . LYS A 1 2  ? 2.504  4.483   1.937   1.00 1.77 ? 2  LYS A HA   5  
ATOM 806  H HB2  . LYS A 1 2  ? 2.950  6.715   2.861   1.00 2.69 ? 2  LYS A HB2  5  
ATOM 807  H HB3  . LYS A 1 2  ? 1.526  7.345   2.049   1.00 2.89 ? 2  LYS A HB3  5  
ATOM 808  H HG2  . LYS A 1 2  ? 1.096  6.960   4.409   1.00 3.74 ? 2  LYS A HG2  5  
ATOM 809  H HG3  . LYS A 1 2  ? 0.101  5.905   3.405   1.00 3.54 ? 2  LYS A HG3  5  
ATOM 810  H HD2  . LYS A 1 2  ? 1.732  4.088   3.769   1.00 4.12 ? 2  LYS A HD2  5  
ATOM 811  H HD3  . LYS A 1 2  ? 2.636  5.144   4.856   1.00 4.36 ? 2  LYS A HD3  5  
ATOM 812  H HE2  . LYS A 1 2  ? 0.626  5.316   6.277   1.00 5.25 ? 2  LYS A HE2  5  
ATOM 813  H HE3  . LYS A 1 2  ? -0.197 4.201   5.188   1.00 5.34 ? 2  LYS A HE3  5  
ATOM 814  H HZ1  . LYS A 1 2  ? 2.253  3.565   6.736   1.00 5.93 ? 2  LYS A HZ1  5  
ATOM 815  H HZ2  . LYS A 1 2  ? 1.405  2.501   5.731   1.00 5.84 ? 2  LYS A HZ2  5  
ATOM 816  H HZ3  . LYS A 1 2  ? 0.687  3.077   7.147   1.00 5.49 ? 2  LYS A HZ3  5  
ATOM 817  N N    . VAL A 1 3  ? 0.493  3.645   0.746   1.00 1.00 ? 3  VAL A N    5  
ATOM 818  C CA   . VAL A 1 3  ? -0.759 3.076   0.242   1.00 0.81 ? 3  VAL A CA   5  
ATOM 819  C C    . VAL A 1 3  ? -0.988 3.468   -1.221  1.00 0.68 ? 3  VAL A C    5  
ATOM 820  O O    . VAL A 1 3  ? -1.426 4.580   -1.525  1.00 0.89 ? 3  VAL A O    5  
ATOM 821  C CB   . VAL A 1 3  ? -1.982 3.497   1.095   1.00 1.19 ? 3  VAL A CB   5  
ATOM 822  C CG1  . VAL A 1 3  ? -3.258 2.864   0.556   1.00 1.82 ? 3  VAL A CG1  5  
ATOM 823  C CG2  . VAL A 1 3  ? -1.773 3.122   2.557   1.00 2.01 ? 3  VAL A CG2  5  
ATOM 824  H H    . VAL A 1 3  ? 1.248  3.042   0.913   1.00 1.64 ? 3  VAL A H    5  
ATOM 825  H HA   . VAL A 1 3  ? -0.668 2.001   0.297   1.00 0.76 ? 3  VAL A HA   5  
ATOM 826  H HB   . VAL A 1 3  ? -2.085 4.570   1.032   1.00 1.55 ? 3  VAL A HB   5  
ATOM 827  H HG11 . VAL A 1 3  ? -3.416 3.185   -0.464  1.00 2.34 ? 3  VAL A HG11 5  
ATOM 828  H HG12 . VAL A 1 3  ? -4.095 3.169   1.164   1.00 2.13 ? 3  VAL A HG12 5  
ATOM 829  H HG13 . VAL A 1 3  ? -3.167 1.788   0.585   1.00 2.32 ? 3  VAL A HG13 5  
ATOM 830  H HG21 . VAL A 1 3  ? -1.657 2.052   2.641   1.00 2.50 ? 3  VAL A HG21 5  
ATOM 831  H HG22 . VAL A 1 3  ? -2.630 3.436   3.135   1.00 2.45 ? 3  VAL A HG22 5  
ATOM 832  H HG23 . VAL A 1 3  ? -0.888 3.612   2.931   1.00 2.50 ? 3  VAL A HG23 5  
ATOM 833  N N    . PRO A 1 4  ? -0.667 2.551   -2.152  1.00 0.61 ? 4  PRO A N    5  
ATOM 834  C CA   . PRO A 1 4  ? -0.863 2.766   -3.589  1.00 0.79 ? 4  PRO A CA   5  
ATOM 835  C C    . PRO A 1 4  ? -2.337 2.927   -3.939  1.00 0.95 ? 4  PRO A C    5  
ATOM 836  O O    . PRO A 1 4  ? -2.734 3.919   -4.549  1.00 1.76 ? 4  PRO A O    5  
ATOM 837  C CB   . PRO A 1 4  ? -0.294 1.496   -4.236  1.00 0.96 ? 4  PRO A CB   5  
ATOM 838  C CG   . PRO A 1 4  ? 0.555  0.869   -3.185  1.00 0.77 ? 4  PRO A CG   5  
ATOM 839  C CD   . PRO A 1 4  ? -0.079 1.235   -1.875  1.00 0.75 ? 4  PRO A CD   5  
ATOM 840  H HA   . PRO A 1 4  ? -0.316 3.630   -3.937  1.00 0.96 ? 4  PRO A HA   5  
ATOM 841  H HB2  . PRO A 1 4  ? -1.104 0.843   -4.529  1.00 1.24 ? 4  PRO A HB2  5  
ATOM 842  H HB3  . PRO A 1 4  ? 0.291  1.762   -5.105  1.00 1.15 ? 4  PRO A HB3  5  
ATOM 843  H HG2  . PRO A 1 4  ? 0.569  -0.204  -3.306  1.00 0.85 ? 4  PRO A HG2  5  
ATOM 844  H HG3  . PRO A 1 4  ? 1.558  1.267   -3.237  1.00 0.94 ? 4  PRO A HG3  5  
ATOM 845  H HD2  . PRO A 1 4  ? -0.841 0.518   -1.608  1.00 0.90 ? 4  PRO A HD2  5  
ATOM 846  H HD3  . PRO A 1 4  ? 0.667  1.305   -1.100  1.00 0.98 ? 4  PRO A HD3  5  
ATOM 847  N N    . THR A 1 5  ? -3.145 1.954   -3.536  1.00 1.01 ? 5  THR A N    5  
ATOM 848  C CA   . THR A 1 5  ? -4.578 2.008   -3.765  1.00 1.21 ? 5  THR A CA   5  
ATOM 849  C C    . THR A 1 5  ? -5.302 0.897   -2.994  1.00 0.94 ? 5  THR A C    5  
ATOM 850  O O    . THR A 1 5  ? -5.217 -0.286  -3.338  1.00 1.74 ? 5  THR A O    5  
ATOM 851  C CB   . THR A 1 5  ? -4.925 1.942   -5.276  1.00 2.13 ? 5  THR A CB   5  
ATOM 852  O OG1  . THR A 1 5  ? -6.345 1.917   -5.460  1.00 2.94 ? 5  THR A OG1  5  
ATOM 853  C CG2  . THR A 1 5  ? -4.296 0.728   -5.951  1.00 2.63 ? 5  THR A CG2  5  
ATOM 854  H H    . THR A 1 5  ? -2.766 1.179   -3.072  1.00 1.52 ? 5  THR A H    5  
ATOM 855  H HA   . THR A 1 5  ? -4.924 2.960   -3.389  1.00 1.41 ? 5  THR A HA   5  
ATOM 856  H HB   . THR A 1 5  ? -4.534 2.833   -5.749  1.00 2.46 ? 5  THR A HB   5  
ATOM 857  H HG1  . THR A 1 5  ? -6.718 2.767   -5.194  1.00 3.36 ? 5  THR A HG1  5  
ATOM 858  H HG21 . THR A 1 5  ? -4.652 -0.173  -5.476  1.00 3.00 ? 5  THR A HG21 5  
ATOM 859  H HG22 . THR A 1 5  ? -3.221 0.782   -5.860  1.00 2.71 ? 5  THR A HG22 5  
ATOM 860  H HG23 . THR A 1 5  ? -4.568 0.716   -6.996  1.00 3.14 ? 5  THR A HG23 5  
ATOM 861  N N    . GLY A 1 6  ? -5.985 1.287   -1.923  1.00 0.93 ? 6  GLY A N    5  
ATOM 862  C CA   . GLY A 1 6  ? -6.784 0.352   -1.148  1.00 1.30 ? 6  GLY A CA   5  
ATOM 863  C C    . GLY A 1 6  ? -5.956 -0.546  -0.241  1.00 0.91 ? 6  GLY A C    5  
ATOM 864  O O    . GLY A 1 6  ? -6.165 -0.573  0.972   1.00 1.67 ? 6  GLY A O    5  
ATOM 865  H H    . GLY A 1 6  ? -5.957 2.232   -1.658  1.00 1.46 ? 6  GLY A H    5  
ATOM 866  H HA2  . GLY A 1 6  ? -7.475 0.912   -0.536  1.00 1.85 ? 6  GLY A HA2  5  
ATOM 867  H HA3  . GLY A 1 6  ? -7.349 -0.269  -1.828  1.00 1.96 ? 6  GLY A HA3  5  
ATOM 868  N N    . SER A 1 7  ? -5.031 -1.286  -0.832  1.00 0.94 ? 7  SER A N    5  
ATOM 869  C CA   . SER A 1 7  ? -4.215 -2.234  -0.094  1.00 1.39 ? 7  SER A CA   5  
ATOM 870  C C    . SER A 1 7  ? -2.937 -1.567  0.403   1.00 1.37 ? 7  SER A C    5  
ATOM 871  O O    . SER A 1 7  ? -2.382 -0.688  -0.264  1.00 2.27 ? 7  SER A O    5  
ATOM 872  C CB   . SER A 1 7  ? -3.878 -3.432  -0.989  1.00 2.10 ? 7  SER A CB   5  
ATOM 873  O OG   . SER A 1 7  ? -3.203 -4.448  -0.266  1.00 2.59 ? 7  SER A OG   5  
ATOM 874  H H    . SER A 1 7  ? -4.889 -1.186  -1.798  1.00 1.49 ? 7  SER A H    5  
ATOM 875  H HA   . SER A 1 7  ? -4.785 -2.578  0.756   1.00 1.61 ? 7  SER A HA   5  
ATOM 876  H HB2  . SER A 1 7  ? -4.791 -3.844  -1.391  1.00 2.47 ? 7  SER A HB2  5  
ATOM 877  H HB3  . SER A 1 7  ? -3.244 -3.103  -1.801  1.00 2.60 ? 7  SER A HB3  5  
ATOM 878  H HG   . SER A 1 7  ? -2.251 -4.347  -0.385  1.00 2.85 ? 7  SER A HG   5  
ATOM 879  N N    . ASN A 1 8  ? -2.485 -1.980  1.578   1.00 0.84 ? 8  ASN A N    5  
ATOM 880  C CA   . ASN A 1 8  ? -1.254 -1.458  2.153   1.00 0.87 ? 8  ASN A CA   5  
ATOM 881  C C    . ASN A 1 8  ? -0.086 -2.370  1.799   1.00 0.68 ? 8  ASN A C    5  
ATOM 882  O O    . ASN A 1 8  ? -0.143 -3.582  2.025   1.00 0.88 ? 8  ASN A O    5  
ATOM 883  C CB   . ASN A 1 8  ? -1.370 -1.324  3.675   1.00 1.18 ? 8  ASN A CB   5  
ATOM 884  C CG   . ASN A 1 8  ? -2.337 -0.236  4.109   1.00 2.01 ? 8  ASN A CG   5  
ATOM 885  O OD1  . ASN A 1 8  ? -3.320 0.056   3.426   1.00 2.80 ? 8  ASN A OD1  5  
ATOM 886  N ND2  . ASN A 1 8  ? -2.061 0.379   5.246   1.00 2.52 ? 8  ASN A ND2  5  
ATOM 887  H H    . ASN A 1 8  ? -2.989 -2.662  2.071   1.00 1.19 ? 8  ASN A H    5  
ATOM 888  H HA   . ASN A 1 8  ? -1.078 -0.484  1.726   1.00 1.08 ? 8  ASN A HA   5  
ATOM 889  H HB2  . ASN A 1 8  ? -1.711 -2.262  4.084   1.00 1.47 ? 8  ASN A HB2  5  
ATOM 890  H HB3  . ASN A 1 8  ? -0.396 -1.096  4.082   1.00 1.55 ? 8  ASN A HB3  5  
ATOM 891  H HD21 . ASN A 1 8  ? -1.258 0.106   5.738   1.00 2.54 ? 8  ASN A HD21 5  
ATOM 892  H HD22 . ASN A 1 8  ? -2.675 1.078   5.554   1.00 3.21 ? 8  ASN A HD22 5  
ATOM 893  N N    . PRO A 1 9  ? 0.983  -1.798  1.231   1.00 0.87 ? 9  PRO A N    5  
ATOM 894  C CA   . PRO A 1 9  ? 2.151  -2.551  0.786   1.00 0.93 ? 9  PRO A CA   5  
ATOM 895  C C    . PRO A 1 9  ? 3.164  -2.772  1.896   1.00 0.96 ? 9  PRO A C    5  
ATOM 896  O O    . PRO A 1 9  ? 4.280  -2.244  1.856   1.00 1.45 ? 9  PRO A O    5  
ATOM 897  C CB   . PRO A 1 9  ? 2.720  -1.642  -0.296  1.00 1.59 ? 9  PRO A CB   5  
ATOM 898  C CG   . PRO A 1 9  ? 2.437  -0.268  0.202   1.00 2.06 ? 9  PRO A CG   5  
ATOM 899  C CD   . PRO A 1 9  ? 1.138  -0.356  0.967   1.00 1.44 ? 9  PRO A CD   5  
ATOM 900  H HA   . PRO A 1 9  ? 1.881  -3.508  0.361   1.00 0.99 ? 9  PRO A HA   5  
ATOM 901  H HB2  . PRO A 1 9  ? 3.781  -1.818  -0.401  1.00 1.77 ? 9  PRO A HB2  5  
ATOM 902  H HB3  . PRO A 1 9  ? 2.220  -1.832  -1.236  1.00 1.77 ? 9  PRO A HB3  5  
ATOM 903  H HG2  . PRO A 1 9  ? 3.235  0.056   0.854   1.00 2.49 ? 9  PRO A HG2  5  
ATOM 904  H HG3  . PRO A 1 9  ? 2.336  0.409   -0.631  1.00 2.62 ? 9  PRO A HG3  5  
ATOM 905  H HD2  . PRO A 1 9  ? 1.204  0.198   1.889   1.00 1.40 ? 9  PRO A HD2  5  
ATOM 906  H HD3  . PRO A 1 9  ? 0.322  0.012   0.364   1.00 1.71 ? 9  PRO A HD3  5  
ATOM 907  N N    . GLN A 1 10 ? 2.763  -3.557  2.881   1.00 1.00 ? 10 GLN A N    5  
ATOM 908  C CA   . GLN A 1 10 ? 3.657  -3.983  3.939   1.00 1.62 ? 10 GLN A CA   5  
ATOM 909  C C    . GLN A 1 10 ? 4.836  -4.736  3.327   1.00 1.92 ? 10 GLN A C    5  
ATOM 910  O O    . GLN A 1 10 ? 5.971  -4.586  3.778   1.00 2.47 ? 10 GLN A O    5  
ATOM 911  C CB   . GLN A 1 10 ? 2.879  -4.849  4.938   1.00 2.07 ? 10 GLN A CB   5  
ATOM 912  C CG   . GLN A 1 10 ? 3.714  -5.428  6.071   1.00 2.87 ? 10 GLN A CG   5  
ATOM 913  C CD   . GLN A 1 10 ? 4.193  -6.842  5.795   1.00 3.51 ? 10 GLN A CD   5  
ATOM 914  O OE1  . GLN A 1 10 ? 5.261  -7.244  6.248   1.00 4.11 ? 10 GLN A OE1  5  
ATOM 915  N NE2  . GLN A 1 10 ? 3.392  -7.617  5.073   1.00 3.83 ? 10 GLN A NE2  5  
ATOM 916  H H    . GLN A 1 10 ? 1.831  -3.864  2.892   1.00 0.91 ? 10 GLN A H    5  
ATOM 917  H HA   . GLN A 1 10 ? 4.026  -3.101  4.442   1.00 1.80 ? 10 GLN A HA   5  
ATOM 918  H HB2  . GLN A 1 10 ? 2.096  -4.249  5.377   1.00 2.58 ? 10 GLN A HB2  5  
ATOM 919  H HB3  . GLN A 1 10 ? 2.425  -5.667  4.401   1.00 1.95 ? 10 GLN A HB3  5  
ATOM 920  H HG2  . GLN A 1 10 ? 4.577  -4.799  6.219   1.00 3.27 ? 10 GLN A HG2  5  
ATOM 921  H HG3  . GLN A 1 10 ? 3.118  -5.435  6.971   1.00 3.31 ? 10 GLN A HG3  5  
ATOM 922  H HE21 . GLN A 1 10 ? 2.542  -7.246  4.760   1.00 3.60 ? 10 GLN A HE21 5  
ATOM 923  H HE22 . GLN A 1 10 ? 3.687  -8.535  4.882   1.00 4.52 ? 10 GLN A HE22 5  
ATOM 924  N N    . LYS A 1 11 ? 4.531  -5.501  2.263   1.00 1.77 ? 11 LYS A N    5  
ATOM 925  C CA   . LYS A 1 11 ? 5.521  -6.252  1.463   1.00 2.28 ? 11 LYS A CA   5  
ATOM 926  C C    . LYS A 1 11 ? 4.835  -7.426  0.775   1.00 2.91 ? 11 LYS A C    5  
ATOM 927  O O    . LYS A 1 11 ? 5.242  -7.856  -0.305  1.00 3.43 ? 11 LYS A O    5  
ATOM 928  C CB   . LYS A 1 11 ? 6.714  -6.776  2.290   1.00 2.82 ? 11 LYS A CB   5  
ATOM 929  C CG   . LYS A 1 11 ? 6.391  -7.918  3.240   1.00 3.38 ? 11 LYS A CG   5  
ATOM 930  C CD   . LYS A 1 11 ? 7.603  -8.282  4.083   1.00 4.36 ? 11 LYS A CD   5  
ATOM 931  C CE   . LYS A 1 11 ? 7.330  -9.473  4.988   1.00 5.17 ? 11 LYS A CE   5  
ATOM 932  N NZ   . LYS A 1 11 ? 7.117  -10.728 4.217   1.00 6.02 ? 11 LYS A NZ   5  
ATOM 933  H H    . LYS A 1 11 ? 3.585  -5.527  1.972   1.00 1.46 ? 11 LYS A H    5  
ATOM 934  H HA   . LYS A 1 11 ? 5.892  -5.583  0.702   1.00 2.55 ? 11 LYS A HA   5  
ATOM 935  H HB2  . LYS A 1 11 ? 7.478  -7.119  1.609   1.00 3.16 ? 11 LYS A HB2  5  
ATOM 936  H HB3  . LYS A 1 11 ? 7.112  -5.957  2.872   1.00 3.14 ? 11 LYS A HB3  5  
ATOM 937  H HG2  . LYS A 1 11 ? 5.584  -7.616  3.894   1.00 3.25 ? 11 LYS A HG2  5  
ATOM 938  H HG3  . LYS A 1 11 ? 6.089  -8.781  2.665   1.00 3.76 ? 11 LYS A HG3  5  
ATOM 939  H HD2  . LYS A 1 11 ? 8.421  -8.527  3.425   1.00 4.73 ? 11 LYS A HD2  5  
ATOM 940  H HD3  . LYS A 1 11 ? 7.872  -7.431  4.693   1.00 4.51 ? 11 LYS A HD3  5  
ATOM 941  H HE2  . LYS A 1 11 ? 8.174  -9.607  5.646   1.00 5.45 ? 11 LYS A HE2  5  
ATOM 942  H HE3  . LYS A 1 11 ? 6.447  -9.267  5.576   1.00 5.19 ? 11 LYS A HE3  5  
ATOM 943  H HZ1  . LYS A 1 11 ? 7.955  -10.938 3.636   1.00 6.28 ? 11 LYS A HZ1  5  
ATOM 944  H HZ2  . LYS A 1 11 ? 6.292  -10.634 3.590   1.00 6.48 ? 11 LYS A HZ2  5  
ATOM 945  H HZ3  . LYS A 1 11 ? 6.954  -11.524 4.867   1.00 6.21 ? 11 LYS A HZ3  5  
ATOM 946  N N    . ASN A 1 12 ? 3.791  -7.934  1.415   1.00 3.38 ? 12 ASN A N    5  
ATOM 947  C CA   . ASN A 1 12 ? 3.038  -9.067  0.896   1.00 4.48 ? 12 ASN A CA   5  
ATOM 948  C C    . ASN A 1 12 ? 1.552  -8.774  0.962   1.00 5.03 ? 12 ASN A C    5  
ATOM 949  O O    . ASN A 1 12 ? 0.870  -9.326  1.851   1.00 5.37 ? 12 ASN A O    5  
ATOM 950  C CB   . ASN A 1 12 ? 3.361  -10.338 1.690   1.00 5.23 ? 12 ASN A CB   5  
ATOM 951  C CG   . ASN A 1 12 ? 4.689  -10.957 1.300   1.00 6.47 ? 12 ASN A CG   5  
ATOM 952  O OD1  . ASN A 1 12 ? 5.418  -11.474 2.147   1.00 7.00 ? 12 ASN A OD1  5  
ATOM 953  N ND2  . ASN A 1 12 ? 5.002  -10.938 0.014   1.00 7.19 ? 12 ASN A ND2  5  
ATOM 954  O OXT  . ASN A 1 12 ? 1.077  -7.959  0.148   1.00 5.49 ? 12 ASN A OXT  5  
ATOM 955  H H    . ASN A 1 12 ? 3.512  -7.531  2.262   1.00 3.25 ? 12 ASN A H    5  
ATOM 956  H HA   . ASN A 1 12 ? 3.321  -9.211  -0.137  1.00 4.74 ? 12 ASN A HA   5  
ATOM 957  H HB2  . ASN A 1 12 ? 3.397  -10.094 2.740   1.00 5.17 ? 12 ASN A HB2  5  
ATOM 958  H HB3  . ASN A 1 12 ? 2.582  -11.065 1.524   1.00 5.25 ? 12 ASN A HB3  5  
ATOM 959  H HD21 . ASN A 1 12 ? 4.364  -10.534 -0.614  1.00 6.98 ? 12 ASN A HD21 5  
ATOM 960  H HD22 . ASN A 1 12 ? 5.858  -11.326 -0.261  1.00 8.04 ? 12 ASN A HD22 5  
ATOM 961  N N    . ARG A 1 1  ? 4.271  6.199   3.923   1.00 3.89 ? 1  ARG A N    6  
ATOM 962  C CA   . ARG A 1 1  ? 4.421  7.066   2.731   1.00 3.38 ? 1  ARG A CA   6  
ATOM 963  C C    . ARG A 1 1  ? 4.090  6.304   1.453   1.00 2.30 ? 1  ARG A C    6  
ATOM 964  O O    . ARG A 1 1  ? 3.782  6.905   0.423   1.00 2.51 ? 1  ARG A O    6  
ATOM 965  C CB   . ARG A 1 1  ? 5.842  7.623   2.644   1.00 4.31 ? 1  ARG A CB   6  
ATOM 966  C CG   . ARG A 1 1  ? 6.158  8.671   3.697   1.00 5.04 ? 1  ARG A CG   6  
ATOM 967  C CD   . ARG A 1 1  ? 7.591  9.159   3.569   1.00 5.93 ? 1  ARG A CD   6  
ATOM 968  N NE   . ARG A 1 1  ? 7.887  10.247  4.501   1.00 6.73 ? 1  ARG A NE   6  
ATOM 969  C CZ   . ARG A 1 1  ? 9.117  10.706  4.745   1.00 7.76 ? 1  ARG A CZ   6  
ATOM 970  N NH1  . ARG A 1 1  ? 10.166 10.159  4.142   1.00 8.16 ? 1  ARG A NH1  6  
ATOM 971  N NH2  . ARG A 1 1  ? 9.292  11.714  5.590   1.00 8.60 ? 1  ARG A NH2  6  
ATOM 972  H H1   . ARG A 1 1  ? 4.473  6.738   4.788   1.00 4.26 ? 1  ARG A H1   6  
ATOM 973  H H2   . ARG A 1 1  ? 4.930  5.397   3.869   1.00 3.94 ? 1  ARG A H2   6  
ATOM 974  H H3   . ARG A 1 1  ? 3.299  5.832   3.974   1.00 4.27 ? 1  ARG A H3   6  
ATOM 975  H HA   . ARG A 1 1  ? 3.728  7.890   2.827   1.00 3.64 ? 1  ARG A HA   6  
ATOM 976  H HB2  . ARG A 1 1  ? 6.542  6.809   2.757   1.00 4.74 ? 1  ARG A HB2  6  
ATOM 977  H HB3  . ARG A 1 1  ? 5.980  8.070   1.671   1.00 4.54 ? 1  ARG A HB3  6  
ATOM 978  H HG2  . ARG A 1 1  ? 5.490  9.507   3.570   1.00 5.33 ? 1  ARG A HG2  6  
ATOM 979  H HG3  . ARG A 1 1  ? 6.020  8.240   4.677   1.00 5.05 ? 1  ARG A HG3  6  
ATOM 980  H HD2  . ARG A 1 1  ? 8.256  8.335   3.771   1.00 6.03 ? 1  ARG A HD2  6  
ATOM 981  H HD3  . ARG A 1 1  ? 7.749  9.510   2.561   1.00 6.20 ? 1  ARG A HD3  6  
ATOM 982  H HE   . ARG A 1 1  ? 7.125  10.662  4.965   1.00 6.65 ? 1  ARG A HE   6  
ATOM 983  H HH11 . ARG A 1 1  ? 10.040 9.400   3.498   1.00 7.74 ? 1  ARG A HH11 6  
ATOM 984  H HH12 . ARG A 1 1  ? 11.091 10.499  4.330   1.00 9.02 ? 1  ARG A HH12 6  
ATOM 985  H HH21 . ARG A 1 1  ? 8.502  12.134  6.050   1.00 8.53 ? 1  ARG A HH21 6  
ATOM 986  H HH22 . ARG A 1 1  ? 10.214 12.067  5.776   1.00 9.42 ? 1  ARG A HH22 6  
ATOM 987  N N    . LYS A 1 2  ? 4.157  4.980   1.510   1.00 1.85 ? 2  LYS A N    6  
ATOM 988  C CA   . LYS A 1 2  ? 3.845  4.159   0.351   1.00 1.47 ? 2  LYS A CA   6  
ATOM 989  C C    . LYS A 1 2  ? 2.561  3.380   0.576   1.00 1.21 ? 2  LYS A C    6  
ATOM 990  O O    . LYS A 1 2  ? 2.576  2.154   0.659   1.00 1.99 ? 2  LYS A O    6  
ATOM 991  C CB   . LYS A 1 2  ? 4.992  3.192   0.038   1.00 2.41 ? 2  LYS A CB   6  
ATOM 992  C CG   . LYS A 1 2  ? 6.309  3.880   -0.280  1.00 3.34 ? 2  LYS A CG   6  
ATOM 993  C CD   . LYS A 1 2  ? 7.380  2.889   -0.721  1.00 4.07 ? 2  LYS A CD   6  
ATOM 994  C CE   . LYS A 1 2  ? 7.286  2.551   -2.203  1.00 4.97 ? 2  LYS A CE   6  
ATOM 995  N NZ   . LYS A 1 2  ? 6.080  1.748   -2.542  1.00 5.50 ? 2  LYS A NZ   6  
ATOM 996  H H    . LYS A 1 2  ? 4.417  4.542   2.349   1.00 2.45 ? 2  LYS A H    6  
ATOM 997  H HA   . LYS A 1 2  ? 3.706  4.819   -0.493  1.00 1.77 ? 2  LYS A HA   6  
ATOM 998  H HB2  . LYS A 1 2  ? 5.144  2.548   0.891   1.00 2.69 ? 2  LYS A HB2  6  
ATOM 999  H HB3  . LYS A 1 2  ? 4.711  2.588   -0.810  1.00 2.89 ? 2  LYS A HB3  6  
ATOM 1000 H HG2  . LYS A 1 2  ? 6.146  4.591   -1.075  1.00 3.74 ? 2  LYS A HG2  6  
ATOM 1001 H HG3  . LYS A 1 2  ? 6.653  4.398   0.602   1.00 3.54 ? 2  LYS A HG3  6  
ATOM 1002 H HD2  . LYS A 1 2  ? 8.351  3.314   -0.533  1.00 4.12 ? 2  LYS A HD2  6  
ATOM 1003 H HD3  . LYS A 1 2  ? 7.269  1.979   -0.150  1.00 4.36 ? 2  LYS A HD3  6  
ATOM 1004 H HE2  . LYS A 1 2  ? 7.256  3.472   -2.764  1.00 5.25 ? 2  LYS A HE2  6  
ATOM 1005 H HE3  . LYS A 1 2  ? 8.167  1.996   -2.479  1.00 5.34 ? 2  LYS A HE3  6  
ATOM 1006 H HZ1  . LYS A 1 2  ? 6.016  0.912   -1.929  1.00 5.93 ? 2  LYS A HZ1  6  
ATOM 1007 H HZ2  . LYS A 1 2  ? 6.132  1.429   -3.528  1.00 5.84 ? 2  LYS A HZ2  6  
ATOM 1008 H HZ3  . LYS A 1 2  ? 5.218  2.317   -2.425  1.00 5.49 ? 2  LYS A HZ3  6  
ATOM 1009 N N    . VAL A 1 3  ? 1.450  4.091   0.688   1.00 1.00 ? 3  VAL A N    6  
ATOM 1010 C CA   . VAL A 1 3  ? 0.153  3.449   0.846   1.00 0.81 ? 3  VAL A CA   6  
ATOM 1011 C C    . VAL A 1 3  ? -0.814 3.936   -0.235  1.00 0.68 ? 3  VAL A C    6  
ATOM 1012 O O    . VAL A 1 3  ? -1.687 4.769   0.023   1.00 0.89 ? 3  VAL A O    6  
ATOM 1013 C CB   . VAL A 1 3  ? -0.451 3.711   2.247   1.00 1.19 ? 3  VAL A CB   6  
ATOM 1014 C CG1  . VAL A 1 3  ? -1.756 2.949   2.433   1.00 1.82 ? 3  VAL A CG1  6  
ATOM 1015 C CG2  . VAL A 1 3  ? 0.537  3.333   3.339   1.00 2.01 ? 3  VAL A CG2  6  
ATOM 1016 H H    . VAL A 1 3  ? 1.499  5.072   0.655   1.00 1.64 ? 3  VAL A H    6  
ATOM 1017 H HA   . VAL A 1 3  ? 0.296  2.384   0.731   1.00 0.76 ? 3  VAL A HA   6  
ATOM 1018 H HB   . VAL A 1 3  ? -0.662 4.768   2.334   1.00 1.55 ? 3  VAL A HB   6  
ATOM 1019 H HG11 . VAL A 1 3  ? -2.466 3.264   1.683   1.00 2.34 ? 3  VAL A HG11 6  
ATOM 1020 H HG12 . VAL A 1 3  ? -2.156 3.151   3.415   1.00 2.13 ? 3  VAL A HG12 6  
ATOM 1021 H HG13 . VAL A 1 3  ? -1.572 1.892   2.330   1.00 2.32 ? 3  VAL A HG13 6  
ATOM 1022 H HG21 . VAL A 1 3  ? 0.113  3.562   4.304   1.00 2.50 ? 3  VAL A HG21 6  
ATOM 1023 H HG22 . VAL A 1 3  ? 1.452  3.892   3.206   1.00 2.45 ? 3  VAL A HG22 6  
ATOM 1024 H HG23 . VAL A 1 3  ? 0.753  2.276   3.281   1.00 2.50 ? 3  VAL A HG23 6  
ATOM 1025 N N    . PRO A 1 4  ? -0.645 3.442   -1.473  1.00 0.61 ? 4  PRO A N    6  
ATOM 1026 C CA   . PRO A 1 4  ? -1.519 3.787   -2.587  1.00 0.79 ? 4  PRO A CA   6  
ATOM 1027 C C    . PRO A 1 4  ? -2.744 2.870   -2.672  1.00 0.95 ? 4  PRO A C    6  
ATOM 1028 O O    . PRO A 1 4  ? -3.224 2.366   -1.652  1.00 1.76 ? 4  PRO A O    6  
ATOM 1029 C CB   . PRO A 1 4  ? -0.596 3.594   -3.789  1.00 0.96 ? 4  PRO A CB   6  
ATOM 1030 C CG   . PRO A 1 4  ? 0.302  2.469   -3.397  1.00 0.77 ? 4  PRO A CG   6  
ATOM 1031 C CD   . PRO A 1 4  ? 0.429  2.523   -1.893  1.00 0.75 ? 4  PRO A CD   6  
ATOM 1032 H HA   . PRO A 1 4  ? -1.841 4.815   -2.536  1.00 0.96 ? 4  PRO A HA   6  
ATOM 1033 H HB2  . PRO A 1 4  ? -1.180 3.348   -4.661  1.00 1.24 ? 4  PRO A HB2  6  
ATOM 1034 H HB3  . PRO A 1 4  ? -0.037 4.499   -3.966  1.00 1.15 ? 4  PRO A HB3  6  
ATOM 1035 H HG2  . PRO A 1 4  ? -0.135 1.529   -3.700  1.00 0.85 ? 4  PRO A HG2  6  
ATOM 1036 H HG3  . PRO A 1 4  ? 1.271  2.597   -3.857  1.00 0.94 ? 4  PRO A HG3  6  
ATOM 1037 H HD2  . PRO A 1 4  ? 0.279  1.544   -1.468  1.00 0.90 ? 4  PRO A HD2  6  
ATOM 1038 H HD3  . PRO A 1 4  ? 1.397  2.911   -1.612  1.00 0.98 ? 4  PRO A HD3  6  
ATOM 1039 N N    . THR A 1 5  ? -3.249 2.665   -3.883  1.00 1.01 ? 5  THR A N    6  
ATOM 1040 C CA   . THR A 1 5  ? -4.410 1.815   -4.102  1.00 1.21 ? 5  THR A CA   6  
ATOM 1041 C C    . THR A 1 5  ? -4.134 0.376   -3.665  1.00 0.94 ? 5  THR A C    6  
ATOM 1042 O O    . THR A 1 5  ? -3.173 -0.248  -4.118  1.00 1.74 ? 5  THR A O    6  
ATOM 1043 C CB   . THR A 1 5  ? -4.810 1.833   -5.588  1.00 2.13 ? 5  THR A CB   6  
ATOM 1044 O OG1  . THR A 1 5  ? -4.892 3.189   -6.049  1.00 2.94 ? 5  THR A OG1  6  
ATOM 1045 C CG2  . THR A 1 5  ? -6.149 1.143   -5.805  1.00 2.63 ? 5  THR A CG2  6  
ATOM 1046 H H    . THR A 1 5  ? -2.829 3.099   -4.657  1.00 1.52 ? 5  THR A H    6  
ATOM 1047 H HA   . THR A 1 5  ? -5.231 2.209   -3.524  1.00 1.41 ? 5  THR A HA   6  
ATOM 1048 H HB   . THR A 1 5  ? -4.055 1.310   -6.158  1.00 2.46 ? 5  THR A HB   6  
ATOM 1049 H HG1  . THR A 1 5  ? -4.168 3.358   -6.670  1.00 3.36 ? 5  THR A HG1  6  
ATOM 1050 H HG21 . THR A 1 5  ? -6.088 0.122   -5.453  1.00 3.00 ? 5  THR A HG21 6  
ATOM 1051 H HG22 . THR A 1 5  ? -6.391 1.148   -6.858  1.00 2.71 ? 5  THR A HG22 6  
ATOM 1052 H HG23 . THR A 1 5  ? -6.917 1.667   -5.256  1.00 3.14 ? 5  THR A HG23 6  
ATOM 1053 N N    . GLY A 1 6  ? -4.963 -0.135  -2.764  1.00 0.93 ? 6  GLY A N    6  
ATOM 1054 C CA   . GLY A 1 6  ? -4.809 -1.499  -2.302  1.00 1.30 ? 6  GLY A CA   6  
ATOM 1055 C C    . GLY A 1 6  ? -4.961 -1.615  -0.799  1.00 0.91 ? 6  GLY A C    6  
ATOM 1056 O O    . GLY A 1 6  ? -5.144 -0.608  -0.112  1.00 1.67 ? 6  GLY A O    6  
ATOM 1057 H H    . GLY A 1 6  ? -5.686 0.422   -2.400  1.00 1.46 ? 6  GLY A H    6  
ATOM 1058 H HA2  . GLY A 1 6  ? -5.555 -2.116  -2.780  1.00 1.85 ? 6  GLY A HA2  6  
ATOM 1059 H HA3  . GLY A 1 6  ? -3.829 -1.853  -2.583  1.00 1.96 ? 6  GLY A HA3  6  
ATOM 1060 N N    . SER A 1 7  ? -4.878 -2.837  -0.287  1.00 0.94 ? 7  SER A N    6  
ATOM 1061 C CA   . SER A 1 7  ? -5.018 -3.087  1.140   1.00 1.39 ? 7  SER A CA   6  
ATOM 1062 C C    . SER A 1 7  ? -3.715 -2.779  1.874   1.00 1.37 ? 7  SER A C    6  
ATOM 1063 O O    . SER A 1 7  ? -2.969 -3.688  2.250   1.00 2.27 ? 7  SER A O    6  
ATOM 1064 C CB   . SER A 1 7  ? -5.433 -4.540  1.372   1.00 2.10 ? 7  SER A CB   6  
ATOM 1065 O OG   . SER A 1 7  ? -4.608 -5.429  0.635   1.00 2.59 ? 7  SER A OG   6  
ATOM 1066 H H    . SER A 1 7  ? -4.717 -3.597  -0.888  1.00 1.49 ? 7  SER A H    6  
ATOM 1067 H HA   . SER A 1 7  ? -5.791 -2.436  1.517   1.00 1.61 ? 7  SER A HA   6  
ATOM 1068 H HB2  . SER A 1 7  ? -5.347 -4.776  2.423   1.00 2.47 ? 7  SER A HB2  6  
ATOM 1069 H HB3  . SER A 1 7  ? -6.457 -4.676  1.058   1.00 2.60 ? 7  SER A HB3  6  
ATOM 1070 H HG   . SER A 1 7  ? -3.690 -5.311  0.911   1.00 2.85 ? 7  SER A HG   6  
ATOM 1071 N N    . ASN A 1 8  ? -3.458 -1.490  2.066   1.00 0.84 ? 8  ASN A N    6  
ATOM 1072 C CA   . ASN A 1 8  ? -2.231 -1.012  2.701   1.00 0.87 ? 8  ASN A CA   6  
ATOM 1073 C C    . ASN A 1 8  ? -0.998 -1.599  2.025   1.00 0.68 ? 8  ASN A C    6  
ATOM 1074 O O    . ASN A 1 8  ? -0.305 -2.443  2.599   1.00 0.88 ? 8  ASN A O    6  
ATOM 1075 C CB   . ASN A 1 8  ? -2.213 -1.329  4.202   1.00 1.18 ? 8  ASN A CB   6  
ATOM 1076 C CG   . ASN A 1 8  ? -3.168 -0.459  4.995   1.00 2.01 ? 8  ASN A CG   6  
ATOM 1077 O OD1  . ASN A 1 8  ? -4.333 -0.808  5.187   1.00 2.80 ? 8  ASN A OD1  6  
ATOM 1078 N ND2  . ASN A 1 8  ? -2.682 0.675   5.471   1.00 2.52 ? 8  ASN A ND2  6  
ATOM 1079 H H    . ASN A 1 8  ? -4.119 -0.829  1.760   1.00 1.19 ? 8  ASN A H    6  
ATOM 1080 H HA   . ASN A 1 8  ? -2.204 0.060   2.577   1.00 1.08 ? 8  ASN A HA   6  
ATOM 1081 H HB2  . ASN A 1 8  ? -2.495 -2.362  4.346   1.00 1.47 ? 8  ASN A HB2  6  
ATOM 1082 H HB3  . ASN A 1 8  ? -1.215 -1.176  4.583   1.00 1.55 ? 8  ASN A HB3  6  
ATOM 1083 H HD21 . ASN A 1 8  ? -1.739 0.891   5.294   1.00 2.54 ? 8  ASN A HD21 6  
ATOM 1084 H HD22 . ASN A 1 8  ? -3.285 1.261   5.980   1.00 3.21 ? 8  ASN A HD22 6  
ATOM 1085 N N    . PRO A 1 9  ? -0.703 -1.156  0.791   1.00 0.87 ? 9  PRO A N    6  
ATOM 1086 C CA   . PRO A 1 9  ? 0.463  -1.614  0.029   1.00 0.93 ? 9  PRO A CA   6  
ATOM 1087 C C    . PRO A 1 9  ? 1.758  -1.008  0.550   1.00 0.96 ? 9  PRO A C    6  
ATOM 1088 O O    . PRO A 1 9  ? 2.605  -0.561  -0.219  1.00 1.45 ? 9  PRO A O    6  
ATOM 1089 C CB   . PRO A 1 9  ? 0.183  -1.130  -1.402  1.00 1.59 ? 9  PRO A CB   6  
ATOM 1090 C CG   . PRO A 1 9  ? -1.220 -0.612  -1.387  1.00 2.06 ? 9  PRO A CG   6  
ATOM 1091 C CD   . PRO A 1 9  ? -1.485 -0.184  0.023   1.00 1.44 ? 9  PRO A CD   6  
ATOM 1092 H HA   . PRO A 1 9  ? 0.548  -2.691  0.041   1.00 0.99 ? 9  PRO A HA   6  
ATOM 1093 H HB2  . PRO A 1 9  ? 0.884  -0.353  -1.661  1.00 1.77 ? 9  PRO A HB2  6  
ATOM 1094 H HB3  . PRO A 1 9  ? 0.287  -1.957  -2.088  1.00 1.77 ? 9  PRO A HB3  6  
ATOM 1095 H HG2  . PRO A 1 9  ? -1.310 0.228   -2.059  1.00 2.49 ? 9  PRO A HG2  6  
ATOM 1096 H HG3  . PRO A 1 9  ? -1.904 -1.396  -1.675  1.00 2.62 ? 9  PRO A HG3  6  
ATOM 1097 H HD2  . PRO A 1 9  ? -1.130 0.823   0.188   1.00 1.40 ? 9  PRO A HD2  6  
ATOM 1098 H HD3  . PRO A 1 9  ? -2.537 -0.263  0.254   1.00 1.71 ? 9  PRO A HD3  6  
ATOM 1099 N N    . GLN A 1 10 ? 1.914  -1.033  1.864   1.00 1.00 ? 10 GLN A N    6  
ATOM 1100 C CA   . GLN A 1 10 ? 3.088  -0.486  2.525   1.00 1.62 ? 10 GLN A CA   6  
ATOM 1101 C C    . GLN A 1 10 ? 4.255  -1.459  2.430   1.00 1.92 ? 10 GLN A C    6  
ATOM 1102 O O    . GLN A 1 10 ? 5.235  -1.334  3.164   1.00 2.47 ? 10 GLN A O    6  
ATOM 1103 C CB   . GLN A 1 10 ? 2.773  -0.220  3.999   1.00 2.07 ? 10 GLN A CB   6  
ATOM 1104 C CG   . GLN A 1 10 ? 2.449  -1.491  4.774   1.00 2.87 ? 10 GLN A CG   6  
ATOM 1105 C CD   . GLN A 1 10 ? 3.341  -1.684  5.983   1.00 3.51 ? 10 GLN A CD   6  
ATOM 1106 O OE1  . GLN A 1 10 ? 3.004  -1.272  7.090   1.00 4.11 ? 10 GLN A OE1  6  
ATOM 1107 N NE2  . GLN A 1 10 ? 4.499  -2.296  5.779   1.00 3.83 ? 10 GLN A NE2  6  
ATOM 1108 H H    . GLN A 1 10 ? 1.206  -1.437  2.412   1.00 0.91 ? 10 GLN A H    6  
ATOM 1109 H HA   . GLN A 1 10 ? 3.352  0.443   2.042   1.00 1.80 ? 10 GLN A HA   6  
ATOM 1110 H HB2  . GLN A 1 10 ? 3.628  0.253   4.461   1.00 2.58 ? 10 GLN A HB2  6  
ATOM 1111 H HB3  . GLN A 1 10 ? 1.924  0.442   4.064   1.00 1.95 ? 10 GLN A HB3  6  
ATOM 1112 H HG2  . GLN A 1 10 ? 1.423  -1.443  5.108   1.00 3.27 ? 10 GLN A HG2  6  
ATOM 1113 H HG3  . GLN A 1 10 ? 2.571  -2.340  4.116   1.00 3.31 ? 10 GLN A HG3  6  
ATOM 1114 H HE21 . GLN A 1 10 ? 4.720  -2.590  4.865   1.00 3.60 ? 10 GLN A HE21 6  
ATOM 1115 H HE22 . GLN A 1 10 ? 5.093  -2.430  6.548   1.00 4.52 ? 10 GLN A HE22 6  
ATOM 1116 N N    . LYS A 1 11 ? 4.138  -2.423  1.524   1.00 1.77 ? 11 LYS A N    6  
ATOM 1117 C CA   . LYS A 1 11 ? 5.097  -3.512  1.423   1.00 2.28 ? 11 LYS A CA   6  
ATOM 1118 C C    . LYS A 1 11 ? 6.480  -2.987  1.074   1.00 2.91 ? 11 LYS A C    6  
ATOM 1119 O O    . LYS A 1 11 ? 6.782  -2.682  -0.079  1.00 3.43 ? 11 LYS A O    6  
ATOM 1120 C CB   . LYS A 1 11 ? 4.634  -4.559  0.402   1.00 2.82 ? 11 LYS A CB   6  
ATOM 1121 C CG   . LYS A 1 11 ? 3.526  -5.475  0.919   1.00 3.38 ? 11 LYS A CG   6  
ATOM 1122 C CD   . LYS A 1 11 ? 2.222  -4.726  1.159   1.00 4.36 ? 11 LYS A CD   6  
ATOM 1123 C CE   . LYS A 1 11 ? 1.660  -4.995  2.547   1.00 5.17 ? 11 LYS A CE   6  
ATOM 1124 N NZ   . LYS A 1 11 ? 1.234  -6.407  2.715   1.00 6.02 ? 11 LYS A NZ   6  
ATOM 1125 H H    . LYS A 1 11 ? 3.393  -2.383  0.888   1.00 1.46 ? 11 LYS A H    6  
ATOM 1126 H HA   . LYS A 1 11 ? 5.150  -3.981  2.393   1.00 2.55 ? 11 LYS A HA   6  
ATOM 1127 H HB2  . LYS A 1 11 ? 4.268  -4.049  -0.478  1.00 3.16 ? 11 LYS A HB2  6  
ATOM 1128 H HB3  . LYS A 1 11 ? 5.478  -5.172  0.126   1.00 3.14 ? 11 LYS A HB3  6  
ATOM 1129 H HG2  . LYS A 1 11 ? 3.350  -6.253  0.191   1.00 3.25 ? 11 LYS A HG2  6  
ATOM 1130 H HG3  . LYS A 1 11 ? 3.849  -5.920  1.848   1.00 3.76 ? 11 LYS A HG3  6  
ATOM 1131 H HD2  . LYS A 1 11 ? 2.402  -3.668  1.058   1.00 4.73 ? 11 LYS A HD2  6  
ATOM 1132 H HD3  . LYS A 1 11 ? 1.497  -5.041  0.421   1.00 4.51 ? 11 LYS A HD3  6  
ATOM 1133 H HE2  . LYS A 1 11 ? 2.423  -4.770  3.279   1.00 5.45 ? 11 LYS A HE2  6  
ATOM 1134 H HE3  . LYS A 1 11 ? 0.810  -4.349  2.707   1.00 5.19 ? 11 LYS A HE3  6  
ATOM 1135 H HZ1  . LYS A 1 11 ? 0.519  -6.653  2.000   1.00 6.28 ? 11 LYS A HZ1  6  
ATOM 1136 H HZ2  . LYS A 1 11 ? 0.823  -6.547  3.658   1.00 6.48 ? 11 LYS A HZ2  6  
ATOM 1137 H HZ3  . LYS A 1 11 ? 2.046  -7.043  2.606   1.00 6.21 ? 11 LYS A HZ3  6  
ATOM 1138 N N    . ASN A 1 12 ? 7.297  -2.863  2.102   1.00 3.38 ? 12 ASN A N    6  
ATOM 1139 C CA   . ASN A 1 12 ? 8.645  -2.355  1.971   1.00 4.48 ? 12 ASN A CA   6  
ATOM 1140 C C    . ASN A 1 12 ? 9.608  -3.522  1.834   1.00 5.03 ? 12 ASN A C    6  
ATOM 1141 O O    . ASN A 1 12 ? 9.901  -4.170  2.860   1.00 5.37 ? 12 ASN A O    6  
ATOM 1142 C CB   . ASN A 1 12 ? 8.991  -1.502  3.199   1.00 5.23 ? 12 ASN A CB   6  
ATOM 1143 C CG   . ASN A 1 12 ? 10.330 -0.787  3.090   1.00 6.47 ? 12 ASN A CG   6  
ATOM 1144 O OD1  . ASN A 1 12 ? 11.267 -1.258  2.445   1.00 7.00 ? 12 ASN A OD1  6  
ATOM 1145 N ND2  . ASN A 1 12 ? 10.426 0.368   3.730   1.00 7.19 ? 12 ASN A ND2  6  
ATOM 1146 O OXT  . ASN A 1 12 ? 10.040 -3.808  0.699   1.00 5.49 ? 12 ASN A OXT  6  
ATOM 1147 H H    . ASN A 1 12 ? 6.978  -3.126  2.991   1.00 3.25 ? 12 ASN A H    6  
ATOM 1148 H HA   . ASN A 1 12 ? 8.694  -1.744  1.082   1.00 4.74 ? 12 ASN A HA   6  
ATOM 1149 H HB2  . ASN A 1 12 ? 8.221  -0.759  3.331   1.00 5.17 ? 12 ASN A HB2  6  
ATOM 1150 H HB3  . ASN A 1 12 ? 9.012  -2.140  4.070   1.00 5.25 ? 12 ASN A HB3  6  
ATOM 1151 H HD21 . ASN A 1 12 ? 9.642  0.689   4.225   1.00 6.98 ? 12 ASN A HD21 6  
ATOM 1152 H HD22 . ASN A 1 12 ? 11.276 0.854   3.686   1.00 8.04 ? 12 ASN A HD22 6  
ATOM 1153 N N    . ARG A 1 1  ? 3.215  9.970   2.003   1.00 3.89 ? 1  ARG A N    7  
ATOM 1154 C CA   . ARG A 1 1  ? 3.953  9.942   0.719   1.00 3.38 ? 1  ARG A CA   7  
ATOM 1155 C C    . ARG A 1 1  ? 3.930  8.533   0.120   1.00 2.30 ? 1  ARG A C    7  
ATOM 1156 O O    . ARG A 1 1  ? 4.487  8.290   -0.953  1.00 2.51 ? 1  ARG A O    7  
ATOM 1157 C CB   . ARG A 1 1  ? 5.396  10.425  0.934   1.00 4.31 ? 1  ARG A CB   7  
ATOM 1158 C CG   . ARG A 1 1  ? 6.236  10.554  -0.336  1.00 5.04 ? 1  ARG A CG   7  
ATOM 1159 C CD   . ARG A 1 1  ? 5.642  11.546  -1.328  1.00 5.93 ? 1  ARG A CD   7  
ATOM 1160 N NE   . ARG A 1 1  ? 4.518  10.983  -2.077  1.00 6.73 ? 1  ARG A NE   7  
ATOM 1161 C CZ   . ARG A 1 1  ? 3.666  11.710  -2.800  1.00 7.76 ? 1  ARG A CZ   7  
ATOM 1162 N NH1  . ARG A 1 1  ? 3.811  13.026  -2.873  1.00 8.16 ? 1  ARG A NH1  7  
ATOM 1163 N NH2  . ARG A 1 1  ? 2.676  11.118  -3.455  1.00 8.60 ? 1  ARG A NH2  7  
ATOM 1164 H H1   . ARG A 1 1  ? 3.255  10.918  2.420   1.00 4.26 ? 1  ARG A H1   7  
ATOM 1165 H H2   . ARG A 1 1  ? 3.633  9.293   2.674   1.00 3.94 ? 1  ARG A H2   7  
ATOM 1166 H H3   . ARG A 1 1  ? 2.218  9.713   1.849   1.00 4.27 ? 1  ARG A H3   7  
ATOM 1167 H HA   . ARG A 1 1  ? 3.457  10.616  0.033   1.00 3.64 ? 1  ARG A HA   7  
ATOM 1168 H HB2  . ARG A 1 1  ? 5.367  11.392  1.411   1.00 4.74 ? 1  ARG A HB2  7  
ATOM 1169 H HB3  . ARG A 1 1  ? 5.895  9.731   1.594   1.00 4.54 ? 1  ARG A HB3  7  
ATOM 1170 H HG2  . ARG A 1 1  ? 7.228  10.886  -0.065  1.00 5.33 ? 1  ARG A HG2  7  
ATOM 1171 H HG3  . ARG A 1 1  ? 6.300  9.584   -0.807  1.00 5.05 ? 1  ARG A HG3  7  
ATOM 1172 H HD2  . ARG A 1 1  ? 5.301  12.414  -0.785  1.00 6.03 ? 1  ARG A HD2  7  
ATOM 1173 H HD3  . ARG A 1 1  ? 6.415  11.841  -2.025  1.00 6.20 ? 1  ARG A HD3  7  
ATOM 1174 H HE   . ARG A 1 1  ? 4.399  10.005  -2.047  1.00 6.65 ? 1  ARG A HE   7  
ATOM 1175 H HH11 . ARG A 1 1  ? 4.561  13.480  -2.387  1.00 7.74 ? 1  ARG A HH11 7  
ATOM 1176 H HH12 . ARG A 1 1  ? 3.175  13.572  -3.422  1.00 9.02 ? 1  ARG A HH12 7  
ATOM 1177 H HH21 . ARG A 1 1  ? 2.566  10.119  -3.411  1.00 8.53 ? 1  ARG A HH21 7  
ATOM 1178 H HH22 . ARG A 1 1  ? 2.030  11.664  -3.998  1.00 9.42 ? 1  ARG A HH22 7  
ATOM 1179 N N    . LYS A 1 2  ? 3.268  7.607   0.804   1.00 1.85 ? 2  LYS A N    7  
ATOM 1180 C CA   . LYS A 1 2  ? 3.170  6.236   0.330   1.00 1.47 ? 2  LYS A CA   7  
ATOM 1181 C C    . LYS A 1 2  ? 1.771  5.682   0.592   1.00 1.21 ? 2  LYS A C    7  
ATOM 1182 O O    . LYS A 1 2  ? 0.851  6.446   0.895   1.00 1.99 ? 2  LYS A O    7  
ATOM 1183 C CB   . LYS A 1 2  ? 4.242  5.365   0.999   1.00 2.41 ? 2  LYS A CB   7  
ATOM 1184 C CG   . LYS A 1 2  ? 4.117  5.266   2.510   1.00 3.34 ? 2  LYS A CG   7  
ATOM 1185 C CD   . LYS A 1 2  ? 5.306  4.551   3.146   1.00 4.07 ? 2  LYS A CD   7  
ATOM 1186 C CE   . LYS A 1 2  ? 5.388  3.077   2.763   1.00 4.97 ? 2  LYS A CE   7  
ATOM 1187 N NZ   . LYS A 1 2  ? 6.010  2.863   1.427   1.00 5.50 ? 2  LYS A NZ   7  
ATOM 1188 H H    . LYS A 1 2  ? 2.824  7.850   1.645   1.00 2.45 ? 2  LYS A H    7  
ATOM 1189 H HA   . LYS A 1 2  ? 3.343  6.245   -0.737  1.00 1.77 ? 2  LYS A HA   7  
ATOM 1190 H HB2  . LYS A 1 2  ? 4.181  4.372   0.592   1.00 2.69 ? 2  LYS A HB2  7  
ATOM 1191 H HB3  . LYS A 1 2  ? 5.213  5.777   0.769   1.00 2.89 ? 2  LYS A HB3  7  
ATOM 1192 H HG2  . LYS A 1 2  ? 4.050  6.261   2.921   1.00 3.74 ? 2  LYS A HG2  7  
ATOM 1193 H HG3  . LYS A 1 2  ? 3.217  4.720   2.747   1.00 3.54 ? 2  LYS A HG3  7  
ATOM 1194 H HD2  . LYS A 1 2  ? 6.213  5.039   2.826   1.00 4.12 ? 2  LYS A HD2  7  
ATOM 1195 H HD3  . LYS A 1 2  ? 5.221  4.625   4.220   1.00 4.36 ? 2  LYS A HD3  7  
ATOM 1196 H HE2  . LYS A 1 2  ? 5.976  2.565   3.507   1.00 5.25 ? 2  LYS A HE2  7  
ATOM 1197 H HE3  . LYS A 1 2  ? 4.390  2.667   2.754   1.00 5.34 ? 2  LYS A HE3  7  
ATOM 1198 H HZ1  . LYS A 1 2  ? 5.373  3.185   0.674   1.00 5.93 ? 2  LYS A HZ1  7  
ATOM 1199 H HZ2  . LYS A 1 2  ? 6.212  1.854   1.283   1.00 5.84 ? 2  LYS A HZ2  7  
ATOM 1200 H HZ3  . LYS A 1 2  ? 6.902  3.393   1.358   1.00 5.49 ? 2  LYS A HZ3  7  
ATOM 1201 N N    . VAL A 1 3  ? 1.621  4.362   0.475   1.00 1.00 ? 3  VAL A N    7  
ATOM 1202 C CA   . VAL A 1 3  ? 0.325  3.697   0.632   1.00 0.81 ? 3  VAL A CA   7  
ATOM 1203 C C    . VAL A 1 3  ? -0.608 4.076   -0.517  1.00 0.68 ? 3  VAL A C    7  
ATOM 1204 O O    . VAL A 1 3  ? -1.447 4.966   -0.387  1.00 0.89 ? 3  VAL A O    7  
ATOM 1205 C CB   . VAL A 1 3  ? -0.359 4.023   1.986   1.00 1.19 ? 3  VAL A CB   7  
ATOM 1206 C CG1  . VAL A 1 3  ? -1.651 3.233   2.147   1.00 1.82 ? 3  VAL A CG1  7  
ATOM 1207 C CG2  . VAL A 1 3  ? 0.577  3.745   3.153   1.00 2.01 ? 3  VAL A CG2  7  
ATOM 1208 H H    . VAL A 1 3  ? 2.407  3.815   0.258   1.00 1.64 ? 3  VAL A H    7  
ATOM 1209 H HA   . VAL A 1 3  ? 0.500  2.631   0.595   1.00 0.76 ? 3  VAL A HA   7  
ATOM 1210 H HB   . VAL A 1 3  ? -0.606 5.076   1.994   1.00 1.55 ? 3  VAL A HB   7  
ATOM 1211 H HG11 . VAL A 1 3  ? -2.324 3.477   1.338   1.00 2.34 ? 3  VAL A HG11 7  
ATOM 1212 H HG12 . VAL A 1 3  ? -2.115 3.488   3.089   1.00 2.13 ? 3  VAL A HG12 7  
ATOM 1213 H HG13 . VAL A 1 3  ? -1.432 2.176   2.129   1.00 2.32 ? 3  VAL A HG13 7  
ATOM 1214 H HG21 . VAL A 1 3  ? 0.933  2.727   3.097   1.00 2.50 ? 3  VAL A HG21 7  
ATOM 1215 H HG22 . VAL A 1 3  ? 0.045  3.889   4.082   1.00 2.45 ? 3  VAL A HG22 7  
ATOM 1216 H HG23 . VAL A 1 3  ? 1.413  4.422   3.112   1.00 2.50 ? 3  VAL A HG23 7  
ATOM 1217 N N    . PRO A 1 4  ? -0.453 3.414   -1.672  1.00 0.61 ? 4  PRO A N    7  
ATOM 1218 C CA   . PRO A 1 4  ? -1.301 3.652   -2.836  1.00 0.79 ? 4  PRO A CA   7  
ATOM 1219 C C    . PRO A 1 4  ? -2.636 2.921   -2.732  1.00 0.95 ? 4  PRO A C    7  
ATOM 1220 O O    . PRO A 1 4  ? -3.039 2.491   -1.646  1.00 1.76 ? 4  PRO A O    7  
ATOM 1221 C CB   . PRO A 1 4  ? -0.467 3.092   -3.988  1.00 0.96 ? 4  PRO A CB   7  
ATOM 1222 C CG   . PRO A 1 4  ? 0.341  1.999   -3.375  1.00 0.77 ? 4  PRO A CG   7  
ATOM 1223 C CD   . PRO A 1 4  ? 0.569  2.386   -1.937  1.00 0.75 ? 4  PRO A CD   7  
ATOM 1224 H HA   . PRO A 1 4  ? -1.477 4.706   -2.990  1.00 0.96 ? 4  PRO A HA   7  
ATOM 1225 H HB2  . PRO A 1 4  ? -1.121 2.715   -4.760  1.00 1.24 ? 4  PRO A HB2  7  
ATOM 1226 H HB3  . PRO A 1 4  ? 0.164  3.870   -4.389  1.00 1.15 ? 4  PRO A HB3  7  
ATOM 1227 H HG2  . PRO A 1 4  ? -0.202 1.065   -3.426  1.00 0.85 ? 4  PRO A HG2  7  
ATOM 1228 H HG3  . PRO A 1 4  ? 1.286  1.910   -3.891  1.00 0.94 ? 4  PRO A HG3  7  
ATOM 1229 H HD2  . PRO A 1 4  ? 0.424  1.531   -1.293  1.00 0.90 ? 4  PRO A HD2  7  
ATOM 1230 H HD3  . PRO A 1 4  ? 1.561  2.789   -1.809  1.00 0.98 ? 4  PRO A HD3  7  
ATOM 1231 N N    . THR A 1 5  ? -3.325 2.791   -3.855  1.00 1.01 ? 5  THR A N    7  
ATOM 1232 C CA   . THR A 1 5  ? -4.577 2.058   -3.898  1.00 1.21 ? 5  THR A CA   7  
ATOM 1233 C C    . THR A 1 5  ? -4.349 0.582   -3.548  1.00 0.94 ? 5  THR A C    7  
ATOM 1234 O O    . THR A 1 5  ? -3.414 -0.053  -4.045  1.00 1.74 ? 5  THR A O    7  
ATOM 1235 C CB   . THR A 1 5  ? -5.259 2.192   -5.282  1.00 2.13 ? 5  THR A CB   7  
ATOM 1236 O OG1  . THR A 1 5  ? -6.488 1.453   -5.309  1.00 2.94 ? 5  THR A OG1  7  
ATOM 1237 C CG2  . THR A 1 5  ? -4.346 1.714   -6.406  1.00 2.63 ? 5  THR A CG2  7  
ATOM 1238 H H    . THR A 1 5  ? -2.984 3.207   -4.676  1.00 1.52 ? 5  THR A H    7  
ATOM 1239 H HA   . THR A 1 5  ? -5.234 2.490   -3.157  1.00 1.41 ? 5  THR A HA   7  
ATOM 1240 H HB   . THR A 1 5  ? -5.482 3.236   -5.448  1.00 2.46 ? 5  THR A HB   7  
ATOM 1241 H HG1  . THR A 1 5  ? -7.081 1.843   -5.967  1.00 3.36 ? 5  THR A HG1  7  
ATOM 1242 H HG21 . THR A 1 5  ? -4.861 1.802   -7.350  1.00 3.00 ? 5  THR A HG21 7  
ATOM 1243 H HG22 . THR A 1 5  ? -4.079 0.680   -6.238  1.00 2.71 ? 5  THR A HG22 7  
ATOM 1244 H HG23 . THR A 1 5  ? -3.453 2.318   -6.426  1.00 3.14 ? 5  THR A HG23 7  
ATOM 1245 N N    . GLY A 1 6  ? -5.188 0.056   -2.667  1.00 0.93 ? 6  GLY A N    7  
ATOM 1246 C CA   . GLY A 1 6  ? -5.048 -1.318  -2.233  1.00 1.30 ? 6  GLY A CA   7  
ATOM 1247 C C    . GLY A 1 6  ? -5.196 -1.449  -0.732  1.00 0.91 ? 6  GLY A C    7  
ATOM 1248 O O    . GLY A 1 6  ? -5.368 -0.450  -0.029  1.00 1.67 ? 6  GLY A O    7  
ATOM 1249 H H    . GLY A 1 6  ? -5.909 0.611   -2.298  1.00 1.46 ? 6  GLY A H    7  
ATOM 1250 H HA2  . GLY A 1 6  ? -5.803 -1.919  -2.714  1.00 1.85 ? 6  GLY A HA2  7  
ATOM 1251 H HA3  . GLY A 1 6  ? -4.073 -1.680  -2.521  1.00 1.96 ? 6  GLY A HA3  7  
ATOM 1252 N N    . SER A 1 7  ? -5.121 -2.671  -0.235  1.00 0.94 ? 7  SER A N    7  
ATOM 1253 C CA   . SER A 1 7  ? -5.290 -2.927  1.188   1.00 1.39 ? 7  SER A CA   7  
ATOM 1254 C C    . SER A 1 7  ? -3.958 -2.794  1.921   1.00 1.37 ? 7  SER A C    7  
ATOM 1255 O O    . SER A 1 7  ? -3.510 -3.739  2.575   1.00 2.27 ? 7  SER A O    7  
ATOM 1256 C CB   . SER A 1 7  ? -5.868 -4.328  1.398   1.00 2.10 ? 7  SER A CB   7  
ATOM 1257 O OG   . SER A 1 7  ? -6.968 -4.555  0.530   1.00 2.59 ? 7  SER A OG   7  
ATOM 1258 H H    . SER A 1 7  ? -4.938 -3.424  -0.838  1.00 1.49 ? 7  SER A H    7  
ATOM 1259 H HA   . SER A 1 7  ? -5.981 -2.197  1.580   1.00 1.61 ? 7  SER A HA   7  
ATOM 1260 H HB2  . SER A 1 7  ? -5.105 -5.064  1.195   1.00 2.47 ? 7  SER A HB2  7  
ATOM 1261 H HB3  . SER A 1 7  ? -6.203 -4.427  2.420   1.00 2.60 ? 7  SER A HB3  7  
ATOM 1262 H HG   . SER A 1 7  ? -7.215 -3.722  0.105   1.00 2.85 ? 7  SER A HG   7  
ATOM 1263 N N    . ASN A 1 8  ? -3.341 -1.613  1.801   1.00 0.84 ? 8  ASN A N    7  
ATOM 1264 C CA   . ASN A 1 8  ? -2.019 -1.341  2.378   1.00 0.87 ? 8  ASN A CA   7  
ATOM 1265 C C    . ASN A 1 8  ? -0.939 -2.122  1.623   1.00 0.68 ? 8  ASN A C    7  
ATOM 1266 O O    . ASN A 1 8  ? -1.068 -3.319  1.408   1.00 0.88 ? 8  ASN A O    7  
ATOM 1267 C CB   . ASN A 1 8  ? -1.995 -1.670  3.880   1.00 1.18 ? 8  ASN A CB   7  
ATOM 1268 C CG   . ASN A 1 8  ? -0.611 -1.574  4.492   1.00 2.01 ? 8  ASN A CG   7  
ATOM 1269 O OD1  . ASN A 1 8  ? -0.162 -0.494  4.877   1.00 2.80 ? 8  ASN A OD1  7  
ATOM 1270 N ND2  . ASN A 1 8  ? 0.060  -2.705  4.619   1.00 2.52 ? 8  ASN A ND2  7  
ATOM 1271 H H    . ASN A 1 8  ? -3.793 -0.898  1.299   1.00 1.19 ? 8  ASN A H    7  
ATOM 1272 H HA   . ASN A 1 8  ? -1.824 -0.286  2.251   1.00 1.08 ? 8  ASN A HA   7  
ATOM 1273 H HB2  . ASN A 1 8  ? -2.643 -0.982  4.401   1.00 1.47 ? 8  ASN A HB2  7  
ATOM 1274 H HB3  . ASN A 1 8  ? -2.361 -2.677  4.025   1.00 1.55 ? 8  ASN A HB3  7  
ATOM 1275 H HD21 . ASN A 1 8  ? -0.371 -3.536  4.316   1.00 2.54 ? 8  ASN A HD21 7  
ATOM 1276 H HD22 . ASN A 1 8  ? 0.956  -2.671  5.016   1.00 3.21 ? 8  ASN A HD22 7  
ATOM 1277 N N    . PRO A 1 9  ? 0.133  -1.451  1.186   1.00 0.87 ? 9  PRO A N    7  
ATOM 1278 C CA   . PRO A 1 9  ? 1.178  -2.082  0.376   1.00 0.93 ? 9  PRO A CA   7  
ATOM 1279 C C    . PRO A 1 9  ? 2.233  -2.820  1.201   1.00 0.96 ? 9  PRO A C    7  
ATOM 1280 O O    . PRO A 1 9  ? 3.416  -2.489  1.146   1.00 1.45 ? 9  PRO A O    7  
ATOM 1281 C CB   . PRO A 1 9  ? 1.798  -0.883  -0.334  1.00 1.59 ? 9  PRO A CB   7  
ATOM 1282 C CG   . PRO A 1 9  ? 1.709  0.208   0.677   1.00 2.06 ? 9  PRO A CG   7  
ATOM 1283 C CD   . PRO A 1 9  ? 0.411  -0.017  1.412   1.00 1.44 ? 9  PRO A CD   7  
ATOM 1284 H HA   . PRO A 1 9  ? 0.761  -2.759  -0.351  1.00 0.99 ? 9  PRO A HA   7  
ATOM 1285 H HB2  . PRO A 1 9  ? 2.822  -1.102  -0.598  1.00 1.77 ? 9  PRO A HB2  7  
ATOM 1286 H HB3  . PRO A 1 9  ? 1.227  -0.645  -1.222  1.00 1.77 ? 9  PRO A HB3  7  
ATOM 1287 H HG2  . PRO A 1 9  ? 2.543  0.144   1.359   1.00 2.49 ? 9  PRO A HG2  7  
ATOM 1288 H HG3  . PRO A 1 9  ? 1.700  1.167   0.183   1.00 2.62 ? 9  PRO A HG3  7  
ATOM 1289 H HD2  . PRO A 1 9  ? 0.532  0.193   2.464   1.00 1.40 ? 9  PRO A HD2  7  
ATOM 1290 H HD3  . PRO A 1 9  ? -0.371 0.596   0.991   1.00 1.71 ? 9  PRO A HD3  7  
ATOM 1291 N N    . GLN A 1 10 ? 1.814  -3.833  1.952   1.00 1.00 ? 10 GLN A N    7  
ATOM 1292 C CA   . GLN A 1 10 ? 2.770  -4.643  2.704   1.00 1.62 ? 10 GLN A CA   7  
ATOM 1293 C C    . GLN A 1 10 ? 3.316  -5.765  1.828   1.00 1.92 ? 10 GLN A C    7  
ATOM 1294 O O    . GLN A 1 10 ? 4.292  -6.422  2.178   1.00 2.47 ? 10 GLN A O    7  
ATOM 1295 C CB   . GLN A 1 10 ? 2.150  -5.234  3.981   1.00 2.07 ? 10 GLN A CB   7  
ATOM 1296 C CG   . GLN A 1 10 ? 1.139  -6.354  3.753   1.00 2.87 ? 10 GLN A CG   7  
ATOM 1297 C CD   . GLN A 1 10 ? -0.226 -5.853  3.337   1.00 3.51 ? 10 GLN A CD   7  
ATOM 1298 O OE1  . GLN A 1 10 ? -1.062 -5.538  4.182   1.00 4.11 ? 10 GLN A OE1  7  
ATOM 1299 N NE2  . GLN A 1 10 ? -0.474 -5.788  2.040   1.00 3.83 ? 10 GLN A NE2  7  
ATOM 1300 H H    . GLN A 1 10 ? 0.852  -4.030  2.008   1.00 0.91 ? 10 GLN A H    7  
ATOM 1301 H HA   . GLN A 1 10 ? 3.591  -3.999  2.983   1.00 1.80 ? 10 GLN A HA   7  
ATOM 1302 H HB2  . GLN A 1 10 ? 2.943  -5.624  4.598   1.00 2.58 ? 10 GLN A HB2  7  
ATOM 1303 H HB3  . GLN A 1 10 ? 1.653  -4.440  4.519   1.00 1.95 ? 10 GLN A HB3  7  
ATOM 1304 H HG2  . GLN A 1 10 ? 1.516  -7.004  2.978   1.00 3.27 ? 10 GLN A HG2  7  
ATOM 1305 H HG3  . GLN A 1 10 ? 1.035  -6.918  4.670   1.00 3.31 ? 10 GLN A HG3  7  
ATOM 1306 H HE21 . GLN A 1 10 ? 0.225  -6.065  1.414   1.00 3.60 ? 10 GLN A HE21 7  
ATOM 1307 H HE22 . GLN A 1 10 ? -1.354 -5.450  1.755   1.00 4.52 ? 10 GLN A HE22 7  
ATOM 1308 N N    . LYS A 1 11 ? 2.679  -5.967  0.682   1.00 1.77 ? 11 LYS A N    7  
ATOM 1309 C CA   . LYS A 1 11 ? 3.055  -7.040  -0.234  1.00 2.28 ? 11 LYS A CA   7  
ATOM 1310 C C    . LYS A 1 11 ? 2.549  -6.718  -1.633  1.00 2.91 ? 11 LYS A C    7  
ATOM 1311 O O    . LYS A 1 11 ? 2.192  -7.605  -2.407  1.00 3.43 ? 11 LYS A O    7  
ATOM 1312 C CB   . LYS A 1 11 ? 2.481  -8.379  0.248   1.00 2.82 ? 11 LYS A CB   7  
ATOM 1313 C CG   . LYS A 1 11 ? 0.967  -8.382  0.362   1.00 3.38 ? 11 LYS A CG   7  
ATOM 1314 C CD   . LYS A 1 11 ? 0.435  -9.685  0.929   1.00 4.36 ? 11 LYS A CD   7  
ATOM 1315 C CE   . LYS A 1 11 ? -1.082 -9.660  1.023   1.00 5.17 ? 11 LYS A CE   7  
ATOM 1316 N NZ   . LYS A 1 11 ? -1.716 -9.513  -0.315  1.00 6.02 ? 11 LYS A NZ   7  
ATOM 1317 H H    . LYS A 1 11 ? 1.942  -5.366  0.433   1.00 1.46 ? 11 LYS A H    7  
ATOM 1318 H HA   . LYS A 1 11 ? 4.133  -7.101  -0.255  1.00 2.55 ? 11 LYS A HA   7  
ATOM 1319 H HB2  . LYS A 1 11 ? 2.771  -9.153  -0.446  1.00 3.16 ? 11 LYS A HB2  7  
ATOM 1320 H HB3  . LYS A 1 11 ? 2.894  -8.605  1.220   1.00 3.14 ? 11 LYS A HB3  7  
ATOM 1321 H HG2  . LYS A 1 11 ? 0.666  -7.575  1.009   1.00 3.25 ? 11 LYS A HG2  7  
ATOM 1322 H HG3  . LYS A 1 11 ? 0.544  -8.231  -0.620  1.00 3.76 ? 11 LYS A HG3  7  
ATOM 1323 H HD2  . LYS A 1 11 ? 0.736  -10.499 0.286   1.00 4.73 ? 11 LYS A HD2  7  
ATOM 1324 H HD3  . LYS A 1 11 ? 0.847  -9.832  1.916   1.00 4.51 ? 11 LYS A HD3  7  
ATOM 1325 H HE2  . LYS A 1 11 ? -1.420 -10.581 1.470   1.00 5.45 ? 11 LYS A HE2  7  
ATOM 1326 H HE3  . LYS A 1 11 ? -1.379 -8.828  1.645   1.00 5.19 ? 11 LYS A HE3  7  
ATOM 1327 H HZ1  . LYS A 1 11 ? -2.748 -9.429  -0.217  1.00 6.28 ? 11 LYS A HZ1  7  
ATOM 1328 H HZ2  . LYS A 1 11 ? -1.504 -10.341 -0.906  1.00 6.48 ? 11 LYS A HZ2  7  
ATOM 1329 H HZ3  . LYS A 1 11 ? -1.356 -8.662  -0.793  1.00 6.21 ? 11 LYS A HZ3  7  
ATOM 1330 N N    . ASN A 1 12 ? 2.537  -5.436  -1.949  1.00 3.38 ? 12 ASN A N    7  
ATOM 1331 C CA   . ASN A 1 12 ? 1.947  -4.956  -3.187  1.00 4.48 ? 12 ASN A CA   7  
ATOM 1332 C C    . ASN A 1 12 ? 2.938  -4.086  -3.944  1.00 5.03 ? 12 ASN A C    7  
ATOM 1333 O O    . ASN A 1 12 ? 3.325  -3.026  -3.413  1.00 5.37 ? 12 ASN A O    7  
ATOM 1334 C CB   . ASN A 1 12 ? 0.657  -4.183  -2.894  1.00 5.23 ? 12 ASN A CB   7  
ATOM 1335 C CG   . ASN A 1 12 ? 0.123  -3.438  -4.106  1.00 6.47 ? 12 ASN A CG   7  
ATOM 1336 O OD1  . ASN A 1 12 ? 0.435  -2.267  -4.322  1.00 7.00 ? 12 ASN A OD1  7  
ATOM 1337 N ND2  . ASN A 1 12 ? -0.686 -4.112  -4.904  1.00 7.19 ? 12 ASN A ND2  7  
ATOM 1338 O OXT  . ASN A 1 12 ? 3.328  -4.469  -5.066  1.00 5.49 ? 12 ASN A OXT  7  
ATOM 1339 H H    . ASN A 1 12 ? 2.966  -4.792  -1.349  1.00 3.25 ? 12 ASN A H    7  
ATOM 1340 H HA   . ASN A 1 12 ? 1.709  -5.817  -3.794  1.00 4.74 ? 12 ASN A HA   7  
ATOM 1341 H HB2  . ASN A 1 12 ? -0.100 -4.879  -2.567  1.00 5.17 ? 12 ASN A HB2  7  
ATOM 1342 H HB3  . ASN A 1 12 ? 0.844  -3.472  -2.106  1.00 5.25 ? 12 ASN A HB3  7  
ATOM 1343 H HD21 . ASN A 1 12 ? -0.893 -5.043  -4.675  1.00 6.98 ? 12 ASN A HD21 7  
ATOM 1344 H HD22 . ASN A 1 12 ? -1.046 -3.657  -5.694  1.00 8.04 ? 12 ASN A HD22 7  
ATOM 1345 N N    . ARG A 1 1  ? 5.743  4.702   -0.813  1.00 3.89 ? 1  ARG A N    8  
ATOM 1346 C CA   . ARG A 1 1  ? 4.661  5.641   -0.440  1.00 3.38 ? 1  ARG A CA   8  
ATOM 1347 C C    . ARG A 1 1  ? 3.639  4.941   0.451   1.00 2.30 ? 1  ARG A C    8  
ATOM 1348 O O    . ARG A 1 1  ? 3.579  3.715   0.474   1.00 2.51 ? 1  ARG A O    8  
ATOM 1349 C CB   . ARG A 1 1  ? 4.007  6.224   -1.700  1.00 4.31 ? 1  ARG A CB   8  
ATOM 1350 C CG   . ARG A 1 1  ? 3.556  5.184   -2.709  1.00 5.04 ? 1  ARG A CG   8  
ATOM 1351 C CD   . ARG A 1 1  ? 3.316  5.803   -4.080  1.00 5.93 ? 1  ARG A CD   8  
ATOM 1352 N NE   . ARG A 1 1  ? 2.275  6.829   -4.054  1.00 6.73 ? 1  ARG A NE   8  
ATOM 1353 C CZ   . ARG A 1 1  ? 2.196  7.835   -4.928  1.00 7.76 ? 1  ARG A CZ   8  
ATOM 1354 N NH1  . ARG A 1 1  ? 3.113  7.971   -5.882  1.00 8.16 ? 1  ARG A NH1  8  
ATOM 1355 N NH2  . ARG A 1 1  ? 1.201  8.708   -4.841  1.00 8.60 ? 1  ARG A NH2  8  
ATOM 1356 H H1   . ARG A 1 1  ? 6.419  5.168   -1.449  1.00 4.26 ? 1  ARG A H1   8  
ATOM 1357 H H2   . ARG A 1 1  ? 5.343  3.872   -1.294  1.00 3.94 ? 1  ARG A H2   8  
ATOM 1358 H H3   . ARG A 1 1  ? 6.244  4.381   0.039   1.00 4.27 ? 1  ARG A H3   8  
ATOM 1359 H HA   . ARG A 1 1  ? 5.106  6.446   0.126   1.00 3.64 ? 1  ARG A HA   8  
ATOM 1360 H HB2  . ARG A 1 1  ? 3.146  6.801   -1.405  1.00 4.74 ? 1  ARG A HB2  8  
ATOM 1361 H HB3  . ARG A 1 1  ? 4.714  6.881   -2.186  1.00 4.54 ? 1  ARG A HB3  8  
ATOM 1362 H HG2  . ARG A 1 1  ? 4.318  4.424   -2.797  1.00 5.33 ? 1  ARG A HG2  8  
ATOM 1363 H HG3  . ARG A 1 1  ? 2.636  4.735   -2.362  1.00 5.05 ? 1  ARG A HG3  8  
ATOM 1364 H HD2  . ARG A 1 1  ? 4.238  6.250   -4.422  1.00 6.03 ? 1  ARG A HD2  8  
ATOM 1365 H HD3  . ARG A 1 1  ? 3.021  5.023   -4.766  1.00 6.20 ? 1  ARG A HD3  8  
ATOM 1366 H HE   . ARG A 1 1  ? 1.592  6.760   -3.346  1.00 6.65 ? 1  ARG A HE   8  
ATOM 1367 H HH11 . ARG A 1 1  ? 3.871  7.320   -5.954  1.00 7.74 ? 1  ARG A HH11 8  
ATOM 1368 H HH12 . ARG A 1 1  ? 3.056  8.733   -6.534  1.00 9.02 ? 1  ARG A HH12 8  
ATOM 1369 H HH21 . ARG A 1 1  ? 0.506  8.613   -4.121  1.00 8.53 ? 1  ARG A HH21 8  
ATOM 1370 H HH22 . ARG A 1 1  ? 1.136  9.469   -5.493  1.00 9.42 ? 1  ARG A HH22 8  
ATOM 1371 N N    . LYS A 1 2  ? 2.845  5.732   1.177   1.00 1.85 ? 2  LYS A N    8  
ATOM 1372 C CA   . LYS A 1 2  ? 1.958  5.212   2.224   1.00 1.47 ? 2  LYS A CA   8  
ATOM 1373 C C    . LYS A 1 2  ? 0.985  4.147   1.714   1.00 1.21 ? 2  LYS A C    8  
ATOM 1374 O O    . LYS A 1 2  ? 1.158  2.962   1.996   1.00 1.99 ? 2  LYS A O    8  
ATOM 1375 C CB   . LYS A 1 2  ? 1.185  6.356   2.896   1.00 2.41 ? 2  LYS A CB   8  
ATOM 1376 C CG   . LYS A 1 2  ? 1.932  7.025   4.046   1.00 3.34 ? 2  LYS A CG   8  
ATOM 1377 C CD   . LYS A 1 2  ? 3.248  7.644   3.597   1.00 4.07 ? 2  LYS A CD   8  
ATOM 1378 C CE   . LYS A 1 2  ? 4.012  8.254   4.754   1.00 4.97 ? 2  LYS A CE   8  
ATOM 1379 N NZ   . LYS A 1 2  ? 3.226  9.301   5.462   1.00 5.50 ? 2  LYS A NZ   8  
ATOM 1380 H H    . LYS A 1 2  ? 2.856  6.699   1.005   1.00 2.45 ? 2  LYS A H    8  
ATOM 1381 H HA   . LYS A 1 2  ? 2.587  4.753   2.970   1.00 1.77 ? 2  LYS A HA   8  
ATOM 1382 H HB2  . LYS A 1 2  ? 0.967  7.108   2.154   1.00 2.69 ? 2  LYS A HB2  8  
ATOM 1383 H HB3  . LYS A 1 2  ? 0.254  5.964   3.281   1.00 2.89 ? 2  LYS A HB3  8  
ATOM 1384 H HG2  . LYS A 1 2  ? 1.309  7.802   4.460   1.00 3.74 ? 2  LYS A HG2  8  
ATOM 1385 H HG3  . LYS A 1 2  ? 2.136  6.285   4.806   1.00 3.54 ? 2  LYS A HG3  8  
ATOM 1386 H HD2  . LYS A 1 2  ? 3.860  6.874   3.157   1.00 4.12 ? 2  LYS A HD2  8  
ATOM 1387 H HD3  . LYS A 1 2  ? 3.044  8.411   2.865   1.00 4.36 ? 2  LYS A HD3  8  
ATOM 1388 H HE2  . LYS A 1 2  ? 4.258  7.469   5.448   1.00 5.25 ? 2  LYS A HE2  8  
ATOM 1389 H HE3  . LYS A 1 2  ? 4.922  8.694   4.376   1.00 5.34 ? 2  LYS A HE3  8  
ATOM 1390 H HZ1  . LYS A 1 2  ? 3.814  9.764   6.185   1.00 5.93 ? 2  LYS A HZ1  8  
ATOM 1391 H HZ2  . LYS A 1 2  ? 2.400  8.876   5.930   1.00 5.84 ? 2  LYS A HZ2  8  
ATOM 1392 H HZ3  . LYS A 1 2  ? 2.895  10.021  4.790   1.00 5.49 ? 2  LYS A HZ3  8  
ATOM 1393 N N    . VAL A 1 3  ? -0.042 4.565   0.984   1.00 1.00 ? 3  VAL A N    8  
ATOM 1394 C CA   . VAL A 1 3  ? -1.055 3.635   0.501   1.00 0.81 ? 3  VAL A CA   8  
ATOM 1395 C C    . VAL A 1 3  ? -1.482 3.949   -0.939  1.00 0.68 ? 3  VAL A C    8  
ATOM 1396 O O    . VAL A 1 3  ? -2.541 4.535   -1.178  1.00 0.89 ? 3  VAL A O    8  
ATOM 1397 C CB   . VAL A 1 3  ? -2.307 3.608   1.419   1.00 1.19 ? 3  VAL A CB   8  
ATOM 1398 C CG1  . VAL A 1 3  ? -2.018 2.835   2.694   1.00 1.82 ? 3  VAL A CG1  8  
ATOM 1399 C CG2  . VAL A 1 3  ? -2.773 5.016   1.763   1.00 2.01 ? 3  VAL A CG2  8  
ATOM 1400 H H    . VAL A 1 3  ? -0.120 5.510   0.763   1.00 1.64 ? 3  VAL A H    8  
ATOM 1401 H HA   . VAL A 1 3  ? -0.610 2.654   0.519   1.00 0.76 ? 3  VAL A HA   8  
ATOM 1402 H HB   . VAL A 1 3  ? -3.105 3.104   0.892   1.00 1.55 ? 3  VAL A HB   8  
ATOM 1403 H HG11 . VAL A 1 3  ? -1.734 1.823   2.446   1.00 2.34 ? 3  VAL A HG11 8  
ATOM 1404 H HG12 . VAL A 1 3  ? -2.904 2.818   3.313   1.00 2.13 ? 3  VAL A HG12 8  
ATOM 1405 H HG13 . VAL A 1 3  ? -1.213 3.313   3.232   1.00 2.32 ? 3  VAL A HG13 8  
ATOM 1406 H HG21 . VAL A 1 3  ? -1.988 5.537   2.290   1.00 2.50 ? 3  VAL A HG21 8  
ATOM 1407 H HG22 . VAL A 1 3  ? -3.653 4.961   2.388   1.00 2.45 ? 3  VAL A HG22 8  
ATOM 1408 H HG23 . VAL A 1 3  ? -3.012 5.548   0.854   1.00 2.50 ? 3  VAL A HG23 8  
ATOM 1409 N N    . PRO A 1 4  ? -0.659 3.558   -1.925  1.00 0.61 ? 4  PRO A N    8  
ATOM 1410 C CA   . PRO A 1 4  ? -0.972 3.771   -3.338  1.00 0.79 ? 4  PRO A CA   8  
ATOM 1411 C C    . PRO A 1 4  ? -1.952 2.735   -3.886  1.00 0.95 ? 4  PRO A C    8  
ATOM 1412 O O    . PRO A 1 4  ? -2.715 3.016   -4.811  1.00 1.76 ? 4  PRO A O    8  
ATOM 1413 C CB   . PRO A 1 4  ? 0.387  3.627   -4.015  1.00 0.96 ? 4  PRO A CB   8  
ATOM 1414 C CG   . PRO A 1 4  ? 1.135  2.670   -3.153  1.00 0.77 ? 4  PRO A CG   8  
ATOM 1415 C CD   . PRO A 1 4  ? 0.647  2.895   -1.745  1.00 0.75 ? 4  PRO A CD   8  
ATOM 1416 H HA   . PRO A 1 4  ? -1.362 4.762   -3.511  1.00 0.96 ? 4  PRO A HA   8  
ATOM 1417 H HB2  . PRO A 1 4  ? 0.255  3.242   -5.016  1.00 1.24 ? 4  PRO A HB2  8  
ATOM 1418 H HB3  . PRO A 1 4  ? 0.877  4.589   -4.055  1.00 1.15 ? 4  PRO A HB3  8  
ATOM 1419 H HG2  . PRO A 1 4  ? 0.927  1.658   -3.465  1.00 0.85 ? 4  PRO A HG2  8  
ATOM 1420 H HG3  . PRO A 1 4  ? 2.195  2.870   -3.219  1.00 0.94 ? 4  PRO A HG3  8  
ATOM 1421 H HD2  . PRO A 1 4  ? 0.530  1.953   -1.232  1.00 0.90 ? 4  PRO A HD2  8  
ATOM 1422 H HD3  . PRO A 1 4  ? 1.330  3.535   -1.205  1.00 0.98 ? 4  PRO A HD3  8  
ATOM 1423 N N    . THR A 1 5  ? -1.939 1.544   -3.302  1.00 1.01 ? 5  THR A N    8  
ATOM 1424 C CA   . THR A 1 5  ? -2.767 0.452   -3.778  1.00 1.21 ? 5  THR A CA   8  
ATOM 1425 C C    . THR A 1 5  ? -3.326 -0.349  -2.605  1.00 0.94 ? 5  THR A C    8  
ATOM 1426 O O    . THR A 1 5  ? -2.611 -0.636  -1.640  1.00 1.74 ? 5  THR A O    8  
ATOM 1427 C CB   . THR A 1 5  ? -1.976 -0.474  -4.736  1.00 2.13 ? 5  THR A CB   8  
ATOM 1428 O OG1  . THR A 1 5  ? -2.811 -1.535  -5.215  1.00 2.94 ? 5  THR A OG1  8  
ATOM 1429 C CG2  . THR A 1 5  ? -0.749 -1.063  -4.053  1.00 2.63 ? 5  THR A CG2  8  
ATOM 1430 H H    . THR A 1 5  ? -1.364 1.398   -2.523  1.00 1.52 ? 5  THR A H    8  
ATOM 1431 H HA   . THR A 1 5  ? -3.593 0.881   -4.331  1.00 1.41 ? 5  THR A HA   8  
ATOM 1432 H HB   . THR A 1 5  ? -1.645 0.115   -5.579  1.00 2.46 ? 5  THR A HB   8  
ATOM 1433 H HG1  . THR A 1 5  ? -2.721 -1.598  -6.176  1.00 3.36 ? 5  THR A HG1  8  
ATOM 1434 H HG21 . THR A 1 5  ? -1.058 -1.651  -3.200  1.00 3.00 ? 5  THR A HG21 8  
ATOM 1435 H HG22 . THR A 1 5  ? -0.100 -0.265  -3.724  1.00 2.71 ? 5  THR A HG22 8  
ATOM 1436 H HG23 . THR A 1 5  ? -0.217 -1.695  -4.750  1.00 3.14 ? 5  THR A HG23 8  
ATOM 1437 N N    . GLY A 1 6  ? -4.610 -0.682  -2.687  1.00 0.93 ? 6  GLY A N    8  
ATOM 1438 C CA   . GLY A 1 6  ? -5.261 -1.429  -1.629  1.00 1.30 ? 6  GLY A CA   8  
ATOM 1439 C C    . GLY A 1 6  ? -5.275 -0.672  -0.317  1.00 0.91 ? 6  GLY A C    8  
ATOM 1440 O O    . GLY A 1 6  ? -5.266 0.561   -0.302  1.00 1.67 ? 6  GLY A O    8  
ATOM 1441 H H    . GLY A 1 6  ? -5.125 -0.410  -3.475  1.00 1.46 ? 6  GLY A H    8  
ATOM 1442 H HA2  . GLY A 1 6  ? -6.278 -1.637  -1.923  1.00 1.85 ? 6  GLY A HA2  8  
ATOM 1443 H HA3  . GLY A 1 6  ? -4.739 -2.363  -1.488  1.00 1.96 ? 6  GLY A HA3  8  
ATOM 1444 N N    . SER A 1 7  ? -5.291 -1.402  0.785   1.00 0.94 ? 7  SER A N    8  
ATOM 1445 C CA   . SER A 1 7  ? -5.238 -0.787  2.100   1.00 1.39 ? 7  SER A CA   8  
ATOM 1446 C C    . SER A 1 7  ? -3.783 -0.667  2.547   1.00 1.37 ? 7  SER A C    8  
ATOM 1447 O O    . SER A 1 7  ? -3.460 0.031   3.510   1.00 2.27 ? 7  SER A O    8  
ATOM 1448 C CB   . SER A 1 7  ? -6.053 -1.613  3.101   1.00 2.10 ? 7  SER A CB   8  
ATOM 1449 O OG   . SER A 1 7  ? -6.196 -0.937  4.340   1.00 2.59 ? 7  SER A OG   8  
ATOM 1450 H H    . SER A 1 7  ? -5.349 -2.378  0.714   1.00 1.49 ? 7  SER A H    8  
ATOM 1451 H HA   . SER A 1 7  ? -5.659 0.199   2.020   1.00 1.61 ? 7  SER A HA   8  
ATOM 1452 H HB2  . SER A 1 7  ? -7.035 -1.797  2.693   1.00 2.47 ? 7  SER A HB2  8  
ATOM 1453 H HB3  . SER A 1 7  ? -5.555 -2.555  3.275   1.00 2.60 ? 7  SER A HB3  8  
ATOM 1454 H HG   . SER A 1 7  ? -7.022 -1.215  4.761   1.00 2.85 ? 7  SER A HG   8  
ATOM 1455 N N    . ASN A 1 8  ? -2.915 -1.340  1.810   1.00 0.84 ? 8  ASN A N    8  
ATOM 1456 C CA   . ASN A 1 8  ? -1.485 -1.347  2.080   1.00 0.87 ? 8  ASN A CA   8  
ATOM 1457 C C    . ASN A 1 8  ? -0.751 -1.934  0.881   1.00 0.68 ? 8  ASN A C    8  
ATOM 1458 O O    . ASN A 1 8  ? -1.127 -3.003  0.387   1.00 0.88 ? 8  ASN A O    8  
ATOM 1459 C CB   . ASN A 1 8  ? -1.167 -2.174  3.334   1.00 1.18 ? 8  ASN A CB   8  
ATOM 1460 C CG   . ASN A 1 8  ? 0.319  -2.204  3.657   1.00 2.01 ? 8  ASN A CG   8  
ATOM 1461 O OD1  . ASN A 1 8  ? 1.058  -3.061  3.173   1.00 2.80 ? 8  ASN A OD1  8  
ATOM 1462 N ND2  . ASN A 1 8  ? 0.764  -1.277  4.487   1.00 2.52 ? 8  ASN A ND2  8  
ATOM 1463 H H    . ASN A 1 8  ? -3.251 -1.847  1.043   1.00 1.19 ? 8  ASN A H    8  
ATOM 1464 H HA   . ASN A 1 8  ? -1.162 -0.329  2.230   1.00 1.08 ? 8  ASN A HA   8  
ATOM 1465 H HB2  . ASN A 1 8  ? -1.690 -1.748  4.179   1.00 1.47 ? 8  ASN A HB2  8  
ATOM 1466 H HB3  . ASN A 1 8  ? -1.505 -3.188  3.184   1.00 1.55 ? 8  ASN A HB3  8  
ATOM 1467 H HD21 . ASN A 1 8  ? 0.122  -0.629  4.848   1.00 2.54 ? 8  ASN A HD21 8  
ATOM 1468 H HD22 . ASN A 1 8  ? 1.720  -1.272  4.709   1.00 3.21 ? 8  ASN A HD22 8  
ATOM 1469 N N    . PRO A 1 9  ? 0.278  -1.237  0.374   1.00 0.87 ? 9  PRO A N    8  
ATOM 1470 C CA   . PRO A 1 9  ? 1.117  -1.735  -0.723  1.00 0.93 ? 9  PRO A CA   8  
ATOM 1471 C C    . PRO A 1 9  ? 2.000  -2.904  -0.290  1.00 0.96 ? 9  PRO A C    8  
ATOM 1472 O O    . PRO A 1 9  ? 3.229  -2.840  -0.359  1.00 1.45 ? 9  PRO A O    8  
ATOM 1473 C CB   . PRO A 1 9  ? 1.975  -0.524  -1.093  1.00 1.59 ? 9  PRO A CB   8  
ATOM 1474 C CG   . PRO A 1 9  ? 2.030  0.286   0.153   1.00 2.06 ? 9  PRO A CG   8  
ATOM 1475 C CD   . PRO A 1 9  ? 0.686  0.111   0.804   1.00 1.44 ? 9  PRO A CD   8  
ATOM 1476 H HA   . PRO A 1 9  ? 0.522  -2.034  -1.573  1.00 0.99 ? 9  PRO A HA   8  
ATOM 1477 H HB2  . PRO A 1 9  ? 2.957  -0.856  -1.396  1.00 1.77 ? 9  PRO A HB2  8  
ATOM 1478 H HB3  . PRO A 1 9  ? 1.507  0.021   -1.898  1.00 1.77 ? 9  PRO A HB3  8  
ATOM 1479 H HG2  . PRO A 1 9  ? 2.814  -0.083  0.798   1.00 2.49 ? 9  PRO A HG2  8  
ATOM 1480 H HG3  . PRO A 1 9  ? 2.198  1.324   -0.087  1.00 2.62 ? 9  PRO A HG3  8  
ATOM 1481 H HD2  . PRO A 1 9  ? 0.773  0.170   1.877   1.00 1.40 ? 9  PRO A HD2  8  
ATOM 1482 H HD3  . PRO A 1 9  ? -0.005 0.852   0.440   1.00 1.71 ? 9  PRO A HD3  8  
ATOM 1483 N N    . GLN A 1 10 ? 1.360  -3.973  0.150   1.00 1.00 ? 10 GLN A N    8  
ATOM 1484 C CA   . GLN A 1 10 ? 2.063  -5.164  0.590   1.00 1.62 ? 10 GLN A CA   8  
ATOM 1485 C C    . GLN A 1 10 ? 2.383  -6.072  -0.588  1.00 1.92 ? 10 GLN A C    8  
ATOM 1486 O O    . GLN A 1 10 ? 2.953  -7.148  -0.405  1.00 2.47 ? 10 GLN A O    8  
ATOM 1487 C CB   . GLN A 1 10 ? 1.234  -5.912  1.647   1.00 2.07 ? 10 GLN A CB   8  
ATOM 1488 C CG   . GLN A 1 10 ? -0.232 -6.140  1.271   1.00 2.87 ? 10 GLN A CG   8  
ATOM 1489 C CD   . GLN A 1 10 ? -0.438 -7.190  0.190   1.00 3.51 ? 10 GLN A CD   8  
ATOM 1490 O OE1  . GLN A 1 10 ? -1.363 -7.091  -0.614  1.00 4.11 ? 10 GLN A OE1  8  
ATOM 1491 N NE2  . GLN A 1 10 ? 0.403  -8.213  0.178   1.00 3.83 ? 10 GLN A NE2  8  
ATOM 1492 H H    . GLN A 1 10 ? 0.378  -3.952  0.199   1.00 0.91 ? 10 GLN A H    8  
ATOM 1493 H HA   . GLN A 1 10 ? 2.990  -4.845  1.040   1.00 1.80 ? 10 GLN A HA   8  
ATOM 1494 H HB2  . GLN A 1 10 ? 1.687  -6.875  1.821   1.00 2.58 ? 10 GLN A HB2  8  
ATOM 1495 H HB3  . GLN A 1 10 ? 1.258  -5.346  2.566   1.00 1.95 ? 10 GLN A HB3  8  
ATOM 1496 H HG2  . GLN A 1 10 ? -0.766 -6.456  2.153   1.00 3.27 ? 10 GLN A HG2  8  
ATOM 1497 H HG3  . GLN A 1 10 ? -0.645 -5.205  0.923   1.00 3.31 ? 10 GLN A HG3  8  
ATOM 1498 H HE21 . GLN A 1 10 ? 1.105  -8.245  0.864   1.00 3.60 ? 10 GLN A HE21 8  
ATOM 1499 H HE22 . GLN A 1 10 ? 0.308  -8.888  -0.528  1.00 4.52 ? 10 GLN A HE22 8  
ATOM 1500 N N    . LYS A 1 11 ? 2.011  -5.613  -1.786  1.00 1.77 ? 11 LYS A N    8  
ATOM 1501 C CA   . LYS A 1 11 ? 2.159  -6.385  -3.019  1.00 2.28 ? 11 LYS A CA   8  
ATOM 1502 C C    . LYS A 1 11 ? 3.526  -7.048  -3.106  1.00 2.91 ? 11 LYS A C    8  
ATOM 1503 O O    . LYS A 1 11 ? 4.544  -6.385  -3.312  1.00 3.43 ? 11 LYS A O    8  
ATOM 1504 C CB   . LYS A 1 11 ? 1.935  -5.483  -4.234  1.00 2.82 ? 11 LYS A CB   8  
ATOM 1505 C CG   . LYS A 1 11 ? 0.496  -5.017  -4.390  1.00 3.38 ? 11 LYS A CG   8  
ATOM 1506 C CD   . LYS A 1 11 ? -0.427 -6.174  -4.736  1.00 4.36 ? 11 LYS A CD   8  
ATOM 1507 C CE   . LYS A 1 11 ? -1.545 -6.328  -3.721  1.00 5.17 ? 11 LYS A CE   8  
ATOM 1508 N NZ   . LYS A 1 11 ? -2.490 -7.408  -4.102  1.00 6.02 ? 11 LYS A NZ   8  
ATOM 1509 H H    . LYS A 1 11 ? 1.627  -4.714  -1.841  1.00 1.46 ? 11 LYS A H    8  
ATOM 1510 H HA   . LYS A 1 11 ? 1.402  -7.155  -3.015  1.00 2.55 ? 11 LYS A HA   8  
ATOM 1511 H HB2  . LYS A 1 11 ? 2.564  -4.611  -4.141  1.00 3.16 ? 11 LYS A HB2  8  
ATOM 1512 H HB3  . LYS A 1 11 ? 2.214  -6.024  -5.127  1.00 3.14 ? 11 LYS A HB3  8  
ATOM 1513 H HG2  . LYS A 1 11 ? 0.168  -4.572  -3.461  1.00 3.25 ? 11 LYS A HG2  8  
ATOM 1514 H HG3  . LYS A 1 11 ? 0.449  -4.282  -5.180  1.00 3.76 ? 11 LYS A HG3  8  
ATOM 1515 H HD2  . LYS A 1 11 ? -0.861 -5.998  -5.708  1.00 4.73 ? 11 LYS A HD2  8  
ATOM 1516 H HD3  . LYS A 1 11 ? 0.152  -7.087  -4.758  1.00 4.51 ? 11 LYS A HD3  8  
ATOM 1517 H HE2  . LYS A 1 11 ? -1.112 -6.565  -2.759  1.00 5.45 ? 11 LYS A HE2  8  
ATOM 1518 H HE3  . LYS A 1 11 ? -2.083 -5.395  -3.654  1.00 5.19 ? 11 LYS A HE3  8  
ATOM 1519 H HZ1  . LYS A 1 11 ? -2.964 -7.168  -4.997  1.00 6.28 ? 11 LYS A HZ1  8  
ATOM 1520 H HZ2  . LYS A 1 11 ? -3.211 -7.535  -3.366  1.00 6.48 ? 11 LYS A HZ2  8  
ATOM 1521 H HZ3  . LYS A 1 11 ? -1.977 -8.306  -4.227  1.00 6.21 ? 11 LYS A HZ3  8  
ATOM 1522 N N    . ASN A 1 12 ? 3.527  -8.358  -2.929  1.00 3.38 ? 12 ASN A N    8  
ATOM 1523 C CA   . ASN A 1 12 ? 4.749  -9.136  -2.919  1.00 4.48 ? 12 ASN A CA   8  
ATOM 1524 C C    . ASN A 1 12 ? 4.995  -9.743  -4.290  1.00 5.03 ? 12 ASN A C    8  
ATOM 1525 O O    . ASN A 1 12 ? 5.937  -9.303  -4.977  1.00 5.37 ? 12 ASN A O    8  
ATOM 1526 C CB   . ASN A 1 12 ? 4.664  -10.232 -1.853  1.00 5.23 ? 12 ASN A CB   8  
ATOM 1527 C CG   . ASN A 1 12 ? 5.895  -11.118 -1.833  1.00 6.47 ? 12 ASN A CG   8  
ATOM 1528 O OD1  . ASN A 1 12 ? 5.936  -12.167 -2.477  1.00 7.00 ? 12 ASN A OD1  8  
ATOM 1529 N ND2  . ASN A 1 12 ? 6.912  -10.701 -1.093  1.00 7.19 ? 12 ASN A ND2  8  
ATOM 1530 O OXT  . ASN A 1 12 ? 4.221  -10.634 -4.690  1.00 5.49 ? 12 ASN A OXT  8  
ATOM 1531 H H    . ASN A 1 12 ? 2.672  -8.820  -2.806  1.00 3.25 ? 12 ASN A H    8  
ATOM 1532 H HA   . ASN A 1 12 ? 5.565  -8.473  -2.678  1.00 4.74 ? 12 ASN A HA   8  
ATOM 1533 H HB2  . ASN A 1 12 ? 4.559  -9.770  -0.881  1.00 5.17 ? 12 ASN A HB2  8  
ATOM 1534 H HB3  . ASN A 1 12 ? 3.797  -10.848 -2.046  1.00 5.25 ? 12 ASN A HB3  8  
ATOM 1535 H HD21 . ASN A 1 12 ? 6.815  -9.854  -0.602  1.00 6.98 ? 12 ASN A HD21 8  
ATOM 1536 H HD22 . ASN A 1 12 ? 7.726  -11.248 -1.075  1.00 8.04 ? 12 ASN A HD22 8  
ATOM 1537 N N    . ARG A 1 1  ? 4.138  10.290  1.850   1.00 3.89 ? 1  ARG A N    9  
ATOM 1538 C CA   . ARG A 1 1  ? 2.920  9.569   1.416   1.00 3.38 ? 1  ARG A CA   9  
ATOM 1539 C C    . ARG A 1 1  ? 3.127  8.067   1.543   1.00 2.30 ? 1  ARG A C    9  
ATOM 1540 O O    . ARG A 1 1  ? 4.265  7.595   1.610   1.00 2.51 ? 1  ARG A O    9  
ATOM 1541 C CB   . ARG A 1 1  ? 2.569  9.928   -0.032  1.00 4.31 ? 1  ARG A CB   9  
ATOM 1542 C CG   . ARG A 1 1  ? 3.653  9.554   -1.027  1.00 5.04 ? 1  ARG A CG   9  
ATOM 1543 C CD   . ARG A 1 1  ? 3.275  9.937   -2.446  1.00 5.93 ? 1  ARG A CD   9  
ATOM 1544 N NE   . ARG A 1 1  ? 4.338  9.601   -3.391  1.00 6.73 ? 1  ARG A NE   9  
ATOM 1545 C CZ   . ARG A 1 1  ? 4.304  9.878   -4.691  1.00 7.76 ? 1  ARG A CZ   9  
ATOM 1546 N NH1  . ARG A 1 1  ? 3.255  10.490  -5.221  1.00 8.16 ? 1  ARG A NH1  9  
ATOM 1547 N NH2  . ARG A 1 1  ? 5.327  9.543   -5.464  1.00 8.60 ? 1  ARG A NH2  9  
ATOM 1548 H H1   . ARG A 1 1  ? 4.959  9.968   1.299   1.00 4.26 ? 1  ARG A H1   9  
ATOM 1549 H H2   . ARG A 1 1  ? 4.318  10.107  2.859   1.00 3.94 ? 1  ARG A H2   9  
ATOM 1550 H H3   . ARG A 1 1  ? 4.018  11.312  1.711   1.00 4.27 ? 1  ARG A H3   9  
ATOM 1551 H HA   . ARG A 1 1  ? 2.106  9.862   2.062   1.00 3.64 ? 1  ARG A HA   9  
ATOM 1552 H HB2  . ARG A 1 1  ? 1.663  9.411   -0.309  1.00 4.74 ? 1  ARG A HB2  9  
ATOM 1553 H HB3  . ARG A 1 1  ? 2.402  10.993  -0.098  1.00 4.54 ? 1  ARG A HB3  9  
ATOM 1554 H HG2  . ARG A 1 1  ? 4.563  10.063  -0.760  1.00 5.33 ? 1  ARG A HG2  9  
ATOM 1555 H HG3  . ARG A 1 1  ? 3.810  8.485   -0.984  1.00 5.05 ? 1  ARG A HG3  9  
ATOM 1556 H HD2  . ARG A 1 1  ? 2.376  9.405   -2.724  1.00 6.03 ? 1  ARG A HD2  9  
ATOM 1557 H HD3  . ARG A 1 1  ? 3.093  11.000  -2.484  1.00 6.20 ? 1  ARG A HD3  9  
ATOM 1558 H HE   . ARG A 1 1  ? 5.129  9.140   -3.028  1.00 6.65 ? 1  ARG A HE   9  
ATOM 1559 H HH11 . ARG A 1 1  ? 2.477  10.748  -4.645  1.00 7.74 ? 1  ARG A HH11 9  
ATOM 1560 H HH12 . ARG A 1 1  ? 3.235  10.694  -6.204  1.00 9.02 ? 1  ARG A HH12 9  
ATOM 1561 H HH21 . ARG A 1 1  ? 6.127  9.079   -5.074  1.00 8.53 ? 1  ARG A HH21 9  
ATOM 1562 H HH22 . ARG A 1 1  ? 5.302  9.746   -6.446  1.00 9.42 ? 1  ARG A HH22 9  
ATOM 1563 N N    . LYS A 1 2  ? 2.033  7.323   1.590   1.00 1.85 ? 2  LYS A N    9  
ATOM 1564 C CA   . LYS A 1 2  ? 2.090  5.871   1.646   1.00 1.47 ? 2  LYS A CA   9  
ATOM 1565 C C    . LYS A 1 2  ? 0.829  5.281   1.037   1.00 1.21 ? 2  LYS A C    9  
ATOM 1566 O O    . LYS A 1 2  ? -0.157 5.992   0.840   1.00 1.99 ? 2  LYS A O    9  
ATOM 1567 C CB   . LYS A 1 2  ? 2.261  5.366   3.090   1.00 2.41 ? 2  LYS A CB   9  
ATOM 1568 C CG   . LYS A 1 2  ? 1.085  5.670   4.014   1.00 3.34 ? 2  LYS A CG   9  
ATOM 1569 C CD   . LYS A 1 2  ? 1.104  7.108   4.509   1.00 4.07 ? 2  LYS A CD   9  
ATOM 1570 C CE   . LYS A 1 2  ? -0.127 7.433   5.331   1.00 4.97 ? 2  LYS A CE   9  
ATOM 1571 N NZ   . LYS A 1 2  ? -0.305 6.498   6.474   1.00 5.50 ? 2  LYS A NZ   9  
ATOM 1572 H H    . LYS A 1 2  ? 1.152  7.762   1.584   1.00 2.45 ? 2  LYS A H    9  
ATOM 1573 H HA   . LYS A 1 2  ? 2.941  5.553   1.059   1.00 1.77 ? 2  LYS A HA   9  
ATOM 1574 H HB2  . LYS A 1 2  ? 2.399  4.296   3.067   1.00 2.69 ? 2  LYS A HB2  9  
ATOM 1575 H HB3  . LYS A 1 2  ? 3.145  5.821   3.512   1.00 2.89 ? 2  LYS A HB3  9  
ATOM 1576 H HG2  . LYS A 1 2  ? 0.167  5.500   3.474   1.00 3.74 ? 2  LYS A HG2  9  
ATOM 1577 H HG3  . LYS A 1 2  ? 1.130  5.006   4.865   1.00 3.54 ? 2  LYS A HG3  9  
ATOM 1578 H HD2  . LYS A 1 2  ? 1.982  7.262   5.115   1.00 4.12 ? 2  LYS A HD2  9  
ATOM 1579 H HD3  . LYS A 1 2  ? 1.131  7.767   3.657   1.00 4.36 ? 2  LYS A HD3  9  
ATOM 1580 H HE2  . LYS A 1 2  ? -0.032 8.438   5.713   1.00 5.25 ? 2  LYS A HE2  9  
ATOM 1581 H HE3  . LYS A 1 2  ? -0.989 7.374   4.689   1.00 5.34 ? 2  LYS A HE3  9  
ATOM 1582 H HZ1  . LYS A 1 2  ? -1.147 6.762   7.025   1.00 5.93 ? 2  LYS A HZ1  9  
ATOM 1583 H HZ2  . LYS A 1 2  ? 0.525  6.531   7.096   1.00 5.84 ? 2  LYS A HZ2  9  
ATOM 1584 H HZ3  . LYS A 1 2  ? -0.425 5.526   6.127   1.00 5.49 ? 2  LYS A HZ3  9  
ATOM 1585 N N    . VAL A 1 3  ? 0.872  3.988   0.741   1.00 1.00 ? 3  VAL A N    9  
ATOM 1586 C CA   . VAL A 1 3  ? -0.277 3.267   0.201   1.00 0.81 ? 3  VAL A CA   9  
ATOM 1587 C C    . VAL A 1 3  ? -0.707 3.840   -1.153  1.00 0.68 ? 3  VAL A C    9  
ATOM 1588 O O    . VAL A 1 3  ? -1.606 4.684   -1.227  1.00 0.89 ? 3  VAL A O    9  
ATOM 1589 C CB   . VAL A 1 3  ? -1.476 3.287   1.185   1.00 1.19 ? 3  VAL A CB   9  
ATOM 1590 C CG1  . VAL A 1 3  ? -2.667 2.530   0.617   1.00 1.82 ? 3  VAL A CG1  9  
ATOM 1591 C CG2  . VAL A 1 3  ? -1.069 2.703   2.532   1.00 2.01 ? 3  VAL A CG2  9  
ATOM 1592 H H    . VAL A 1 3  ? 1.712  3.499   0.884   1.00 1.64 ? 3  VAL A H    9  
ATOM 1593 H HA   . VAL A 1 3  ? 0.020  2.239   0.060   1.00 0.76 ? 3  VAL A HA   9  
ATOM 1594 H HB   . VAL A 1 3  ? -1.773 4.314   1.339   1.00 1.55 ? 3  VAL A HB   9  
ATOM 1595 H HG11 . VAL A 1 3  ? -3.477 2.544   1.331   1.00 2.34 ? 3  VAL A HG11 9  
ATOM 1596 H HG12 . VAL A 1 3  ? -2.381 1.510   0.413   1.00 2.13 ? 3  VAL A HG12 9  
ATOM 1597 H HG13 . VAL A 1 3  ? -2.989 3.004   -0.300  1.00 2.32 ? 3  VAL A HG13 9  
ATOM 1598 H HG21 . VAL A 1 3  ? -1.914 2.723   3.203   1.00 2.50 ? 3  VAL A HG21 9  
ATOM 1599 H HG22 . VAL A 1 3  ? -0.263 3.288   2.948   1.00 2.45 ? 3  VAL A HG22 9  
ATOM 1600 H HG23 . VAL A 1 3  ? -0.739 1.683   2.398   1.00 2.50 ? 3  VAL A HG23 9  
ATOM 1601 N N    . PRO A 1 4  ? -0.046 3.413   -2.247  1.00 0.61 ? 4  PRO A N    9  
ATOM 1602 C CA   . PRO A 1 4  ? -0.441 3.791   -3.607  1.00 0.79 ? 4  PRO A CA   9  
ATOM 1603 C C    . PRO A 1 4  ? -1.901 3.445   -3.883  1.00 0.95 ? 4  PRO A C    9  
ATOM 1604 O O    . PRO A 1 4  ? -2.690 4.297   -4.291  1.00 1.76 ? 4  PRO A O    9  
ATOM 1605 C CB   . PRO A 1 4  ? 0.493  2.970   -4.510  1.00 0.96 ? 4  PRO A CB   9  
ATOM 1606 C CG   . PRO A 1 4  ? 1.116  1.948   -3.617  1.00 0.77 ? 4  PRO A CG   9  
ATOM 1607 C CD   . PRO A 1 4  ? 1.152  2.563   -2.249  1.00 0.75 ? 4  PRO A CD   9  
ATOM 1608 H HA   . PRO A 1 4  ? -0.285 4.846   -3.783  1.00 0.96 ? 4  PRO A HA   9  
ATOM 1609 H HB2  . PRO A 1 4  ? -0.084 2.504   -5.296  1.00 1.24 ? 4  PRO A HB2  9  
ATOM 1610 H HB3  . PRO A 1 4  ? 1.239  3.619   -4.945  1.00 1.15 ? 4  PRO A HB3  9  
ATOM 1611 H HG2  . PRO A 1 4  ? 0.515  1.052   -3.610  1.00 0.85 ? 4  PRO A HG2  9  
ATOM 1612 H HG3  . PRO A 1 4  ? 2.118  1.727   -3.956  1.00 0.94 ? 4  PRO A HG3  9  
ATOM 1613 H HD2  . PRO A 1 4  ? 1.092  1.800   -1.490  1.00 0.90 ? 4  PRO A HD2  9  
ATOM 1614 H HD3  . PRO A 1 4  ? 2.046  3.156   -2.124  1.00 0.98 ? 4  PRO A HD3  9  
ATOM 1615 N N    . THR A 1 5  ? -2.255 2.191   -3.636  1.00 1.01 ? 5  THR A N    9  
ATOM 1616 C CA   . THR A 1 5  ? -3.624 1.729   -3.786  1.00 1.21 ? 5  THR A CA   9  
ATOM 1617 C C    . THR A 1 5  ? -3.772 0.344   -3.163  1.00 0.94 ? 5  THR A C    9  
ATOM 1618 O O    . THR A 1 5  ? -2.946 -0.538  -3.394  1.00 1.74 ? 5  THR A O    9  
ATOM 1619 C CB   . THR A 1 5  ? -4.064 1.696   -5.272  1.00 2.13 ? 5  THR A CB   9  
ATOM 1620 O OG1  . THR A 1 5  ? -5.403 1.195   -5.383  1.00 2.94 ? 5  THR A OG1  9  
ATOM 1621 C CG2  . THR A 1 5  ? -3.127 0.841   -6.116  1.00 2.63 ? 5  THR A CG2  9  
ATOM 1622 H H    . THR A 1 5  ? -1.570 1.553   -3.346  1.00 1.52 ? 5  THR A H    9  
ATOM 1623 H HA   . THR A 1 5  ? -4.267 2.419   -3.256  1.00 1.41 ? 5  THR A HA   9  
ATOM 1624 H HB   . THR A 1 5  ? -4.041 2.706   -5.655  1.00 2.46 ? 5  THR A HB   9  
ATOM 1625 H HG1  . THR A 1 5  ? -5.404 0.404   -5.939  1.00 3.36 ? 5  THR A HG1  9  
ATOM 1626 H HG21 . THR A 1 5  ? -3.126 -0.171  -5.738  1.00 3.00 ? 5  THR A HG21 9  
ATOM 1627 H HG22 . THR A 1 5  ? -2.128 1.245   -6.064  1.00 2.71 ? 5  THR A HG22 9  
ATOM 1628 H HG23 . THR A 1 5  ? -3.463 0.842   -7.143  1.00 3.14 ? 5  THR A HG23 9  
ATOM 1629 N N    . GLY A 1 6  ? -4.797 0.167   -2.346  1.00 0.93 ? 6  GLY A N    9  
ATOM 1630 C CA   . GLY A 1 6  ? -5.014 -1.113  -1.704  1.00 1.30 ? 6  GLY A CA   9  
ATOM 1631 C C    . GLY A 1 6  ? -5.139 -0.983  -0.201  1.00 0.91 ? 6  GLY A C    9  
ATOM 1632 O O    . GLY A 1 6  ? -5.068 0.123   0.338   1.00 1.67 ? 6  GLY A O    9  
ATOM 1633 H H    . GLY A 1 6  ? -5.410 0.914   -2.170  1.00 1.46 ? 6  GLY A H    9  
ATOM 1634 H HA2  . GLY A 1 6  ? -5.922 -1.547  -2.094  1.00 1.85 ? 6  GLY A HA2  9  
ATOM 1635 H HA3  . GLY A 1 6  ? -4.187 -1.766  -1.932  1.00 1.96 ? 6  GLY A HA3  9  
ATOM 1636 N N    . SER A 1 7  ? -5.312 -2.109  0.477   1.00 0.94 ? 7  SER A N    9  
ATOM 1637 C CA   . SER A 1 7  ? -5.501 -2.107  1.919   1.00 1.39 ? 7  SER A CA   9  
ATOM 1638 C C    . SER A 1 7  ? -4.184 -1.881  2.646   1.00 1.37 ? 7  SER A C    9  
ATOM 1639 O O    . SER A 1 7  ? -4.125 -1.158  3.641   1.00 2.27 ? 7  SER A O    9  
ATOM 1640 C CB   . SER A 1 7  ? -6.139 -3.421  2.374   1.00 2.10 ? 7  SER A CB   9  
ATOM 1641 O OG   . SER A 1 7  ? -6.398 -3.420  3.770   1.00 2.59 ? 7  SER A OG   9  
ATOM 1642 H H    . SER A 1 7  ? -5.322 -2.965  -0.006  1.00 1.49 ? 7  SER A H    9  
ATOM 1643 H HA   . SER A 1 7  ? -6.157 -1.299  2.157   1.00 1.61 ? 7  SER A HA   9  
ATOM 1644 H HB2  . SER A 1 7  ? -7.073 -3.563  1.852   1.00 2.47 ? 7  SER A HB2  9  
ATOM 1645 H HB3  . SER A 1 7  ? -5.472 -4.240  2.145   1.00 2.60 ? 7  SER A HB3  9  
ATOM 1646 H HG   . SER A 1 7  ? -7.327 -3.195  3.919   1.00 2.85 ? 7  SER A HG   9  
ATOM 1647 N N    . ASN A 1 8  ? -3.139 -2.493  2.133   1.00 0.84 ? 8  ASN A N    9  
ATOM 1648 C CA   . ASN A 1 8  ? -1.813 -2.401  2.737   1.00 0.87 ? 8  ASN A CA   9  
ATOM 1649 C C    . ASN A 1 8  ? -0.719 -2.778  1.738   1.00 0.68 ? 8  ASN A C    9  
ATOM 1650 O O    . ASN A 1 8  ? 0.045  -3.719  1.958   1.00 0.88 ? 8  ASN A O    9  
ATOM 1651 C CB   . ASN A 1 8  ? -1.729 -3.287  3.991   1.00 1.18 ? 8  ASN A CB   9  
ATOM 1652 C CG   . ASN A 1 8  ? -2.256 -4.699  3.779   1.00 2.01 ? 8  ASN A CG   9  
ATOM 1653 O OD1  . ASN A 1 8  ? -2.160 -5.271  2.691   1.00 2.80 ? 8  ASN A OD1  9  
ATOM 1654 N ND2  . ASN A 1 8  ? -2.823 -5.273  4.823   1.00 2.52 ? 8  ASN A ND2  9  
ATOM 1655 H H    . ASN A 1 8  ? -3.263 -3.018  1.320   1.00 1.19 ? 8  ASN A H    9  
ATOM 1656 H HA   . ASN A 1 8  ? -1.663 -1.371  3.032   1.00 1.08 ? 8  ASN A HA   9  
ATOM 1657 H HB2  . ASN A 1 8  ? -0.698 -3.355  4.301   1.00 1.47 ? 8  ASN A HB2  9  
ATOM 1658 H HB3  . ASN A 1 8  ? -2.302 -2.825  4.781   1.00 1.55 ? 8  ASN A HB3  9  
ATOM 1659 H HD21 . ASN A 1 8  ? -2.872 -4.765  5.662   1.00 2.54 ? 8  ASN A HD21 9  
ATOM 1660 H HD22 . ASN A 1 8  ? -3.170 -6.183  4.721   1.00 3.21 ? 8  ASN A HD22 9  
ATOM 1661 N N    . PRO A 1 9  ? -0.604 -2.020  0.636   1.00 0.87 ? 9  PRO A N    9  
ATOM 1662 C CA   . PRO A 1 9  ? 0.357  -2.309  -0.427  1.00 0.93 ? 9  PRO A CA   9  
ATOM 1663 C C    . PRO A 1 9  ? 1.757  -1.816  -0.096  1.00 0.96 ? 9  PRO A C    9  
ATOM 1664 O O    . PRO A 1 9  ? 2.380  -1.088  -0.871  1.00 1.45 ? 9  PRO A O    9  
ATOM 1665 C CB   . PRO A 1 9  ? -0.221 -1.552  -1.618  1.00 1.59 ? 9  PRO A CB   9  
ATOM 1666 C CG   . PRO A 1 9  ? -0.899 -0.372  -1.015  1.00 2.06 ? 9  PRO A CG   9  
ATOM 1667 C CD   . PRO A 1 9  ? -1.389 -0.807  0.343   1.00 1.44 ? 9  PRO A CD   9  
ATOM 1668 H HA   . PRO A 1 9  ? 0.403  -3.366  -0.648  1.00 0.99 ? 9  PRO A HA   9  
ATOM 1669 H HB2  . PRO A 1 9  ? 0.578  -1.252  -2.281  1.00 1.77 ? 9  PRO A HB2  9  
ATOM 1670 H HB3  . PRO A 1 9  ? -0.920 -2.182  -2.147  1.00 1.77 ? 9  PRO A HB3  9  
ATOM 1671 H HG2  . PRO A 1 9  ? -0.197 0.440   -0.915  1.00 2.49 ? 9  PRO A HG2  9  
ATOM 1672 H HG3  . PRO A 1 9  ? -1.732 -0.072  -1.633  1.00 2.62 ? 9  PRO A HG3  9  
ATOM 1673 H HD2  . PRO A 1 9  ? -1.193 -0.039  1.077   1.00 1.40 ? 9  PRO A HD2  9  
ATOM 1674 H HD3  . PRO A 1 9  ? -2.444 -1.036  0.307   1.00 1.71 ? 9  PRO A HD3  9  
ATOM 1675 N N    . GLN A 1 10 ? 2.235  -2.211  1.072   1.00 1.00 ? 10 GLN A N    9  
ATOM 1676 C CA   . GLN A 1 10 ? 3.614  -1.977  1.460   1.00 1.62 ? 10 GLN A CA   9  
ATOM 1677 C C    . GLN A 1 10 ? 4.544  -2.728  0.518   1.00 1.92 ? 10 GLN A C    9  
ATOM 1678 O O    . GLN A 1 10 ? 5.610  -2.237  0.148   1.00 2.47 ? 10 GLN A O    9  
ATOM 1679 C CB   . GLN A 1 10 ? 3.837  -2.448  2.901   1.00 2.07 ? 10 GLN A CB   9  
ATOM 1680 C CG   . GLN A 1 10 ? 3.085  -3.732  3.232   1.00 2.87 ? 10 GLN A CG   9  
ATOM 1681 C CD   . GLN A 1 10 ? 3.526  -4.356  4.537   1.00 3.51 ? 10 GLN A CD   9  
ATOM 1682 O OE1  . GLN A 1 10 ? 3.017  -4.023  5.606   1.00 4.11 ? 10 GLN A OE1  9  
ATOM 1683 N NE2  . GLN A 1 10 ? 4.445  -5.302  4.454   1.00 3.83 ? 10 GLN A NE2  9  
ATOM 1684 H H    . GLN A 1 10 ? 1.634  -2.675  1.695   1.00 0.91 ? 10 GLN A H    9  
ATOM 1685 H HA   . GLN A 1 10 ? 3.812  -0.918  1.392   1.00 1.80 ? 10 GLN A HA   9  
ATOM 1686 H HB2  . GLN A 1 10 ? 4.891  -2.621  3.053   1.00 2.58 ? 10 GLN A HB2  9  
ATOM 1687 H HB3  . GLN A 1 10 ? 3.503  -1.677  3.578   1.00 1.95 ? 10 GLN A HB3  9  
ATOM 1688 H HG2  . GLN A 1 10 ? 2.030  -3.510  3.297   1.00 3.27 ? 10 GLN A HG2  9  
ATOM 1689 H HG3  . GLN A 1 10 ? 3.251  -4.443  2.435   1.00 3.31 ? 10 GLN A HG3  9  
ATOM 1690 H HE21 . GLN A 1 10 ? 4.781  -5.542  3.566   1.00 3.60 ? 10 GLN A HE21 9  
ATOM 1691 H HE22 . GLN A 1 10 ? 4.753  -5.724  5.285   1.00 4.52 ? 10 GLN A HE22 9  
ATOM 1692 N N    . LYS A 1 11 ? 4.084  -3.909  0.110   1.00 1.77 ? 11 LYS A N    9  
ATOM 1693 C CA   . LYS A 1 11 ? 4.853  -4.836  -0.723  1.00 2.28 ? 11 LYS A CA   9  
ATOM 1694 C C    . LYS A 1 11 ? 4.116  -6.168  -0.785  1.00 2.91 ? 11 LYS A C    9  
ATOM 1695 O O    . LYS A 1 11 ? 4.721  -7.237  -0.896  1.00 3.43 ? 11 LYS A O    9  
ATOM 1696 C CB   . LYS A 1 11 ? 6.274  -5.047  -0.169  1.00 2.82 ? 11 LYS A CB   9  
ATOM 1697 C CG   . LYS A 1 11 ? 6.315  -5.572  1.259   1.00 3.38 ? 11 LYS A CG   9  
ATOM 1698 C CD   . LYS A 1 11 ? 7.745  -5.767  1.737   1.00 4.36 ? 11 LYS A CD   9  
ATOM 1699 C CE   . LYS A 1 11 ? 7.788  -6.326  3.148   1.00 5.17 ? 11 LYS A CE   9  
ATOM 1700 N NZ   . LYS A 1 11 ? 9.179  -6.440  3.662   1.00 6.02 ? 11 LYS A NZ   9  
ATOM 1701 H H    . LYS A 1 11 ? 3.169  -4.162  0.365   1.00 1.46 ? 11 LYS A H    9  
ATOM 1702 H HA   . LYS A 1 11 ? 4.915  -4.419  -1.717  1.00 2.55 ? 11 LYS A HA   9  
ATOM 1703 H HB2  . LYS A 1 11 ? 6.790  -5.754  -0.802  1.00 3.16 ? 11 LYS A HB2  9  
ATOM 1704 H HB3  . LYS A 1 11 ? 6.801  -4.104  -0.198  1.00 3.14 ? 11 LYS A HB3  9  
ATOM 1705 H HG2  . LYS A 1 11 ? 5.824  -4.862  1.906   1.00 3.25 ? 11 LYS A HG2  9  
ATOM 1706 H HG3  . LYS A 1 11 ? 5.798  -6.519  1.299   1.00 3.76 ? 11 LYS A HG3  9  
ATOM 1707 H HD2  . LYS A 1 11 ? 8.247  -6.455  1.073   1.00 4.73 ? 11 LYS A HD2  9  
ATOM 1708 H HD3  . LYS A 1 11 ? 8.254  -4.815  1.720   1.00 4.51 ? 11 LYS A HD3  9  
ATOM 1709 H HE2  . LYS A 1 11 ? 7.227  -5.671  3.798   1.00 5.45 ? 11 LYS A HE2  9  
ATOM 1710 H HE3  . LYS A 1 11 ? 7.333  -7.306  3.146   1.00 5.19 ? 11 LYS A HE3  9  
ATOM 1711 H HZ1  . LYS A 1 11 ? 9.734  -7.082  3.059   1.00 6.28 ? 11 LYS A HZ1  9  
ATOM 1712 H HZ2  . LYS A 1 11 ? 9.175  -6.815  4.632   1.00 6.48 ? 11 LYS A HZ2  9  
ATOM 1713 H HZ3  . LYS A 1 11 ? 9.636  -5.508  3.666   1.00 6.21 ? 11 LYS A HZ3  9  
ATOM 1714 N N    . ASN A 1 12 ? 2.798  -6.085  -0.714  1.00 3.38 ? 12 ASN A N    9  
ATOM 1715 C CA   . ASN A 1 12 ? 1.954  -7.261  -0.621  1.00 4.48 ? 12 ASN A CA   9  
ATOM 1716 C C    . ASN A 1 12 ? 0.719  -7.076  -1.489  1.00 5.03 ? 12 ASN A C    9  
ATOM 1717 O O    . ASN A 1 12 ? -0.226 -6.388  -1.057  1.00 5.37 ? 12 ASN A O    9  
ATOM 1718 C CB   . ASN A 1 12 ? 1.568  -7.527  0.840   1.00 5.23 ? 12 ASN A CB   9  
ATOM 1719 C CG   . ASN A 1 12 ? 0.507  -8.606  0.994   1.00 6.47 ? 12 ASN A CG   9  
ATOM 1720 O OD1  . ASN A 1 12 ? -0.692 -8.320  1.047   1.00 7.00 ? 12 ASN A OD1  9  
ATOM 1721 N ND2  . ASN A 1 12 ? 0.932  -9.856  1.064   1.00 7.19 ? 12 ASN A ND2  9  
ATOM 1722 O OXT  . ASN A 1 12 ? 0.710  -7.602  -2.618  1.00 5.49 ? 12 ASN A OXT  9  
ATOM 1723 H H    . ASN A 1 12 ? 2.373  -5.204  -0.762  1.00 3.25 ? 12 ASN A H    9  
ATOM 1724 H HA   . ASN A 1 12 ? 2.517  -8.104  -0.995  1.00 4.74 ? 12 ASN A HA   9  
ATOM 1725 H HB2  . ASN A 1 12 ? 2.447  -7.845  1.382   1.00 5.17 ? 12 ASN A HB2  9  
ATOM 1726 H HB3  . ASN A 1 12 ? 1.196  -6.614  1.281   1.00 5.25 ? 12 ASN A HB3  9  
ATOM 1727 H HD21 . ASN A 1 12 ? 1.900  -10.021 1.013   1.00 6.98 ? 12 ASN A HD21 9  
ATOM 1728 H HD22 . ASN A 1 12 ? 0.266  -10.569 1.161   1.00 8.04 ? 12 ASN A HD22 9  
ATOM 1729 N N    . ARG A 1 1  ? 7.256  6.034   1.647   1.00 3.89 ? 1  ARG A N    10 
ATOM 1730 C CA   . ARG A 1 1  ? 5.931  6.283   2.261   1.00 3.38 ? 1  ARG A CA   10 
ATOM 1731 C C    . ARG A 1 1  ? 4.865  6.529   1.188   1.00 2.30 ? 1  ARG A C    10 
ATOM 1732 O O    . ARG A 1 1  ? 4.103  7.495   1.262   1.00 2.51 ? 1  ARG A O    10 
ATOM 1733 C CB   . ARG A 1 1  ? 6.011  7.476   3.228   1.00 4.31 ? 1  ARG A CB   10 
ATOM 1734 C CG   . ARG A 1 1  ? 6.461  8.776   2.580   1.00 5.04 ? 1  ARG A CG   10 
ATOM 1735 C CD   . ARG A 1 1  ? 6.515  9.917   3.585   1.00 5.93 ? 1  ARG A CD   10 
ATOM 1736 N NE   . ARG A 1 1  ? 6.764  11.202  2.934   1.00 6.73 ? 1  ARG A NE   10 
ATOM 1737 C CZ   . ARG A 1 1  ? 6.920  12.356  3.583   1.00 7.76 ? 1  ARG A CZ   10 
ATOM 1738 N NH1  . ARG A 1 1  ? 6.902  12.390  4.910   1.00 8.16 ? 1  ARG A NH1  10 
ATOM 1739 N NH2  . ARG A 1 1  ? 7.099  13.482  2.904   1.00 8.60 ? 1  ARG A NH2  10 
ATOM 1740 H H1   . ARG A 1 1  ? 7.975  5.906   2.388   1.00 4.26 ? 1  ARG A H1   10 
ATOM 1741 H H2   . ARG A 1 1  ? 7.535  6.836   1.049   1.00 3.94 ? 1  ARG A H2   10 
ATOM 1742 H H3   . ARG A 1 1  ? 7.226  5.174   1.062   1.00 4.27 ? 1  ARG A H3   10 
ATOM 1743 H HA   . ARG A 1 1  ? 5.654  5.401   2.818   1.00 3.64 ? 1  ARG A HA   10 
ATOM 1744 H HB2  . ARG A 1 1  ? 5.032  7.638   3.657   1.00 4.74 ? 1  ARG A HB2  10 
ATOM 1745 H HB3  . ARG A 1 1  ? 6.703  7.235   4.020   1.00 4.54 ? 1  ARG A HB3  10 
ATOM 1746 H HG2  . ARG A 1 1  ? 7.446  8.634   2.162   1.00 5.33 ? 1  ARG A HG2  10 
ATOM 1747 H HG3  . ARG A 1 1  ? 5.769  9.034   1.793   1.00 5.05 ? 1  ARG A HG3  10 
ATOM 1748 H HD2  . ARG A 1 1  ? 5.572  9.967   4.107   1.00 6.03 ? 1  ARG A HD2  10 
ATOM 1749 H HD3  . ARG A 1 1  ? 7.308  9.720   4.292   1.00 6.20 ? 1  ARG A HD3  10 
ATOM 1750 H HE   . ARG A 1 1  ? 6.803  11.203  1.950   1.00 6.65 ? 1  ARG A HE   10 
ATOM 1751 H HH11 . ARG A 1 1  ? 6.773  11.547  5.434   1.00 7.74 ? 1  ARG A HH11 10 
ATOM 1752 H HH12 . ARG A 1 1  ? 7.024  13.261  5.394   1.00 9.02 ? 1  ARG A HH12 10 
ATOM 1753 H HH21 . ARG A 1 1  ? 7.119  13.468  1.900   1.00 8.53 ? 1  ARG A HH21 10 
ATOM 1754 H HH22 . ARG A 1 1  ? 7.211  14.352  3.390   1.00 9.42 ? 1  ARG A HH22 10 
ATOM 1755 N N    . LYS A 1 2  ? 4.807  5.645   0.194   1.00 1.85 ? 2  LYS A N    10 
ATOM 1756 C CA   . LYS A 1 2  ? 3.816  5.765   -0.872  1.00 1.47 ? 2  LYS A CA   10 
ATOM 1757 C C    . LYS A 1 2  ? 2.437  5.374   -0.362  1.00 1.21 ? 2  LYS A C    10 
ATOM 1758 O O    . LYS A 1 2  ? 1.509  6.182   -0.402  1.00 1.99 ? 2  LYS A O    10 
ATOM 1759 C CB   . LYS A 1 2  ? 4.173  4.888   -2.078  1.00 2.41 ? 2  LYS A CB   10 
ATOM 1760 C CG   . LYS A 1 2  ? 5.278  5.443   -2.965  1.00 3.34 ? 2  LYS A CG   10 
ATOM 1761 C CD   . LYS A 1 2  ? 6.657  5.218   -2.378  1.00 4.07 ? 2  LYS A CD   10 
ATOM 1762 C CE   . LYS A 1 2  ? 7.745  5.688   -3.326  1.00 4.97 ? 2  LYS A CE   10 
ATOM 1763 N NZ   . LYS A 1 2  ? 7.600  5.096   -4.687  1.00 5.50 ? 2  LYS A NZ   10 
ATOM 1764 H H    . LYS A 1 2  ? 5.429  4.886   0.186   1.00 2.45 ? 2  LYS A H    10 
ATOM 1765 H HA   . LYS A 1 2  ? 3.792  6.799   -1.185  1.00 1.77 ? 2  LYS A HA   10 
ATOM 1766 H HB2  . LYS A 1 2  ? 4.492  3.922   -1.717  1.00 2.69 ? 2  LYS A HB2  10 
ATOM 1767 H HB3  . LYS A 1 2  ? 3.289  4.758   -2.684  1.00 2.89 ? 2  LYS A HB3  10 
ATOM 1768 H HG2  . LYS A 1 2  ? 5.230  4.952   -3.923  1.00 3.74 ? 2  LYS A HG2  10 
ATOM 1769 H HG3  . LYS A 1 2  ? 5.122  6.504   -3.096  1.00 3.54 ? 2  LYS A HG3  10 
ATOM 1770 H HD2  . LYS A 1 2  ? 6.739  5.765   -1.451  1.00 4.12 ? 2  LYS A HD2  10 
ATOM 1771 H HD3  . LYS A 1 2  ? 6.795  4.165   -2.190  1.00 4.36 ? 2  LYS A HD3  10 
ATOM 1772 H HE2  . LYS A 1 2  ? 7.699  6.763   -3.402  1.00 5.25 ? 2  LYS A HE2  10 
ATOM 1773 H HE3  . LYS A 1 2  ? 8.697  5.395   -2.916  1.00 5.34 ? 2  LYS A HE3  10 
ATOM 1774 H HZ1  . LYS A 1 2  ? 8.428  5.332   -5.268  1.00 5.93 ? 2  LYS A HZ1  10 
ATOM 1775 H HZ2  . LYS A 1 2  ? 6.748  5.468   -5.155  1.00 5.84 ? 2  LYS A HZ2  10 
ATOM 1776 H HZ3  . LYS A 1 2  ? 7.519  4.061   -4.623  1.00 5.49 ? 2  LYS A HZ3  10 
ATOM 1777 N N    . VAL A 1 3  ? 2.336  4.132   0.125   1.00 1.00 ? 3  VAL A N    10 
ATOM 1778 C CA   . VAL A 1 3  ? 1.083  3.542   0.620   1.00 0.81 ? 3  VAL A CA   10 
ATOM 1779 C C    . VAL A 1 3  ? -0.136 3.947   -0.218  1.00 0.68 ? 3  VAL A C    10 
ATOM 1780 O O    . VAL A 1 3  ? -0.966 4.759   0.199   1.00 0.89 ? 3  VAL A O    10 
ATOM 1781 C CB   . VAL A 1 3  ? 0.845  3.828   2.130   1.00 1.19 ? 3  VAL A CB   10 
ATOM 1782 C CG1  . VAL A 1 3  ? 1.894  3.110   2.962   1.00 1.82 ? 3  VAL A CG1  10 
ATOM 1783 C CG2  . VAL A 1 3  ? 0.854  5.319   2.452   1.00 2.01 ? 3  VAL A CG2  10 
ATOM 1784 H H    . VAL A 1 3  ? 3.145  3.581   0.153   1.00 1.64 ? 3  VAL A H    10 
ATOM 1785 H HA   . VAL A 1 3  ? 1.195  2.470   0.518   1.00 0.76 ? 3  VAL A HA   10 
ATOM 1786 H HB   . VAL A 1 3  ? -0.124 3.429   2.399   1.00 1.55 ? 3  VAL A HB   10 
ATOM 1787 H HG11 . VAL A 1 3  ? 2.879  3.409   2.635   1.00 2.34 ? 3  VAL A HG11 10 
ATOM 1788 H HG12 . VAL A 1 3  ? 1.783  2.042   2.842   1.00 2.13 ? 3  VAL A HG12 10 
ATOM 1789 H HG13 . VAL A 1 3  ? 1.768  3.369   4.002   1.00 2.32 ? 3  VAL A HG13 10 
ATOM 1790 H HG21 . VAL A 1 3  ? 1.810  5.740   2.182   1.00 2.50 ? 3  VAL A HG21 10 
ATOM 1791 H HG22 . VAL A 1 3  ? 0.685  5.459   3.510   1.00 2.45 ? 3  VAL A HG22 10 
ATOM 1792 H HG23 . VAL A 1 3  ? 0.070  5.812   1.897   1.00 2.50 ? 3  VAL A HG23 10 
ATOM 1793 N N    . PRO A 1 4  ? -0.252 3.383   -1.430  1.00 0.61 ? 4  PRO A N    10 
ATOM 1794 C CA   . PRO A 1 4  ? -1.388 3.640   -2.313  1.00 0.79 ? 4  PRO A CA   10 
ATOM 1795 C C    . PRO A 1 4  ? -2.620 2.835   -1.906  1.00 0.95 ? 4  PRO A C    10 
ATOM 1796 O O    . PRO A 1 4  ? -2.649 2.216   -0.844  1.00 1.76 ? 4  PRO A O    10 
ATOM 1797 C CB   . PRO A 1 4  ? -0.872 3.181   -3.677  1.00 0.96 ? 4  PRO A CB   10 
ATOM 1798 C CG   . PRO A 1 4  ? 0.118  2.111   -3.373  1.00 0.77 ? 4  PRO A CG   10 
ATOM 1799 C CD   . PRO A 1 4  ? 0.722  2.455   -2.036  1.00 0.75 ? 4  PRO A CD   10 
ATOM 1800 H HA   . PRO A 1 4  ? -1.635 4.689   -2.349  1.00 0.96 ? 4  PRO A HA   10 
ATOM 1801 H HB2  . PRO A 1 4  ? -1.694 2.803   -4.266  1.00 1.24 ? 4  PRO A HB2  10 
ATOM 1802 H HB3  . PRO A 1 4  ? -0.410 4.012   -4.186  1.00 1.15 ? 4  PRO A HB3  10 
ATOM 1803 H HG2  . PRO A 1 4  ? -0.381 1.155   -3.324  1.00 0.85 ? 4  PRO A HG2  10 
ATOM 1804 H HG3  . PRO A 1 4  ? 0.883  2.094   -4.136  1.00 0.94 ? 4  PRO A HG3  10 
ATOM 1805 H HD2  . PRO A 1 4  ? 0.831  1.565   -1.433  1.00 0.90 ? 4  PRO A HD2  10 
ATOM 1806 H HD3  . PRO A 1 4  ? 1.679  2.936   -2.170  1.00 0.98 ? 4  PRO A HD3  10 
ATOM 1807 N N    . THR A 1 5  ? -3.636 2.847   -2.748  1.00 1.01 ? 5  THR A N    10 
ATOM 1808 C CA   . THR A 1 5  ? -4.854 2.109   -2.476  1.00 1.21 ? 5  THR A CA   10 
ATOM 1809 C C    . THR A 1 5  ? -4.782 0.713   -3.090  1.00 0.94 ? 5  THR A C    10 
ATOM 1810 O O    . THR A 1 5  ? -5.092 0.522   -4.265  1.00 1.74 ? 5  THR A O    10 
ATOM 1811 C CB   . THR A 1 5  ? -6.079 2.863   -3.021  1.00 2.13 ? 5  THR A CB   10 
ATOM 1812 O OG1  . THR A 1 5  ? -6.065 4.212   -2.533  1.00 2.94 ? 5  THR A OG1  10 
ATOM 1813 C CG2  . THR A 1 5  ? -7.371 2.184   -2.597  1.00 2.63 ? 5  THR A CG2  10 
ATOM 1814 H H    . THR A 1 5  ? -3.571 3.368   -3.577  1.00 1.52 ? 5  THR A H    10 
ATOM 1815 H HA   . THR A 1 5  ? -4.957 2.019   -1.406  1.00 1.41 ? 5  THR A HA   10 
ATOM 1816 H HB   . THR A 1 5  ? -6.030 2.875   -4.100  1.00 2.46 ? 5  THR A HB   10 
ATOM 1817 H HG1  . THR A 1 5  ? -6.645 4.755   -3.080  1.00 3.36 ? 5  THR A HG1  10 
ATOM 1818 H HG21 . THR A 1 5  ? -7.435 2.177   -1.520  1.00 3.00 ? 5  THR A HG21 10 
ATOM 1819 H HG22 . THR A 1 5  ? -7.381 1.170   -2.965  1.00 2.71 ? 5  THR A HG22 10 
ATOM 1820 H HG23 . THR A 1 5  ? -8.212 2.725   -3.004  1.00 3.14 ? 5  THR A HG23 10 
ATOM 1821 N N    . GLY A 1 6  ? -4.355 -0.251  -2.285  1.00 0.93 ? 6  GLY A N    10 
ATOM 1822 C CA   . GLY A 1 6  ? -4.211 -1.613  -2.758  1.00 1.30 ? 6  GLY A CA   10 
ATOM 1823 C C    . GLY A 1 6  ? -4.248 -2.609  -1.618  1.00 0.91 ? 6  GLY A C    10 
ATOM 1824 O O    . GLY A 1 6  ? -3.385 -3.485  -1.519  1.00 1.67 ? 6  GLY A O    10 
ATOM 1825 H H    . GLY A 1 6  ? -4.142 -0.034  -1.352  1.00 1.46 ? 6  GLY A H    10 
ATOM 1826 H HA2  . GLY A 1 6  ? -5.016 -1.834  -3.443  1.00 1.85 ? 6  GLY A HA2  10 
ATOM 1827 H HA3  . GLY A 1 6  ? -3.271 -1.709  -3.278  1.00 1.96 ? 6  GLY A HA3  10 
ATOM 1828 N N    . SER A 1 7  ? -5.241 -2.452  -0.750  1.00 0.94 ? 7  SER A N    10 
ATOM 1829 C CA   . SER A 1 7  ? -5.433 -3.330  0.399   1.00 1.39 ? 7  SER A CA   10 
ATOM 1830 C C    . SER A 1 7  ? -4.238 -3.241  1.351   1.00 1.37 ? 7  SER A C    10 
ATOM 1831 O O    . SER A 1 7  ? -3.646 -4.257  1.725   1.00 2.27 ? 7  SER A O    10 
ATOM 1832 C CB   . SER A 1 7  ? -5.661 -4.776  -0.065  1.00 2.10 ? 7  SER A CB   10 
ATOM 1833 O OG   . SER A 1 7  ? -6.030 -5.618  1.019   1.00 2.59 ? 7  SER A OG   10 
ATOM 1834 H H    . SER A 1 7  ? -5.874 -1.714  -0.888  1.00 1.49 ? 7  SER A H    10 
ATOM 1835 H HA   . SER A 1 7  ? -6.311 -2.991  0.922   1.00 1.61 ? 7  SER A HA   10 
ATOM 1836 H HB2  . SER A 1 7  ? -6.451 -4.793  -0.799  1.00 2.47 ? 7  SER A HB2  10 
ATOM 1837 H HB3  . SER A 1 7  ? -4.752 -5.157  -0.508  1.00 2.60 ? 7  SER A HB3  10 
ATOM 1838 H HG   . SER A 1 7  ? -5.425 -5.472  1.758   1.00 2.85 ? 7  SER A HG   10 
ATOM 1839 N N    . ASN A 1 8  ? -3.902 -2.011  1.733   1.00 0.84 ? 8  ASN A N    10 
ATOM 1840 C CA   . ASN A 1 8  ? -2.787 -1.737  2.649   1.00 0.87 ? 8  ASN A CA   10 
ATOM 1841 C C    . ASN A 1 8  ? -1.452 -2.209  2.071   1.00 0.68 ? 8  ASN A C    10 
ATOM 1842 O O    . ASN A 1 8  ? -0.875 -3.192  2.537   1.00 0.88 ? 8  ASN A O    10 
ATOM 1843 C CB   . ASN A 1 8  ? -3.027 -2.384  4.021   1.00 1.18 ? 8  ASN A CB   10 
ATOM 1844 C CG   . ASN A 1 8  ? -4.129 -1.701  4.808   1.00 2.01 ? 8  ASN A CG   10 
ATOM 1845 O OD1  . ASN A 1 8  ? -5.303 -2.057  4.697   1.00 2.80 ? 8  ASN A OD1  10 
ATOM 1846 N ND2  . ASN A 1 8  ? -3.760 -0.719  5.613   1.00 2.52 ? 8  ASN A ND2  10 
ATOM 1847 H H    . ASN A 1 8  ? -4.419 -1.255  1.383   1.00 1.19 ? 8  ASN A H    10 
ATOM 1848 H HA   . ASN A 1 8  ? -2.739 -0.667  2.780   1.00 1.08 ? 8  ASN A HA   10 
ATOM 1849 H HB2  . ASN A 1 8  ? -3.305 -3.418  3.879   1.00 1.47 ? 8  ASN A HB2  10 
ATOM 1850 H HB3  . ASN A 1 8  ? -2.115 -2.339  4.597   1.00 1.55 ? 8  ASN A HB3  10 
ATOM 1851 H HD21 . ASN A 1 8  ? -2.805 -0.489  5.657   1.00 2.54 ? 8  ASN A HD21 10 
ATOM 1852 H HD22 . ASN A 1 8  ? -4.448 -0.260  6.134   1.00 3.21 ? 8  ASN A HD22 10 
ATOM 1853 N N    . PRO A 1 9  ? -0.947 -1.517  1.038   1.00 0.87 ? 9  PRO A N    10 
ATOM 1854 C CA   . PRO A 1 9  ? 0.324  -1.821  0.410   1.00 0.93 ? 9  PRO A CA   10 
ATOM 1855 C C    . PRO A 1 9  ? 1.462  -0.992  0.994   1.00 0.96 ? 9  PRO A C    10 
ATOM 1856 O O    . PRO A 1 9  ? 1.902  0.001   0.408   1.00 1.45 ? 9  PRO A O    10 
ATOM 1857 C CB   . PRO A 1 9  ? 0.076  -1.448  -1.057  1.00 1.59 ? 9  PRO A CB   10 
ATOM 1858 C CG   . PRO A 1 9  ? -1.165 -0.600  -1.066  1.00 2.06 ? 9  PRO A CG   10 
ATOM 1859 C CD   . PRO A 1 9  ? -1.572 -0.385  0.368   1.00 1.44 ? 9  PRO A CD   10 
ATOM 1860 H HA   . PRO A 1 9  ? 0.571  -2.872  0.485   1.00 0.99 ? 9  PRO A HA   10 
ATOM 1861 H HB2  . PRO A 1 9  ? 0.925  -0.900  -1.437  1.00 1.77 ? 9  PRO A HB2  10 
ATOM 1862 H HB3  . PRO A 1 9  ? -0.061 -2.348  -1.639  1.00 1.77 ? 9  PRO A HB3  10 
ATOM 1863 H HG2  . PRO A 1 9  ? -0.955 0.350   -1.536  1.00 2.49 ? 9  PRO A HG2  10 
ATOM 1864 H HG3  . PRO A 1 9  ? -1.951 -1.111  -1.603  1.00 2.62 ? 9  PRO A HG3  10 
ATOM 1865 H HD2  . PRO A 1 9  ? -1.179 0.550   0.739   1.00 1.40 ? 9  PRO A HD2  10 
ATOM 1866 H HD3  . PRO A 1 9  ? -2.646 -0.418  0.470   1.00 1.71 ? 9  PRO A HD3  10 
ATOM 1867 N N    . GLN A 1 10 ? 1.919  -1.396  2.165   1.00 1.00 ? 10 GLN A N    10 
ATOM 1868 C CA   . GLN A 1 10 ? 3.062  -0.759  2.793   1.00 1.62 ? 10 GLN A CA   10 
ATOM 1869 C C    . GLN A 1 10 ? 4.332  -1.435  2.309   1.00 1.92 ? 10 GLN A C    10 
ATOM 1870 O O    . GLN A 1 10 ? 5.374  -0.792  2.217   1.00 2.47 ? 10 GLN A O    10 
ATOM 1871 C CB   . GLN A 1 10 ? 2.939  -0.849  4.326   1.00 2.07 ? 10 GLN A CB   10 
ATOM 1872 C CG   . GLN A 1 10 ? 4.044  -0.140  5.111   1.00 2.87 ? 10 GLN A CG   10 
ATOM 1873 C CD   . GLN A 1 10 ? 5.201  -1.054  5.489   1.00 3.51 ? 10 GLN A CD   10 
ATOM 1874 O OE1  . GLN A 1 10 ? 5.172  -1.709  6.531   1.00 4.11 ? 10 GLN A OE1  10 
ATOM 1875 N NE2  . GLN A 1 10 ? 6.237  -1.086  4.661   1.00 3.83 ? 10 GLN A NE2  10 
ATOM 1876 H H    . GLN A 1 10 ? 1.475  -2.146  2.619   1.00 0.91 ? 10 GLN A H    10 
ATOM 1877 H HA   . GLN A 1 10 ? 3.078  0.280   2.495   1.00 1.80 ? 10 GLN A HA   10 
ATOM 1878 H HB2  . GLN A 1 10 ? 1.995  -0.419  4.620   1.00 2.58 ? 10 GLN A HB2  10 
ATOM 1879 H HB3  . GLN A 1 10 ? 2.947  -1.892  4.608   1.00 1.95 ? 10 GLN A HB3  10 
ATOM 1880 H HG2  . GLN A 1 10 ? 4.432  0.667   4.510   1.00 3.27 ? 10 GLN A HG2  10 
ATOM 1881 H HG3  . GLN A 1 10 ? 3.617  0.265   6.016   1.00 3.31 ? 10 GLN A HG3  10 
ATOM 1882 H HE21 . GLN A 1 10 ? 6.201  -0.521  3.855   1.00 3.60 ? 10 GLN A HE21 10 
ATOM 1883 H HE22 . GLN A 1 10 ? 6.995  -1.671  4.877   1.00 4.52 ? 10 GLN A HE22 10 
ATOM 1884 N N    . LYS A 1 11 ? 4.161  -2.712  1.917   1.00 1.77 ? 11 LYS A N    10 
ATOM 1885 C CA   . LYS A 1 11 ? 5.238  -3.694  1.658   1.00 2.28 ? 11 LYS A CA   10 
ATOM 1886 C C    . LYS A 1 11 ? 5.216  -4.758  2.743   1.00 2.91 ? 11 LYS A C    10 
ATOM 1887 O O    . LYS A 1 11 ? 5.717  -5.868  2.562   1.00 3.43 ? 11 LYS A O    10 
ATOM 1888 C CB   . LYS A 1 11 ? 6.641  -3.084  1.565   1.00 2.82 ? 11 LYS A CB   10 
ATOM 1889 C CG   . LYS A 1 11 ? 6.945  -2.443  0.223   1.00 3.38 ? 11 LYS A CG   10 
ATOM 1890 C CD   . LYS A 1 11 ? 8.283  -1.726  0.247   1.00 4.36 ? 11 LYS A CD   10 
ATOM 1891 C CE   . LYS A 1 11 ? 8.220  -0.447  1.059   1.00 5.17 ? 11 LYS A CE   10 
ATOM 1892 N NZ   . LYS A 1 11 ? 9.453  0.366   0.906   1.00 6.02 ? 11 LYS A NZ   10 
ATOM 1893 H H    . LYS A 1 11 ? 3.234  -3.018  1.785   1.00 1.46 ? 11 LYS A H    10 
ATOM 1894 H HA   . LYS A 1 11 ? 5.007  -4.173  0.716   1.00 2.55 ? 11 LYS A HA   10 
ATOM 1895 H HB2  . LYS A 1 11 ? 6.742  -2.327  2.330   1.00 3.16 ? 11 LYS A HB2  10 
ATOM 1896 H HB3  . LYS A 1 11 ? 7.368  -3.860  1.743   1.00 3.14 ? 11 LYS A HB3  10 
ATOM 1897 H HG2  . LYS A 1 11 ? 6.972  -3.213  -0.534  1.00 3.25 ? 11 LYS A HG2  10 
ATOM 1898 H HG3  . LYS A 1 11 ? 6.167  -1.731  -0.010  1.00 3.76 ? 11 LYS A HG3  10 
ATOM 1899 H HD2  . LYS A 1 11 ? 9.015  -2.380  0.697   1.00 4.73 ? 11 LYS A HD2  10 
ATOM 1900 H HD3  . LYS A 1 11 ? 8.576  -1.490  -0.765  1.00 4.51 ? 11 LYS A HD3  10 
ATOM 1901 H HE2  . LYS A 1 11 ? 7.373  0.135   0.729   1.00 5.45 ? 11 LYS A HE2  10 
ATOM 1902 H HE3  . LYS A 1 11 ? 8.095  -0.703  2.101   1.00 5.19 ? 11 LYS A HE3  10 
ATOM 1903 H HZ1  . LYS A 1 11 ? 10.289 -0.201  1.152   1.00 6.28 ? 11 LYS A HZ1  10 
ATOM 1904 H HZ2  . LYS A 1 11 ? 9.415  1.191   1.534   1.00 6.48 ? 11 LYS A HZ2  10 
ATOM 1905 H HZ3  . LYS A 1 11 ? 9.545  0.695   -0.077  1.00 6.21 ? 11 LYS A HZ3  10 
ATOM 1906 N N    . ASN A 1 12 ? 4.621  -4.407  3.870   1.00 3.38 ? 12 ASN A N    10 
ATOM 1907 C CA   . ASN A 1 12 ? 4.428  -5.342  4.963   1.00 4.48 ? 12 ASN A CA   10 
ATOM 1908 C C    . ASN A 1 12 ? 2.968  -5.324  5.389   1.00 5.03 ? 12 ASN A C    10 
ATOM 1909 O O    . ASN A 1 12 ? 2.174  -6.088  4.803   1.00 5.37 ? 12 ASN A O    10 
ATOM 1910 C CB   . ASN A 1 12 ? 5.341  -4.997  6.144   1.00 5.23 ? 12 ASN A CB   10 
ATOM 1911 C CG   . ASN A 1 12 ? 5.130  -5.922  7.329   1.00 6.47 ? 12 ASN A CG   10 
ATOM 1912 O OD1  . ASN A 1 12 ? 4.730  -7.077  7.172   1.00 7.00 ? 12 ASN A OD1  10 
ATOM 1913 N ND2  . ASN A 1 12 ? 5.412  -5.427  8.522   1.00 7.19 ? 12 ASN A ND2  10 
ATOM 1914 O OXT  . ASN A 1 12 ? 2.606  -4.519  6.273   1.00 5.49 ? 12 ASN A OXT  10 
ATOM 1915 H H    . ASN A 1 12 ? 4.294  -3.491  3.968   1.00 3.25 ? 12 ASN A H    10 
ATOM 1916 H HA   . ASN A 1 12 ? 4.673  -6.330  4.601   1.00 4.74 ? 12 ASN A HA   10 
ATOM 1917 H HB2  . ASN A 1 12 ? 6.371  -5.077  5.831   1.00 5.17 ? 12 ASN A HB2  10 
ATOM 1918 H HB3  . ASN A 1 12 ? 5.142  -3.985  6.463   1.00 5.25 ? 12 ASN A HB3  10 
ATOM 1919 H HD21 . ASN A 1 12 ? 5.741  -4.502  8.576   1.00 6.98 ? 12 ASN A HD21 10 
ATOM 1920 H HD22 . ASN A 1 12 ? 5.285  -6.003  9.306   1.00 8.04 ? 12 ASN A HD22 10 
# 
